data_5V0F
# 
_entry.id   5V0F 
# 
_audit_conform.dict_name       mmcif_pdbx.dic 
_audit_conform.dict_version    5.379 
_audit_conform.dict_location   http://mmcif.pdb.org/dictionaries/ascii/mmcif_pdbx.dic 
# 
loop_
_database_2.database_id 
_database_2.database_code 
_database_2.pdbx_database_accession 
_database_2.pdbx_DOI 
PDB   5V0F         pdb_00005v0f 10.2210/pdb5v0f/pdb 
WWPDB D_1000226705 ?            ?                   
# 
_pdbx_database_status.status_code                     REL 
_pdbx_database_status.status_code_sf                  REL 
_pdbx_database_status.status_code_mr                  ? 
_pdbx_database_status.entry_id                        5V0F 
_pdbx_database_status.recvd_initial_deposition_date   2017-02-28 
_pdbx_database_status.SG_entry                        N 
_pdbx_database_status.deposit_site                    RCSB 
_pdbx_database_status.process_site                    RCSB 
_pdbx_database_status.status_code_cs                  ? 
_pdbx_database_status.methods_development_category    ? 
_pdbx_database_status.pdb_format_compatible           Y 
_pdbx_database_status.status_code_nmr_data            ? 
# 
loop_
_audit_author.name 
_audit_author.pdbx_ordinal 
_audit_author.identifier_ORCID 
'Venkadesh, S.' 1 ? 
'Yoshinaga, M.' 2 ? 
'Sankaran, B.'  3 ? 
'Kandavelu, P.' 4 ? 
'Rosen, B.P.'   5 ? 
# 
_citation.abstract                  ? 
_citation.abstract_id_CAS           ? 
_citation.book_id_ISBN              ? 
_citation.book_publisher            ? 
_citation.book_publisher_city       ? 
_citation.book_title                ? 
_citation.coordinate_linkage        ? 
_citation.country                   ? 
_citation.database_id_Medline       ? 
_citation.details                   ? 
_citation.id                        primary 
_citation.journal_abbrev            'To Be Published' 
_citation.journal_id_ASTM           ? 
_citation.journal_id_CSD            0353 
_citation.journal_id_ISSN           ? 
_citation.journal_full              ? 
_citation.journal_issue             ? 
_citation.journal_volume            ? 
_citation.language                  ? 
_citation.page_first                ? 
_citation.page_last                 ? 
_citation.title                     'Crystal structure of C-As lyase with mutation K105A and substrate Roxarsone.' 
_citation.year                      ? 
_citation.database_id_CSD           ? 
_citation.pdbx_database_id_DOI      ? 
_citation.pdbx_database_id_PubMed   ? 
_citation.unpublished_flag          ? 
# 
loop_
_citation_author.citation_id 
_citation_author.name 
_citation_author.ordinal 
_citation_author.identifier_ORCID 
primary 'Venkadesh, S.' 1 ? 
primary 'Yoshinaga, M.' 2 ? 
primary 'Sankaran, B.'  3 ? 
primary 'Kandavelu, P.' 4 ? 
primary 'Rosen, B.P.'   5 ? 
# 
_cell.entry_id           5V0F 
_cell.length_a           41.730 
_cell.length_b           41.730 
_cell.length_c           119.140 
_cell.angle_alpha        90.00 
_cell.angle_beta         90.00 
_cell.angle_gamma        90.00 
_cell.Z_PDB              8 
_cell.pdbx_unique_axis   ? 
# 
_symmetry.entry_id                         5V0F 
_symmetry.space_group_name_H-M             'P 43 21 2' 
_symmetry.pdbx_full_space_group_name_H-M   ? 
_symmetry.cell_setting                     ? 
_symmetry.Int_Tables_number                96 
# 
loop_
_entity.id 
_entity.type 
_entity.src_method 
_entity.pdbx_description 
_entity.formula_weight 
_entity.pdbx_number_of_molecules 
_entity.pdbx_ec 
_entity.pdbx_mutation 
_entity.pdbx_fragment 
_entity.details 
1 polymer     man 'Glyoxalase/bleomycin resistance protein/dioxygenase' 13394.980 1  ? K105A ? ? 
2 non-polymer syn 4-arsanyl-2-nitrophenol                               215.038   1  ? ?     ? ? 
3 non-polymer syn 'FE (III) ION'                                        55.845    1  ? ?     ? ? 
4 non-polymer syn 'CHLORIDE ION'                                        35.453    1  ? ?     ? ? 
5 water       nat water                                                 18.015    43 ? ?     ? ? 
# 
_entity_poly.entity_id                      1 
_entity_poly.type                           'polypeptide(L)' 
_entity_poly.nstd_linkage                   no 
_entity_poly.nstd_monomer                   no 
_entity_poly.pdbx_seq_one_letter_code       
;GSHMSRVQLALRVPDLEASIGFYSKLFGTGPAKVRPGYANFAIAEPPLKLVLIEGAGEDATRLDHLGVEVEDSAQVGHAA
RRLKESGLATVEENDTACCYAVQDAVWVTGPGGEPWEVYVVKGDAD
;
_entity_poly.pdbx_seq_one_letter_code_can   
;GSHMSRVQLALRVPDLEASIGFYSKLFGTGPAKVRPGYANFAIAEPPLKLVLIEGAGEDATRLDHLGVEVEDSAQVGHAA
RRLKESGLATVEENDTACCYAVQDAVWVTGPGGEPWEVYVVKGDAD
;
_entity_poly.pdbx_strand_id                 A 
_entity_poly.pdbx_target_identifier         ? 
# 
loop_
_entity_poly_seq.entity_id 
_entity_poly_seq.num 
_entity_poly_seq.mon_id 
_entity_poly_seq.hetero 
1 1   GLY n 
1 2   SER n 
1 3   HIS n 
1 4   MET n 
1 5   SER n 
1 6   ARG n 
1 7   VAL n 
1 8   GLN n 
1 9   LEU n 
1 10  ALA n 
1 11  LEU n 
1 12  ARG n 
1 13  VAL n 
1 14  PRO n 
1 15  ASP n 
1 16  LEU n 
1 17  GLU n 
1 18  ALA n 
1 19  SER n 
1 20  ILE n 
1 21  GLY n 
1 22  PHE n 
1 23  TYR n 
1 24  SER n 
1 25  LYS n 
1 26  LEU n 
1 27  PHE n 
1 28  GLY n 
1 29  THR n 
1 30  GLY n 
1 31  PRO n 
1 32  ALA n 
1 33  LYS n 
1 34  VAL n 
1 35  ARG n 
1 36  PRO n 
1 37  GLY n 
1 38  TYR n 
1 39  ALA n 
1 40  ASN n 
1 41  PHE n 
1 42  ALA n 
1 43  ILE n 
1 44  ALA n 
1 45  GLU n 
1 46  PRO n 
1 47  PRO n 
1 48  LEU n 
1 49  LYS n 
1 50  LEU n 
1 51  VAL n 
1 52  LEU n 
1 53  ILE n 
1 54  GLU n 
1 55  GLY n 
1 56  ALA n 
1 57  GLY n 
1 58  GLU n 
1 59  ASP n 
1 60  ALA n 
1 61  THR n 
1 62  ARG n 
1 63  LEU n 
1 64  ASP n 
1 65  HIS n 
1 66  LEU n 
1 67  GLY n 
1 68  VAL n 
1 69  GLU n 
1 70  VAL n 
1 71  GLU n 
1 72  ASP n 
1 73  SER n 
1 74  ALA n 
1 75  GLN n 
1 76  VAL n 
1 77  GLY n 
1 78  HIS n 
1 79  ALA n 
1 80  ALA n 
1 81  ARG n 
1 82  ARG n 
1 83  LEU n 
1 84  LYS n 
1 85  GLU n 
1 86  SER n 
1 87  GLY n 
1 88  LEU n 
1 89  ALA n 
1 90  THR n 
1 91  VAL n 
1 92  GLU n 
1 93  GLU n 
1 94  ASN n 
1 95  ASP n 
1 96  THR n 
1 97  ALA n 
1 98  CYS n 
1 99  CYS n 
1 100 TYR n 
1 101 ALA n 
1 102 VAL n 
1 103 GLN n 
1 104 ASP n 
1 105 ALA n 
1 106 VAL n 
1 107 TRP n 
1 108 VAL n 
1 109 THR n 
1 110 GLY n 
1 111 PRO n 
1 112 GLY n 
1 113 GLY n 
1 114 GLU n 
1 115 PRO n 
1 116 TRP n 
1 117 GLU n 
1 118 VAL n 
1 119 TYR n 
1 120 VAL n 
1 121 VAL n 
1 122 LYS n 
1 123 GLY n 
1 124 ASP n 
1 125 ALA n 
1 126 ASP n 
# 
_entity_src_gen.entity_id                          1 
_entity_src_gen.pdbx_src_id                        1 
_entity_src_gen.pdbx_alt_source_flag               sample 
_entity_src_gen.pdbx_seq_type                      'Biological sequence' 
_entity_src_gen.pdbx_beg_seq_num                   1 
_entity_src_gen.pdbx_end_seq_num                   126 
_entity_src_gen.gene_src_common_name               ? 
_entity_src_gen.gene_src_genus                     ? 
_entity_src_gen.pdbx_gene_src_gene                 Tcur_4156 
_entity_src_gen.gene_src_species                   ? 
_entity_src_gen.gene_src_strain                    'ATCC 19995 / DSM 43183 / JCM 3096 / NBRC 15933 / NCIMB 10081 / Henssen B9' 
_entity_src_gen.gene_src_tissue                    ? 
_entity_src_gen.gene_src_tissue_fraction           ? 
_entity_src_gen.gene_src_details                   ? 
_entity_src_gen.pdbx_gene_src_fragment             ? 
_entity_src_gen.pdbx_gene_src_scientific_name      
'Thermomonospora curvata (strain ATCC 19995 / DSM 43183 / JCM 3096 / NBRC 15933 / NCIMB 10081 / Henssen B9)' 
_entity_src_gen.pdbx_gene_src_ncbi_taxonomy_id     471852 
_entity_src_gen.pdbx_gene_src_variant              ? 
_entity_src_gen.pdbx_gene_src_cell_line            ? 
_entity_src_gen.pdbx_gene_src_atcc                 ? 
_entity_src_gen.pdbx_gene_src_organ                ? 
_entity_src_gen.pdbx_gene_src_organelle            ? 
_entity_src_gen.pdbx_gene_src_cell                 ? 
_entity_src_gen.pdbx_gene_src_cellular_location    ? 
_entity_src_gen.host_org_common_name               ? 
_entity_src_gen.pdbx_host_org_scientific_name      'Escherichia coli' 
_entity_src_gen.pdbx_host_org_ncbi_taxonomy_id     562 
_entity_src_gen.host_org_genus                     ? 
_entity_src_gen.pdbx_host_org_gene                 ? 
_entity_src_gen.pdbx_host_org_organ                ? 
_entity_src_gen.host_org_species                   ? 
_entity_src_gen.pdbx_host_org_tissue               ? 
_entity_src_gen.pdbx_host_org_tissue_fraction      ? 
_entity_src_gen.pdbx_host_org_strain               ? 
_entity_src_gen.pdbx_host_org_variant              ? 
_entity_src_gen.pdbx_host_org_cell_line            ? 
_entity_src_gen.pdbx_host_org_atcc                 ? 
_entity_src_gen.pdbx_host_org_culture_collection   ? 
_entity_src_gen.pdbx_host_org_cell                 ? 
_entity_src_gen.pdbx_host_org_organelle            ? 
_entity_src_gen.pdbx_host_org_cellular_location    ? 
_entity_src_gen.pdbx_host_org_vector_type          ? 
_entity_src_gen.pdbx_host_org_vector               ? 
_entity_src_gen.host_org_details                   ? 
_entity_src_gen.expression_system_id               ? 
_entity_src_gen.plasmid_name                       ? 
_entity_src_gen.plasmid_details                    ? 
_entity_src_gen.pdbx_description                   ? 
# 
_struct_ref.id                         1 
_struct_ref.db_name                    UNP 
_struct_ref.db_code                    D1A230_THECD 
_struct_ref.pdbx_db_accession          D1A230 
_struct_ref.pdbx_db_isoform            ? 
_struct_ref.entity_id                  1 
_struct_ref.pdbx_seq_one_letter_code   
;MSRVQLALRVPDLEASIGFYSKLFGTGPAKVRPGYANFAIAEPPLKLVLIEGAGEDATRLDHLGVEVEDSAQVGHAARRL
KESGLATVEENDTACCYAVQDKVWVTGPGGEPWEVYVVKGDAD
;
_struct_ref.pdbx_align_begin           1 
# 
_struct_ref_seq.align_id                      1 
_struct_ref_seq.ref_id                        1 
_struct_ref_seq.pdbx_PDB_id_code              5V0F 
_struct_ref_seq.pdbx_strand_id                A 
_struct_ref_seq.seq_align_beg                 4 
_struct_ref_seq.pdbx_seq_align_beg_ins_code   ? 
_struct_ref_seq.seq_align_end                 126 
_struct_ref_seq.pdbx_seq_align_end_ins_code   ? 
_struct_ref_seq.pdbx_db_accession             D1A230 
_struct_ref_seq.db_align_beg                  1 
_struct_ref_seq.pdbx_db_align_beg_ins_code    ? 
_struct_ref_seq.db_align_end                  123 
_struct_ref_seq.pdbx_db_align_end_ins_code    ? 
_struct_ref_seq.pdbx_auth_seq_align_beg       4 
_struct_ref_seq.pdbx_auth_seq_align_end       126 
# 
loop_
_struct_ref_seq_dif.align_id 
_struct_ref_seq_dif.pdbx_pdb_id_code 
_struct_ref_seq_dif.mon_id 
_struct_ref_seq_dif.pdbx_pdb_strand_id 
_struct_ref_seq_dif.seq_num 
_struct_ref_seq_dif.pdbx_pdb_ins_code 
_struct_ref_seq_dif.pdbx_seq_db_name 
_struct_ref_seq_dif.pdbx_seq_db_accession_code 
_struct_ref_seq_dif.db_mon_id 
_struct_ref_seq_dif.pdbx_seq_db_seq_num 
_struct_ref_seq_dif.details 
_struct_ref_seq_dif.pdbx_auth_seq_num 
_struct_ref_seq_dif.pdbx_ordinal 
1 5V0F GLY A 1   ? UNP D1A230 ?   ?   'expression tag'      1   1 
1 5V0F SER A 2   ? UNP D1A230 ?   ?   'expression tag'      2   2 
1 5V0F HIS A 3   ? UNP D1A230 ?   ?   'expression tag'      3   3 
1 5V0F ALA A 105 ? UNP D1A230 LYS 102 'engineered mutation' 105 4 
# 
loop_
_chem_comp.id 
_chem_comp.type 
_chem_comp.mon_nstd_flag 
_chem_comp.name 
_chem_comp.pdbx_synonyms 
_chem_comp.formula 
_chem_comp.formula_weight 
ALA 'L-peptide linking' y ALANINE                 ? 'C3 H7 N O2'     89.093  
ARG 'L-peptide linking' y ARGININE                ? 'C6 H15 N4 O2 1' 175.209 
ASN 'L-peptide linking' y ASPARAGINE              ? 'C4 H8 N2 O3'    132.118 
ASP 'L-peptide linking' y 'ASPARTIC ACID'         ? 'C4 H7 N O4'     133.103 
CL  non-polymer         . 'CHLORIDE ION'          ? 'Cl -1'          35.453  
CYS 'L-peptide linking' y CYSTEINE                ? 'C3 H7 N O2 S'   121.158 
FE  non-polymer         . 'FE (III) ION'          ? 'Fe 3'           55.845  
GLN 'L-peptide linking' y GLUTAMINE               ? 'C5 H10 N2 O3'   146.144 
GLU 'L-peptide linking' y 'GLUTAMIC ACID'         ? 'C5 H9 N O4'     147.129 
GLY 'peptide linking'   y GLYCINE                 ? 'C2 H5 N O2'     75.067  
HIS 'L-peptide linking' y HISTIDINE               ? 'C6 H10 N3 O2 1' 156.162 
HOH non-polymer         . WATER                   ? 'H2 O'           18.015  
ILE 'L-peptide linking' y ISOLEUCINE              ? 'C6 H13 N O2'    131.173 
LEU 'L-peptide linking' y LEUCINE                 ? 'C6 H13 N O2'    131.173 
LYS 'L-peptide linking' y LYSINE                  ? 'C6 H15 N2 O2 1' 147.195 
MET 'L-peptide linking' y METHIONINE              ? 'C5 H11 N O2 S'  149.211 
PHE 'L-peptide linking' y PHENYLALANINE           ? 'C9 H11 N O2'    165.189 
PRO 'L-peptide linking' y PROLINE                 ? 'C5 H9 N O2'     115.130 
RXO non-polymer         . 4-arsanyl-2-nitrophenol ? 'C6 H6 As N O3'  215.038 
SER 'L-peptide linking' y SERINE                  ? 'C3 H7 N O3'     105.093 
THR 'L-peptide linking' y THREONINE               ? 'C4 H9 N O3'     119.119 
TRP 'L-peptide linking' y TRYPTOPHAN              ? 'C11 H12 N2 O2'  204.225 
TYR 'L-peptide linking' y TYROSINE                ? 'C9 H11 N O3'    181.189 
VAL 'L-peptide linking' y VALINE                  ? 'C5 H11 N O2'    117.146 
# 
_exptl.absorpt_coefficient_mu     ? 
_exptl.absorpt_correction_T_max   ? 
_exptl.absorpt_correction_T_min   ? 
_exptl.absorpt_correction_type    ? 
_exptl.absorpt_process_details    ? 
_exptl.entry_id                   5V0F 
_exptl.crystals_number            1 
_exptl.details                    ? 
_exptl.method                     'X-RAY DIFFRACTION' 
_exptl.method_details             ? 
# 
_exptl_crystal.colour                      ? 
_exptl_crystal.density_diffrn              ? 
_exptl_crystal.density_Matthews            1.94 
_exptl_crystal.density_method              ? 
_exptl_crystal.density_percent_sol         36.47 
_exptl_crystal.description                 ? 
_exptl_crystal.F_000                       ? 
_exptl_crystal.id                          1 
_exptl_crystal.preparation                 ? 
_exptl_crystal.size_max                    ? 
_exptl_crystal.size_mid                    ? 
_exptl_crystal.size_min                    ? 
_exptl_crystal.size_rad                    ? 
_exptl_crystal.colour_lustre               ? 
_exptl_crystal.colour_modifier             ? 
_exptl_crystal.colour_primary              ? 
_exptl_crystal.density_meas                ? 
_exptl_crystal.density_meas_esd            ? 
_exptl_crystal.density_meas_gt             ? 
_exptl_crystal.density_meas_lt             ? 
_exptl_crystal.density_meas_temp           ? 
_exptl_crystal.density_meas_temp_esd       ? 
_exptl_crystal.density_meas_temp_gt        ? 
_exptl_crystal.density_meas_temp_lt        ? 
_exptl_crystal.pdbx_crystal_image_url      ? 
_exptl_crystal.pdbx_crystal_image_format   ? 
_exptl_crystal.pdbx_mosaicity              ? 
_exptl_crystal.pdbx_mosaicity_esd          ? 
# 
_exptl_crystal_grow.apparatus       ? 
_exptl_crystal_grow.atmosphere      ? 
_exptl_crystal_grow.crystal_id      1 
_exptl_crystal_grow.details         ? 
_exptl_crystal_grow.method          'VAPOR DIFFUSION, SITTING DROP' 
_exptl_crystal_grow.method_ref      ? 
_exptl_crystal_grow.pH              4.5 
_exptl_crystal_grow.pressure        ? 
_exptl_crystal_grow.pressure_esd    ? 
_exptl_crystal_grow.seeding         ? 
_exptl_crystal_grow.seeding_ref     ? 
_exptl_crystal_grow.temp            294.2 
_exptl_crystal_grow.temp_details    ? 
_exptl_crystal_grow.temp_esd        ? 
_exptl_crystal_grow.time            ? 
_exptl_crystal_grow.pdbx_details    '15% PEG 4000, 0.1 M Sodium acetate (pH 4.5)' 
_exptl_crystal_grow.pdbx_pH_range   ? 
# 
_diffrn.ambient_environment    ? 
_diffrn.ambient_temp           100 
_diffrn.ambient_temp_details   ? 
_diffrn.ambient_temp_esd       ? 
_diffrn.crystal_id             1 
_diffrn.crystal_support        ? 
_diffrn.crystal_treatment      ? 
_diffrn.details                ? 
_diffrn.id                     1 
_diffrn.ambient_pressure       ? 
_diffrn.ambient_pressure_esd   ? 
_diffrn.ambient_pressure_gt    ? 
_diffrn.ambient_pressure_lt    ? 
_diffrn.ambient_temp_gt        ? 
_diffrn.ambient_temp_lt        ? 
# 
_diffrn_detector.details                      ? 
_diffrn_detector.detector                     CCD 
_diffrn_detector.diffrn_id                    1 
_diffrn_detector.type                         'ADSC QUANTUM 315' 
_diffrn_detector.area_resol_mean              ? 
_diffrn_detector.dtime                        ? 
_diffrn_detector.pdbx_frames_total            ? 
_diffrn_detector.pdbx_collection_time_total   ? 
_diffrn_detector.pdbx_collection_date         2016-12-21 
# 
_diffrn_radiation.collimation                      ? 
_diffrn_radiation.diffrn_id                        1 
_diffrn_radiation.filter_edge                      ? 
_diffrn_radiation.inhomogeneity                    ? 
_diffrn_radiation.monochromator                    ? 
_diffrn_radiation.polarisn_norm                    ? 
_diffrn_radiation.polarisn_ratio                   ? 
_diffrn_radiation.probe                            ? 
_diffrn_radiation.type                             ? 
_diffrn_radiation.xray_symbol                      ? 
_diffrn_radiation.wavelength_id                    1 
_diffrn_radiation.pdbx_monochromatic_or_laue_m_l   M 
_diffrn_radiation.pdbx_wavelength_list             ? 
_diffrn_radiation.pdbx_wavelength                  ? 
_diffrn_radiation.pdbx_diffrn_protocol             'SINGLE WAVELENGTH' 
_diffrn_radiation.pdbx_analyzer                    ? 
_diffrn_radiation.pdbx_scattering_type             x-ray 
# 
_diffrn_radiation_wavelength.id           1 
_diffrn_radiation_wavelength.wavelength   0.9999 
_diffrn_radiation_wavelength.wt           1.0 
# 
_diffrn_source.current                     ? 
_diffrn_source.details                     ? 
_diffrn_source.diffrn_id                   1 
_diffrn_source.power                       ? 
_diffrn_source.size                        ? 
_diffrn_source.source                      SYNCHROTRON 
_diffrn_source.target                      ? 
_diffrn_source.type                        'ALS BEAMLINE 5.0.2' 
_diffrn_source.voltage                     ? 
_diffrn_source.take-off_angle              ? 
_diffrn_source.pdbx_wavelength_list        0.9999 
_diffrn_source.pdbx_wavelength             ? 
_diffrn_source.pdbx_synchrotron_beamline   5.0.2 
_diffrn_source.pdbx_synchrotron_site       ALS 
# 
_reflns.B_iso_Wilson_estimate            31.2 
_reflns.entry_id                         5V0F 
_reflns.data_reduction_details           ? 
_reflns.data_reduction_method            ? 
_reflns.d_resolution_high                2.23 
_reflns.d_resolution_low                 41.77 
_reflns.details                          ? 
_reflns.limit_h_max                      ? 
_reflns.limit_h_min                      ? 
_reflns.limit_k_max                      ? 
_reflns.limit_k_min                      ? 
_reflns.limit_l_max                      ? 
_reflns.limit_l_min                      ? 
_reflns.number_all                       ? 
_reflns.number_obs                       5438 
_reflns.observed_criterion               ? 
_reflns.observed_criterion_F_max         ? 
_reflns.observed_criterion_F_min         ? 
_reflns.observed_criterion_I_max         ? 
_reflns.observed_criterion_I_min         ? 
_reflns.observed_criterion_sigma_F       ? 
_reflns.observed_criterion_sigma_I       ? 
_reflns.percent_possible_obs             97.6 
_reflns.R_free_details                   ? 
_reflns.Rmerge_F_all                     ? 
_reflns.Rmerge_F_obs                     ? 
_reflns.Friedel_coverage                 ? 
_reflns.number_gt                        ? 
_reflns.threshold_expression             ? 
_reflns.pdbx_redundancy                  6.7 
_reflns.pdbx_Rmerge_I_obs                0.128 
_reflns.pdbx_Rmerge_I_all                ? 
_reflns.pdbx_Rsym_value                  ? 
_reflns.pdbx_netI_over_av_sigmaI         ? 
_reflns.pdbx_netI_over_sigmaI            9.5 
_reflns.pdbx_res_netI_over_av_sigmaI_2   ? 
_reflns.pdbx_res_netI_over_sigmaI_2      ? 
_reflns.pdbx_chi_squared                 ? 
_reflns.pdbx_scaling_rejects             ? 
_reflns.pdbx_d_res_high_opt              ? 
_reflns.pdbx_d_res_low_opt               ? 
_reflns.pdbx_d_res_opt_method            ? 
_reflns.phase_calculation_details        ? 
_reflns.pdbx_Rrim_I_all                  0.145 
_reflns.pdbx_Rpim_I_all                  0.054 
_reflns.pdbx_d_opt                       ? 
_reflns.pdbx_number_measured_all         ? 
_reflns.pdbx_diffrn_id                   1 
_reflns.pdbx_ordinal                     1 
_reflns.pdbx_CC_half                     ? 
_reflns.pdbx_R_split                     ? 
# 
_reflns_shell.d_res_high                  2.23 
_reflns_shell.d_res_low                   2.35 
_reflns_shell.meanI_over_sigI_all         ? 
_reflns_shell.meanI_over_sigI_obs         2.5 
_reflns_shell.number_measured_all         ? 
_reflns_shell.number_measured_obs         ? 
_reflns_shell.number_possible             ? 
_reflns_shell.number_unique_all           ? 
_reflns_shell.number_unique_obs           782 
_reflns_shell.percent_possible_all        98.8 
_reflns_shell.percent_possible_obs        ? 
_reflns_shell.Rmerge_F_all                ? 
_reflns_shell.Rmerge_F_obs                ? 
_reflns_shell.Rmerge_I_all                ? 
_reflns_shell.Rmerge_I_obs                0.863 
_reflns_shell.meanI_over_sigI_gt          ? 
_reflns_shell.meanI_over_uI_all           ? 
_reflns_shell.meanI_over_uI_gt            ? 
_reflns_shell.number_measured_gt          ? 
_reflns_shell.number_unique_gt            ? 
_reflns_shell.percent_possible_gt         ? 
_reflns_shell.Rmerge_F_gt                 ? 
_reflns_shell.Rmerge_I_gt                 ? 
_reflns_shell.pdbx_redundancy             6.9 
_reflns_shell.pdbx_Rsym_value             ? 
_reflns_shell.pdbx_chi_squared            ? 
_reflns_shell.pdbx_netI_over_sigmaI_all   ? 
_reflns_shell.pdbx_netI_over_sigmaI_obs   ? 
_reflns_shell.pdbx_Rrim_I_all             0.960 
_reflns_shell.pdbx_Rpim_I_all             0.349 
_reflns_shell.pdbx_rejects                ? 
_reflns_shell.pdbx_ordinal                1 
_reflns_shell.pdbx_diffrn_id              1 
_reflns_shell.pdbx_CC_half                ? 
_reflns_shell.pdbx_R_split                ? 
# 
_refine.pdbx_refine_id                           'X-RAY DIFFRACTION' 
_refine.entry_id                                 5V0F 
_refine.pdbx_diffrn_id                           1 
_refine.pdbx_TLS_residual_ADP_flag               ? 
_refine.ls_number_reflns_obs                     5414 
_refine.ls_number_reflns_all                     ? 
_refine.pdbx_ls_sigma_I                          ? 
_refine.pdbx_ls_sigma_F                          0.00 
_refine.pdbx_data_cutoff_high_absF               ? 
_refine.pdbx_data_cutoff_low_absF                ? 
_refine.pdbx_data_cutoff_high_rms_absF           ? 
_refine.ls_d_res_low                             39.384 
_refine.ls_d_res_high                            2.230 
_refine.ls_percent_reflns_obs                    96.35 
_refine.ls_R_factor_obs                          0.1966 
_refine.ls_R_factor_all                          ? 
_refine.ls_R_factor_R_work                       0.1933 
_refine.ls_R_factor_R_free                       0.2673 
_refine.ls_R_factor_R_free_error                 ? 
_refine.ls_R_factor_R_free_error_details         ? 
_refine.ls_percent_reflns_R_free                 4.53 
_refine.ls_number_reflns_R_free                  245 
_refine.ls_number_parameters                     ? 
_refine.ls_number_restraints                     ? 
_refine.occupancy_min                            ? 
_refine.occupancy_max                            ? 
_refine.correlation_coeff_Fo_to_Fc               ? 
_refine.correlation_coeff_Fo_to_Fc_free          ? 
_refine.B_iso_mean                               ? 
_refine.aniso_B[1][1]                            ? 
_refine.aniso_B[2][2]                            ? 
_refine.aniso_B[3][3]                            ? 
_refine.aniso_B[1][2]                            ? 
_refine.aniso_B[1][3]                            ? 
_refine.aniso_B[2][3]                            ? 
_refine.solvent_model_details                    'FLAT BULK SOLVENT MODEL' 
_refine.solvent_model_param_ksol                 ? 
_refine.solvent_model_param_bsol                 ? 
_refine.pdbx_solvent_vdw_probe_radii             1.11 
_refine.pdbx_solvent_ion_probe_radii             ? 
_refine.pdbx_solvent_shrinkage_radii             0.90 
_refine.pdbx_ls_cross_valid_method               'FREE R-VALUE' 
_refine.details                                  ? 
_refine.pdbx_starting_model                      5CB9 
_refine.pdbx_method_to_determine_struct          'MOLECULAR REPLACEMENT' 
_refine.pdbx_isotropic_thermal_model             ? 
_refine.pdbx_stereochemistry_target_values       ML 
_refine.pdbx_stereochem_target_val_spec_case     ? 
_refine.pdbx_R_Free_selection_details            'Random selection' 
_refine.pdbx_overall_ESU_R                       ? 
_refine.pdbx_overall_ESU_R_Free                  ? 
_refine.overall_SU_ML                            0.26 
_refine.pdbx_overall_phase_error                 25.58 
_refine.overall_SU_B                             ? 
_refine.overall_SU_R_Cruickshank_DPI             ? 
_refine.pdbx_overall_SU_R_free_Cruickshank_DPI   ? 
_refine.pdbx_overall_SU_R_Blow_DPI               ? 
_refine.pdbx_overall_SU_R_free_Blow_DPI          ? 
# 
_refine_hist.pdbx_refine_id                   'X-RAY DIFFRACTION' 
_refine_hist.cycle_id                         LAST 
_refine_hist.pdbx_number_atoms_protein        860 
_refine_hist.pdbx_number_atoms_nucleic_acid   0 
_refine_hist.pdbx_number_atoms_ligand         13 
_refine_hist.number_atoms_solvent             43 
_refine_hist.number_atoms_total               916 
_refine_hist.d_res_high                       2.230 
_refine_hist.d_res_low                        39.384 
# 
loop_
_refine_ls_restr.type 
_refine_ls_restr.dev_ideal 
_refine_ls_restr.dev_ideal_target 
_refine_ls_restr.weight 
_refine_ls_restr.number 
_refine_ls_restr.pdbx_refine_id 
_refine_ls_restr.pdbx_restraint_function 
f_bond_d           0.016  ? ? 889  'X-RAY DIFFRACTION' ? 
f_angle_d          1.735  ? ? 1213 'X-RAY DIFFRACTION' ? 
f_dihedral_angle_d 16.622 ? ? 306  'X-RAY DIFFRACTION' ? 
f_chiral_restr     0.120  ? ? 138  'X-RAY DIFFRACTION' ? 
f_plane_restr      0.010  ? ? 158  'X-RAY DIFFRACTION' ? 
# 
loop_
_refine_ls_shell.pdbx_refine_id 
_refine_ls_shell.pdbx_total_number_of_bins_used 
_refine_ls_shell.d_res_high 
_refine_ls_shell.d_res_low 
_refine_ls_shell.number_reflns_R_work 
_refine_ls_shell.R_factor_R_work 
_refine_ls_shell.percent_reflns_obs 
_refine_ls_shell.R_factor_R_free 
_refine_ls_shell.R_factor_R_free_error 
_refine_ls_shell.percent_reflns_R_free 
_refine_ls_shell.number_reflns_R_free 
_refine_ls_shell.number_reflns_all 
_refine_ls_shell.R_factor_all 
'X-RAY DIFFRACTION' . 2.2301 2.8095  2549 0.2044 98.00 0.2676 . . 116 . . 
'X-RAY DIFFRACTION' . 2.8095 39.3901 2620 0.1897 95.00 0.2673 . . 129 . . 
# 
_struct.entry_id                     5V0F 
_struct.title                        'Crystal structure of C-As lyase with mutation K105A and substrate Roxarsone' 
_struct.pdbx_model_details           ? 
_struct.pdbx_formula_weight          ? 
_struct.pdbx_formula_weight_method   ? 
_struct.pdbx_model_type_details      ? 
_struct.pdbx_CASP_flag               N 
# 
_struct_keywords.entry_id        5V0F 
_struct_keywords.text            'C-As lyase, Roxarsone, OXIDOREDUCTASE' 
_struct_keywords.pdbx_keywords   OXIDOREDUCTASE 
# 
loop_
_struct_asym.id 
_struct_asym.pdbx_blank_PDB_chainid_flag 
_struct_asym.pdbx_modified 
_struct_asym.entity_id 
_struct_asym.details 
A N N 1 ? 
B N N 2 ? 
C N N 3 ? 
D N N 4 ? 
E N N 5 ? 
# 
loop_
_struct_conf.conf_type_id 
_struct_conf.id 
_struct_conf.pdbx_PDB_helix_id 
_struct_conf.beg_label_comp_id 
_struct_conf.beg_label_asym_id 
_struct_conf.beg_label_seq_id 
_struct_conf.pdbx_beg_PDB_ins_code 
_struct_conf.end_label_comp_id 
_struct_conf.end_label_asym_id 
_struct_conf.end_label_seq_id 
_struct_conf.pdbx_end_PDB_ins_code 
_struct_conf.beg_auth_comp_id 
_struct_conf.beg_auth_asym_id 
_struct_conf.beg_auth_seq_id 
_struct_conf.end_auth_comp_id 
_struct_conf.end_auth_asym_id 
_struct_conf.end_auth_seq_id 
_struct_conf.pdbx_PDB_helix_class 
_struct_conf.details 
_struct_conf.pdbx_PDB_helix_length 
HELX_P HELX_P1 AA1 ASP A 15 ? GLY A 28 ? ASP A 15 GLY A 28 1 ? 14 
HELX_P HELX_P2 AA2 ASP A 72 ? SER A 86 ? ASP A 72 SER A 86 1 ? 15 
# 
_struct_conf_type.id          HELX_P 
_struct_conf_type.criteria    ? 
_struct_conf_type.reference   ? 
# 
_struct_mon_prot_cis.pdbx_id                1 
_struct_mon_prot_cis.label_comp_id          GLU 
_struct_mon_prot_cis.label_seq_id           45 
_struct_mon_prot_cis.label_asym_id          A 
_struct_mon_prot_cis.label_alt_id           . 
_struct_mon_prot_cis.pdbx_PDB_ins_code      ? 
_struct_mon_prot_cis.auth_comp_id           GLU 
_struct_mon_prot_cis.auth_seq_id            45 
_struct_mon_prot_cis.auth_asym_id           A 
_struct_mon_prot_cis.pdbx_label_comp_id_2   PRO 
_struct_mon_prot_cis.pdbx_label_seq_id_2    46 
_struct_mon_prot_cis.pdbx_label_asym_id_2   A 
_struct_mon_prot_cis.pdbx_PDB_ins_code_2    ? 
_struct_mon_prot_cis.pdbx_auth_comp_id_2    PRO 
_struct_mon_prot_cis.pdbx_auth_seq_id_2     46 
_struct_mon_prot_cis.pdbx_auth_asym_id_2    A 
_struct_mon_prot_cis.pdbx_PDB_model_num     1 
_struct_mon_prot_cis.pdbx_omega_angle       -7.43 
# 
_struct_sheet.id               AA1 
_struct_sheet.type             ? 
_struct_sheet.number_strands   8 
_struct_sheet.details          ? 
# 
loop_
_struct_sheet_order.sheet_id 
_struct_sheet_order.range_id_1 
_struct_sheet_order.range_id_2 
_struct_sheet_order.offset 
_struct_sheet_order.sense 
AA1 1 2 ? anti-parallel 
AA1 2 3 ? anti-parallel 
AA1 3 4 ? parallel      
AA1 4 5 ? anti-parallel 
AA1 5 6 ? parallel      
AA1 6 7 ? anti-parallel 
AA1 7 8 ? anti-parallel 
# 
loop_
_struct_sheet_range.sheet_id 
_struct_sheet_range.id 
_struct_sheet_range.beg_label_comp_id 
_struct_sheet_range.beg_label_asym_id 
_struct_sheet_range.beg_label_seq_id 
_struct_sheet_range.pdbx_beg_PDB_ins_code 
_struct_sheet_range.end_label_comp_id 
_struct_sheet_range.end_label_asym_id 
_struct_sheet_range.end_label_seq_id 
_struct_sheet_range.pdbx_end_PDB_ins_code 
_struct_sheet_range.beg_auth_comp_id 
_struct_sheet_range.beg_auth_asym_id 
_struct_sheet_range.beg_auth_seq_id 
_struct_sheet_range.end_auth_comp_id 
_struct_sheet_range.end_auth_asym_id 
_struct_sheet_range.end_auth_seq_id 
AA1 1 LYS A 33  ? ARG A 35  ? LYS A 33  ARG A 35  
AA1 2 TYR A 38  ? ILE A 43  ? TYR A 38  ILE A 43  
AA1 3 LEU A 48  ? GLU A 54  ? LEU A 48  GLU A 54  
AA1 4 ARG A 6   ? VAL A 13  ? ARG A 6   VAL A 13  
AA1 5 ARG A 62  ? GLU A 69  ? ARG A 62  GLU A 69  
AA1 6 PRO A 115 ? TYR A 119 ? PRO A 115 TYR A 119 
AA1 7 ALA A 105 ? THR A 109 ? ALA A 105 THR A 109 
AA1 8 VAL A 91  ? GLU A 93  ? VAL A 91  GLU A 93  
# 
loop_
_pdbx_struct_sheet_hbond.sheet_id 
_pdbx_struct_sheet_hbond.range_id_1 
_pdbx_struct_sheet_hbond.range_id_2 
_pdbx_struct_sheet_hbond.range_1_label_atom_id 
_pdbx_struct_sheet_hbond.range_1_label_comp_id 
_pdbx_struct_sheet_hbond.range_1_label_asym_id 
_pdbx_struct_sheet_hbond.range_1_label_seq_id 
_pdbx_struct_sheet_hbond.range_1_PDB_ins_code 
_pdbx_struct_sheet_hbond.range_1_auth_atom_id 
_pdbx_struct_sheet_hbond.range_1_auth_comp_id 
_pdbx_struct_sheet_hbond.range_1_auth_asym_id 
_pdbx_struct_sheet_hbond.range_1_auth_seq_id 
_pdbx_struct_sheet_hbond.range_2_label_atom_id 
_pdbx_struct_sheet_hbond.range_2_label_comp_id 
_pdbx_struct_sheet_hbond.range_2_label_asym_id 
_pdbx_struct_sheet_hbond.range_2_label_seq_id 
_pdbx_struct_sheet_hbond.range_2_PDB_ins_code 
_pdbx_struct_sheet_hbond.range_2_auth_atom_id 
_pdbx_struct_sheet_hbond.range_2_auth_comp_id 
_pdbx_struct_sheet_hbond.range_2_auth_asym_id 
_pdbx_struct_sheet_hbond.range_2_auth_seq_id 
AA1 1 2 N ARG A 35  ? N ARG A 35  O TYR A 38  ? O TYR A 38  
AA1 2 3 N ILE A 43  ? N ILE A 43  O LEU A 48  ? O LEU A 48  
AA1 3 4 O ILE A 53  ? O ILE A 53  N LEU A 11  ? N LEU A 11  
AA1 4 5 N ARG A 6   ? N ARG A 6   O GLU A 69  ? O GLU A 69  
AA1 5 6 N VAL A 68  ? N VAL A 68  O TYR A 119 ? O TYR A 119 
AA1 6 7 O TRP A 116 ? O TRP A 116 N VAL A 108 ? N VAL A 108 
AA1 7 8 O TRP A 107 ? O TRP A 107 N VAL A 91  ? N VAL A 91  
# 
loop_
_struct_site.id 
_struct_site.pdbx_evidence_code 
_struct_site.pdbx_auth_asym_id 
_struct_site.pdbx_auth_comp_id 
_struct_site.pdbx_auth_seq_id 
_struct_site.pdbx_auth_ins_code 
_struct_site.pdbx_num_residues 
_struct_site.details 
AC1 Software A RXO 201 ? 9 'binding site for residue RXO A 201' 
AC2 Software A FE  202 ? 5 'binding site for residue FE A 202'  
AC3 Software A CL  203 ? 4 'binding site for residue CL A 203'  
# 
loop_
_struct_site_gen.id 
_struct_site_gen.site_id 
_struct_site_gen.pdbx_num_res 
_struct_site_gen.label_comp_id 
_struct_site_gen.label_asym_id 
_struct_site_gen.label_seq_id 
_struct_site_gen.pdbx_auth_ins_code 
_struct_site_gen.auth_comp_id 
_struct_site_gen.auth_asym_id 
_struct_site_gen.auth_seq_id 
_struct_site_gen.label_atom_id 
_struct_site_gen.label_alt_id 
_struct_site_gen.symmetry 
_struct_site_gen.details 
1  AC1 9 ALA A 32  ? ALA A 32  . ? 6_545 ? 
2  AC1 9 VAL A 34  ? VAL A 34  . ? 6_545 ? 
3  AC1 9 ARG A 35  ? ARG A 35  . ? 6_545 ? 
4  AC1 9 ASP A 64  ? ASP A 64  . ? 1_555 ? 
5  AC1 9 HIS A 65  ? HIS A 65  . ? 1_555 ? 
6  AC1 9 CYS A 98  ? CYS A 98  . ? 1_555 ? 
7  AC1 9 CYS A 99  ? CYS A 99  . ? 1_555 ? 
8  AC1 9 TRP A 107 ? TRP A 107 . ? 1_555 ? 
9  AC1 9 FE  C .   ? FE  A 202 . ? 1_555 ? 
10 AC2 5 GLN A 8   ? GLN A 8   . ? 1_555 ? 
11 AC2 5 HIS A 65  ? HIS A 65  . ? 1_555 ? 
12 AC2 5 RXO B .   ? RXO A 201 . ? 1_555 ? 
13 AC2 5 HOH E .   ? HOH A 303 . ? 1_555 ? 
14 AC2 5 HOH E .   ? HOH A 307 . ? 1_555 ? 
15 AC3 4 ARG A 62  ? ARG A 62  . ? 1_555 ? 
16 AC3 4 ARG A 62  ? ARG A 62  . ? 8_555 ? 
17 AC3 4 LEU A 63  ? LEU A 63  . ? 8_555 ? 
18 AC3 4 LEU A 63  ? LEU A 63  . ? 1_555 ? 
# 
_atom_sites.entry_id                    5V0F 
_atom_sites.fract_transf_matrix[1][1]   -0.00073984 
_atom_sites.fract_transf_matrix[1][2]   0.02265823 
_atom_sites.fract_transf_matrix[1][3]   -0.00776728 
_atom_sites.fract_transf_matrix[2][1]   -0.02360998 
_atom_sites.fract_transf_matrix[2][2]   0.00061977 
_atom_sites.fract_transf_matrix[2][3]   0.00405683 
_atom_sites.fract_transf_matrix[3][1]   0.00141377 
_atom_sites.fract_transf_matrix[3][2]   0.00272404 
_atom_sites.fract_transf_matrix[3][3]   0.00781174 
_atom_sites.fract_transf_vector[1]      0.152696 
_atom_sites.fract_transf_vector[2]      -0.138008 
_atom_sites.fract_transf_vector[3]      0.173624 
# 
loop_
_atom_type.symbol 
AS 
C  
CL 
FE 
N  
O  
S  
# 
loop_
_atom_site.group_PDB 
_atom_site.id 
_atom_site.type_symbol 
_atom_site.label_atom_id 
_atom_site.label_alt_id 
_atom_site.label_comp_id 
_atom_site.label_asym_id 
_atom_site.label_entity_id 
_atom_site.label_seq_id 
_atom_site.pdbx_PDB_ins_code 
_atom_site.Cartn_x 
_atom_site.Cartn_y 
_atom_site.Cartn_z 
_atom_site.occupancy 
_atom_site.B_iso_or_equiv 
_atom_site.pdbx_formal_charge 
_atom_site.auth_seq_id 
_atom_site.auth_comp_id 
_atom_site.auth_asym_id 
_atom_site.auth_atom_id 
_atom_site.pdbx_PDB_model_num 
ATOM   1   N  N   . MET A 1 4   ? -13.457 -6.322  7.672   1.00 47.20 ? 4   MET A N   1 
ATOM   2   C  CA  . MET A 1 4   ? -12.045 -6.664  8.149   1.00 54.82 ? 4   MET A CA  1 
ATOM   3   C  C   . MET A 1 4   ? -10.863 -6.057  7.303   1.00 55.55 ? 4   MET A C   1 
ATOM   4   O  O   . MET A 1 4   ? -10.097 -6.788  6.622   1.00 59.66 ? 4   MET A O   1 
ATOM   5   C  CB  . MET A 1 4   ? -11.871 -8.189  8.320   1.00 37.34 ? 4   MET A CB  1 
ATOM   6   N  N   . SER A 1 5   ? -10.693 -4.734  7.377   1.00 40.67 ? 5   SER A N   1 
ATOM   7   C  CA  . SER A 1 5   ? -9.634  -4.058  6.624   1.00 41.22 ? 5   SER A CA  1 
ATOM   8   C  C   . SER A 1 5   ? -8.245  -3.931  7.342   1.00 36.81 ? 5   SER A C   1 
ATOM   9   O  O   . SER A 1 5   ? -8.131  -4.169  8.520   1.00 33.74 ? 5   SER A O   1 
ATOM   10  C  CB  . SER A 1 5   ? -10.165 -2.699  6.126   1.00 37.59 ? 5   SER A CB  1 
ATOM   11  O  OG  . SER A 1 5   ? -10.506 -1.857  7.206   1.00 40.35 ? 5   SER A OG  1 
ATOM   12  N  N   . ARG A 1 6   ? -7.193  -3.587  6.612   1.00 29.75 ? 6   ARG A N   1 
ATOM   13  C  CA  . ARG A 1 6   ? -5.887  -3.297  7.222   1.00 32.33 ? 6   ARG A CA  1 
ATOM   14  C  C   . ARG A 1 6   ? -5.227  -2.062  6.636   1.00 29.46 ? 6   ARG A C   1 
ATOM   15  O  O   . ARG A 1 6   ? -5.490  -1.680  5.504   1.00 29.89 ? 6   ARG A O   1 
ATOM   16  C  CB  . ARG A 1 6   ? -4.932  -4.474  7.126   1.00 27.36 ? 6   ARG A CB  1 
ATOM   17  C  CG  . ARG A 1 6   ? -4.784  -5.028  5.735   1.00 31.44 ? 6   ARG A CG  1 
ATOM   18  C  CD  . ARG A 1 6   ? -4.358  -6.478  5.770   1.00 30.07 ? 6   ARG A CD  1 
ATOM   19  N  NE  . ARG A 1 6   ? -4.150  -6.899  4.385   1.00 33.94 ? 6   ARG A NE  1 
ATOM   20  C  CZ  . ARG A 1 6   ? -3.711  -8.095  4.034   1.00 33.36 ? 6   ARG A CZ  1 
ATOM   21  N  NH1 . ARG A 1 6   ? -3.397  -8.977  4.969   1.00 37.03 ? 6   ARG A NH1 1 
ATOM   22  N  NH2 . ARG A 1 6   ? -3.576  -8.405  2.760   1.00 34.57 ? 6   ARG A NH2 1 
ATOM   23  N  N   . VAL A 1 7   ? -4.351  -1.470  7.428   1.00 27.30 ? 7   VAL A N   1 
ATOM   24  C  CA  . VAL A 1 7   ? -3.409  -0.440  6.987   1.00 29.67 ? 7   VAL A CA  1 
ATOM   25  C  C   . VAL A 1 7   ? -2.426  -0.954  5.954   1.00 27.28 ? 7   VAL A C   1 
ATOM   26  O  O   . VAL A 1 7   ? -1.908  -2.021  6.088   1.00 22.51 ? 7   VAL A O   1 
ATOM   27  C  CB  . VAL A 1 7   ? -2.545  0.075   8.166   1.00 29.17 ? 7   VAL A CB  1 
ATOM   28  C  CG1 . VAL A 1 7   ? -1.655  1.209   7.698   1.00 28.02 ? 7   VAL A CG1 1 
ATOM   29  C  CG2 . VAL A 1 7   ? -3.475  0.568   9.280   1.00 32.05 ? 7   VAL A CG2 1 
ATOM   30  N  N   . GLN A 1 8   ? -2.196  -0.153  4.925   1.00 23.35 ? 8   GLN A N   1 
ATOM   31  C  CA  . GLN A 1 8   ? -1.129  -0.382  4.000   1.00 23.60 ? 8   GLN A CA  1 
ATOM   32  C  C   . GLN A 1 8   ? 0.004   0.661   4.230   1.00 24.91 ? 8   GLN A C   1 
ATOM   33  O  O   . GLN A 1 8   ? -0.210  1.843   4.480   1.00 25.00 ? 8   GLN A O   1 
ATOM   34  C  CB  . GLN A 1 8   ? -1.614  -0.411  2.545   1.00 24.94 ? 8   GLN A CB  1 
ATOM   35  C  CG  . GLN A 1 8   ? -0.537  -0.881  1.546   1.00 27.98 ? 8   GLN A CG  1 
ATOM   36  C  CD  . GLN A 1 8   ? -0.779  -0.343  0.164   1.00 30.27 ? 8   GLN A CD  1 
ATOM   37  O  OE1 . GLN A 1 8   ? -1.204  0.803   0.012   1.00 34.84 ? 8   GLN A OE1 1 
ATOM   38  N  NE2 . GLN A 1 8   ? -0.573  -1.171  -0.839  1.00 29.23 ? 8   GLN A NE2 1 
ATOM   39  N  N   . LEU A 1 9   ? 1.216   0.167   4.184   1.00 23.86 ? 9   LEU A N   1 
ATOM   40  C  CA  . LEU A 1 9   ? 2.379   0.956   4.400   1.00 24.99 ? 9   LEU A CA  1 
ATOM   41  C  C   . LEU A 1 9   ? 3.362   0.567   3.279   1.00 27.23 ? 9   LEU A C   1 
ATOM   42  O  O   . LEU A 1 9   ? 3.892   -0.536  3.240   1.00 21.45 ? 9   LEU A O   1 
ATOM   43  C  CB  . LEU A 1 9   ? 2.870   0.592   5.794   1.00 28.47 ? 9   LEU A CB  1 
ATOM   44  C  CG  . LEU A 1 9   ? 4.194   1.010   6.359   1.00 39.00 ? 9   LEU A CG  1 
ATOM   45  C  CD1 . LEU A 1 9   ? 4.363   2.503   6.121   1.00 35.73 ? 9   LEU A CD1 1 
ATOM   46  C  CD2 . LEU A 1 9   ? 4.147   0.644   7.859   1.00 35.25 ? 9   LEU A CD2 1 
ATOM   47  N  N   . ALA A 1 10  ? 3.564   1.479   2.326   1.00 23.02 ? 10  ALA A N   1 
ATOM   48  C  CA  . ALA A 1 10  ? 4.449   1.247   1.195   1.00 22.88 ? 10  ALA A CA  1 
ATOM   49  C  C   . ALA A 1 10  ? 5.676   2.135   1.354   1.00 25.83 ? 10  ALA A C   1 
ATOM   50  O  O   . ALA A 1 10  ? 5.573   3.391   1.449   1.00 29.23 ? 10  ALA A O   1 
ATOM   51  C  CB  . ALA A 1 10  ? 3.726   1.573   -0.115  1.00 21.66 ? 10  ALA A CB  1 
ATOM   52  N  N   . LEU A 1 11  ? 6.841   1.494   1.421   1.00 25.59 ? 11  LEU A N   1 
ATOM   53  C  CA  . LEU A 1 11  ? 8.116   2.167   1.712   1.00 23.72 ? 11  LEU A CA  1 
ATOM   54  C  C   . LEU A 1 11  ? 9.014   2.098   0.497   1.00 24.23 ? 11  LEU A C   1 
ATOM   55  O  O   . LEU A 1 11  ? 9.162   1.047   -0.125  1.00 26.91 ? 11  LEU A O   1 
ATOM   56  C  CB  . LEU A 1 11  ? 8.859   1.504   2.891   1.00 18.20 ? 11  LEU A CB  1 
ATOM   57  C  CG  . LEU A 1 11  ? 8.056   1.371   4.189   1.00 23.24 ? 11  LEU A CG  1 
ATOM   58  C  CD1 . LEU A 1 11  ? 8.709   0.486   5.213   1.00 19.04 ? 11  LEU A CD1 1 
ATOM   59  C  CD2 . LEU A 1 11  ? 7.725   2.748   4.772   1.00 21.01 ? 11  LEU A CD2 1 
ATOM   60  N  N   . ARG A 1 12  ? 9.647   3.204   0.171   1.00 25.40 ? 12  ARG A N   1 
ATOM   61  C  CA  . ARG A 1 12  ? 10.650  3.209   -0.850  1.00 26.33 ? 12  ARG A CA  1 
ATOM   62  C  C   . ARG A 1 12  ? 11.987  2.949   -0.133  1.00 25.96 ? 12  ARG A C   1 
ATOM   63  O  O   . ARG A 1 12  ? 12.436  3.775   0.679   1.00 29.33 ? 12  ARG A O   1 
ATOM   64  C  CB  . ARG A 1 12  ? 10.617  4.539   -1.590  1.00 32.05 ? 12  ARG A CB  1 
ATOM   65  C  CG  . ARG A 1 12  ? 11.240  4.491   -2.973  1.00 39.65 ? 12  ARG A CG  1 
ATOM   66  C  CD  . ARG A 1 12  ? 10.767  5.697   -3.787  1.00 50.96 ? 12  ARG A CD  1 
ATOM   67  N  NE  . ARG A 1 12  ? 9.560   5.343   -4.520  1.00 44.54 ? 12  ARG A NE  1 
ATOM   68  C  CZ  . ARG A 1 12  ? 9.550   4.964   -5.795  1.00 53.93 ? 12  ARG A CZ  1 
ATOM   69  N  NH1 . ARG A 1 12  ? 10.692  4.931   -6.500  1.00 59.82 ? 12  ARG A NH1 1 
ATOM   70  N  NH2 . ARG A 1 12  ? 8.403   4.614   -6.368  1.00 48.36 ? 12  ARG A NH2 1 
ATOM   71  N  N   . VAL A 1 13  ? 12.553  1.766   -0.346  1.00 28.16 ? 13  VAL A N   1 
ATOM   72  C  CA  . VAL A 1 13  ? 13.770  1.314   0.372   1.00 26.50 ? 13  VAL A CA  1 
ATOM   73  C  C   . VAL A 1 13  ? 15.010  1.334   -0.533  1.00 29.85 ? 13  VAL A C   1 
ATOM   74  O  O   . VAL A 1 13  ? 14.912  1.054   -1.740  1.00 31.90 ? 13  VAL A O   1 
ATOM   75  C  CB  . VAL A 1 13  ? 13.583  -0.072  0.959   1.00 23.07 ? 13  VAL A CB  1 
ATOM   76  C  CG1 . VAL A 1 13  ? 12.409  -0.078  1.960   1.00 24.96 ? 13  VAL A CG1 1 
ATOM   77  C  CG2 . VAL A 1 13  ? 13.386  -1.114  -0.139  1.00 25.31 ? 13  VAL A CG2 1 
ATOM   78  N  N   . PRO A 1 14  ? 16.177  1.685   0.019   1.00 28.84 ? 14  PRO A N   1 
ATOM   79  C  CA  . PRO A 1 14  ? 17.386  1.649   -0.815  1.00 29.13 ? 14  PRO A CA  1 
ATOM   80  C  C   . PRO A 1 14  ? 17.897  0.197   -1.127  1.00 35.30 ? 14  PRO A C   1 
ATOM   81  O  O   . PRO A 1 14  ? 18.365  -0.071  -2.213  1.00 30.52 ? 14  PRO A O   1 
ATOM   82  C  CB  . PRO A 1 14  ? 18.417  2.412   0.036   1.00 36.99 ? 14  PRO A CB  1 
ATOM   83  C  CG  . PRO A 1 14  ? 17.660  3.004   1.217   1.00 36.27 ? 14  PRO A CG  1 
ATOM   84  C  CD  . PRO A 1 14  ? 16.455  2.155   1.389   1.00 30.74 ? 14  PRO A CD  1 
ATOM   85  N  N   . ASP A 1 15  ? 17.781  -0.701  -0.156  1.00 32.84 ? 15  ASP A N   1 
ATOM   86  C  CA  . ASP A 1 15  ? 18.199  -2.084  -0.357  1.00 29.80 ? 15  ASP A CA  1 
ATOM   87  C  C   . ASP A 1 15  ? 17.036  -3.037  -0.113  1.00 29.34 ? 15  ASP A C   1 
ATOM   88  O  O   . ASP A 1 15  ? 16.718  -3.355  1.033   1.00 26.88 ? 15  ASP A O   1 
ATOM   89  C  CB  . ASP A 1 15  ? 19.368  -2.430  0.569   1.00 39.11 ? 15  ASP A CB  1 
ATOM   90  C  CG  . ASP A 1 15  ? 19.908  -3.825  0.326   1.00 37.22 ? 15  ASP A CG  1 
ATOM   91  O  OD1 . ASP A 1 15  ? 19.191  -4.645  -0.285  1.00 34.69 ? 15  ASP A OD1 1 
ATOM   92  O  OD2 . ASP A 1 15  ? 21.052  -4.102  0.746   1.00 48.63 ? 15  ASP A OD2 1 
ATOM   93  N  N   . LEU A 1 16  ? 16.400  -3.492  -1.188  1.00 30.06 ? 16  LEU A N   1 
ATOM   94  C  CA  . LEU A 1 16  ? 15.256  -4.382  -1.046  1.00 28.39 ? 16  LEU A CA  1 
ATOM   95  C  C   . LEU A 1 16  ? 15.618  -5.684  -0.333  1.00 29.46 ? 16  LEU A C   1 
ATOM   96  O  O   . LEU A 1 16  ? 14.918  -6.177  0.559   1.00 33.13 ? 16  LEU A O   1 
ATOM   97  C  CB  . LEU A 1 16  ? 14.694  -4.685  -2.460  1.00 30.15 ? 16  LEU A CB  1 
ATOM   98  C  CG  . LEU A 1 16  ? 13.439  -5.557  -2.441  1.00 28.16 ? 16  LEU A CG  1 
ATOM   99  C  CD1 . LEU A 1 16  ? 12.296  -4.806  -1.732  1.00 25.74 ? 16  LEU A CD1 1 
ATOM   100 C  CD2 . LEU A 1 16  ? 13.009  -5.985  -3.814  1.00 29.17 ? 16  LEU A CD2 1 
ATOM   101 N  N   . GLU A 1 17  ? 16.733  -6.264  -0.736  1.00 30.61 ? 17  GLU A N   1 
ATOM   102 C  CA  . GLU A 1 17  ? 17.240  -7.492  -0.124  1.00 30.52 ? 17  GLU A CA  1 
ATOM   103 C  C   . GLU A 1 17  ? 17.514  -7.351  1.365   1.00 28.25 ? 17  GLU A C   1 
ATOM   104 O  O   . GLU A 1 17  ? 17.104  -8.224  2.166   1.00 31.09 ? 17  GLU A O   1 
ATOM   105 C  CB  . GLU A 1 17  ? 18.480  -7.958  -0.895  1.00 30.81 ? 17  GLU A CB  1 
ATOM   106 C  CG  . GLU A 1 17  ? 18.323  -7.701  -2.417  1.00 41.11 ? 17  GLU A CG  1 
ATOM   107 C  CD  . GLU A 1 17  ? 19.231  -8.573  -3.281  1.00 45.35 ? 17  GLU A CD  1 
ATOM   108 O  OE1 . GLU A 1 17  ? 20.247  -9.098  -2.764  1.00 53.90 ? 17  GLU A OE1 1 
ATOM   109 O  OE2 . GLU A 1 17  ? 18.951  -8.716  -4.485  1.00 45.07 ? 17  GLU A OE2 1 
ATOM   110 N  N   . ALA A 1 18  ? 18.154  -6.254  1.769   1.00 29.25 ? 18  ALA A N   1 
ATOM   111 C  CA  . ALA A 1 18  ? 18.353  -6.042  3.224   1.00 30.20 ? 18  ALA A CA  1 
ATOM   112 C  C   . ALA A 1 18  ? 17.002  -5.853  3.906   1.00 25.44 ? 18  ALA A C   1 
ATOM   113 O  O   . ALA A 1 18  ? 16.733  -6.405  4.986   1.00 30.87 ? 18  ALA A O   1 
ATOM   114 C  CB  . ALA A 1 18  ? 19.281  -4.874  3.516   1.00 32.13 ? 18  ALA A CB  1 
ATOM   115 N  N   . SER A 1 19  ? 16.148  -5.085  3.266   1.00 27.77 ? 19  SER A N   1 
ATOM   116 C  CA  . SER A 1 19  ? 14.798  -4.837  3.795   1.00 26.99 ? 19  SER A CA  1 
ATOM   117 C  C   . SER A 1 19  ? 13.940  -6.087  3.960   1.00 29.39 ? 19  SER A C   1 
ATOM   118 O  O   . SER A 1 19  ? 13.262  -6.223  4.957   1.00 33.37 ? 19  SER A O   1 
ATOM   119 C  CB  . SER A 1 19  ? 14.096  -3.829  2.910   1.00 23.83 ? 19  SER A CB  1 
ATOM   120 O  OG  . SER A 1 19  ? 14.776  -2.592  2.974   1.00 25.04 ? 19  SER A OG  1 
ATOM   121 N  N   . ILE A 1 20  ? 13.896  -6.965  2.962   1.00 29.28 ? 20  ILE A N   1 
ATOM   122 C  CA  . ILE A 1 20  ? 13.143  -8.236  3.096   1.00 25.62 ? 20  ILE A CA  1 
ATOM   123 C  C   . ILE A 1 20  ? 13.720  -8.974  4.299   1.00 27.96 ? 20  ILE A C   1 
ATOM   124 O  O   . ILE A 1 20  ? 13.000  -9.564  5.116   1.00 31.88 ? 20  ILE A O   1 
ATOM   125 C  CB  . ILE A 1 20  ? 13.256  -9.128  1.802   1.00 25.00 ? 20  ILE A CB  1 
ATOM   126 C  CG1 . ILE A 1 20  ? 12.314  -8.635  0.707   1.00 26.83 ? 20  ILE A CG1 1 
ATOM   127 C  CG2 . ILE A 1 20  ? 12.824  -10.562 2.114   1.00 24.81 ? 20  ILE A CG2 1 
ATOM   128 C  CD1 . ILE A 1 20  ? 12.695  -8.942  -0.736  1.00 28.88 ? 20  ILE A CD1 1 
ATOM   129 N  N   . GLY A 1 21  ? 15.050  -9.000  4.398   1.00 28.35 ? 21  GLY A N   1 
ATOM   130 C  CA  . GLY A 1 21  ? 15.663  -9.639  5.544   1.00 31.58 ? 21  GLY A CA  1 
ATOM   131 C  C   . GLY A 1 21  ? 15.186  -9.101  6.880   1.00 29.64 ? 21  GLY A C   1 
ATOM   132 O  O   . GLY A 1 21  ? 14.743  -9.872  7.777   1.00 30.19 ? 21  GLY A O   1 
ATOM   133 N  N   . PHE A 1 22  ? 15.287  -7.781  7.025   1.00 26.55 ? 22  PHE A N   1 
ATOM   134 C  CA  . PHE A 1 22  ? 14.845  -7.094  8.273   1.00 25.95 ? 22  PHE A CA  1 
ATOM   135 C  C   . PHE A 1 22  ? 13.349  -7.317  8.622   1.00 27.08 ? 22  PHE A C   1 
ATOM   136 O  O   . PHE A 1 22  ? 12.980  -7.601  9.759   1.00 29.15 ? 22  PHE A O   1 
ATOM   137 C  CB  . PHE A 1 22  ? 15.169  -5.628  8.156   1.00 24.77 ? 22  PHE A CB  1 
ATOM   138 C  CG  . PHE A 1 22  ? 14.608  -4.800  9.257   1.00 30.78 ? 22  PHE A CG  1 
ATOM   139 C  CD1 . PHE A 1 22  ? 15.267  -4.722  10.490  1.00 32.67 ? 22  PHE A CD1 1 
ATOM   140 C  CD2 . PHE A 1 22  ? 13.439  -4.031  9.059   1.00 27.07 ? 22  PHE A CD2 1 
ATOM   141 C  CE1 . PHE A 1 22  ? 14.739  -3.935  11.526  1.00 32.73 ? 22  PHE A CE1 1 
ATOM   142 C  CE2 . PHE A 1 22  ? 12.917  -3.237  10.090  1.00 28.63 ? 22  PHE A CE2 1 
ATOM   143 C  CZ  . PHE A 1 22  ? 13.555  -3.197  11.324  1.00 26.38 ? 22  PHE A CZ  1 
ATOM   144 N  N   . TYR A 1 23  ? 12.466  -7.217  7.645   1.00 28.61 ? 23  TYR A N   1 
ATOM   145 C  CA  . TYR A 1 23  ? 11.034  -7.380  7.924   1.00 24.50 ? 23  TYR A CA  1 
ATOM   146 C  C   . TYR A 1 23  ? 10.663  -8.785  8.205   1.00 30.68 ? 23  TYR A C   1 
ATOM   147 O  O   . TYR A 1 23  ? 9.720   -9.032  8.948   1.00 33.03 ? 23  TYR A O   1 
ATOM   148 C  CB  . TYR A 1 23  ? 10.200  -6.723  6.819   1.00 25.81 ? 23  TYR A CB  1 
ATOM   149 C  CG  . TYR A 1 23  ? 10.300  -5.201  6.947   1.00 28.92 ? 23  TYR A CG  1 
ATOM   150 C  CD1 . TYR A 1 23  ? 9.727   -4.542  8.020   1.00 28.60 ? 23  TYR A CD1 1 
ATOM   151 C  CD2 . TYR A 1 23  ? 11.049  -4.449  6.052   1.00 26.37 ? 23  TYR A CD2 1 
ATOM   152 C  CE1 . TYR A 1 23  ? 9.842   -3.182  8.190   1.00 24.75 ? 23  TYR A CE1 1 
ATOM   153 C  CE2 . TYR A 1 23  ? 11.173  -3.075  6.212   1.00 26.90 ? 23  TYR A CE2 1 
ATOM   154 C  CZ  . TYR A 1 23  ? 10.557  -2.460  7.301   1.00 23.71 ? 23  TYR A CZ  1 
ATOM   155 O  OH  . TYR A 1 23  ? 10.699  -1.108  7.513   1.00 25.00 ? 23  TYR A OH  1 
ATOM   156 N  N   . SER A 1 24  ? 11.416  -9.740  7.675   1.00 29.44 ? 24  SER A N   1 
ATOM   157 C  CA  . SER A 1 24  ? 11.136  -11.171 8.003   1.00 35.10 ? 24  SER A CA  1 
ATOM   158 C  C   . SER A 1 24  ? 11.377  -11.389 9.470   1.00 34.95 ? 24  SER A C   1 
ATOM   159 O  O   . SER A 1 24  ? 10.589  -12.066 10.145  1.00 37.84 ? 24  SER A O   1 
ATOM   160 C  CB  . SER A 1 24  ? 11.986  -12.159 7.193   1.00 33.83 ? 24  SER A CB  1 
ATOM   161 O  OG  . SER A 1 24  ? 11.638  -12.076 5.813   1.00 40.24 ? 24  SER A OG  1 
ATOM   162 N  N   . LYS A 1 25  ? 12.453  -10.789 9.979   1.00 36.90 ? 25  LYS A N   1 
ATOM   163 C  CA  . LYS A 1 25  ? 12.771  -10.897 11.414  1.00 37.02 ? 25  LYS A CA  1 
ATOM   164 C  C   . LYS A 1 25  ? 11.790  -10.142 12.290  1.00 36.10 ? 25  LYS A C   1 
ATOM   165 O  O   . LYS A 1 25  ? 11.326  -10.677 13.319  1.00 37.87 ? 25  LYS A O   1 
ATOM   166 C  CB  . LYS A 1 25  ? 14.198  -10.434 11.692  1.00 39.84 ? 25  LYS A CB  1 
ATOM   167 C  CG  . LYS A 1 25  ? 15.183  -10.908 10.634  1.00 37.79 ? 25  LYS A CG  1 
ATOM   168 C  CD  . LYS A 1 25  ? 16.596  -10.772 11.127  1.00 38.42 ? 25  LYS A CD  1 
ATOM   169 C  CE  . LYS A 1 25  ? 17.500  -11.568 10.263  1.00 36.69 ? 25  LYS A CE  1 
ATOM   170 N  NZ  . LYS A 1 25  ? 18.695  -10.714 10.112  1.00 50.20 ? 25  LYS A NZ  1 
ATOM   171 N  N   . LEU A 1 26  ? 11.445  -8.923  11.879  1.00 28.76 ? 26  LEU A N   1 
ATOM   172 C  CA  . LEU A 1 26  ? 10.591  -8.059  12.691  1.00 30.00 ? 26  LEU A CA  1 
ATOM   173 C  C   . LEU A 1 26  ? 9.218   -8.685  12.821  1.00 35.73 ? 26  LEU A C   1 
ATOM   174 O  O   . LEU A 1 26  ? 8.635   -8.766  13.918  1.00 39.56 ? 26  LEU A O   1 
ATOM   175 C  CB  . LEU A 1 26  ? 10.509  -6.633  12.081  1.00 28.81 ? 26  LEU A CB  1 
ATOM   176 C  CG  . LEU A 1 26  ? 9.485   -5.639  12.633  1.00 26.88 ? 26  LEU A CG  1 
ATOM   177 C  CD1 . LEU A 1 26  ? 9.604   -5.421  14.122  1.00 27.21 ? 26  LEU A CD1 1 
ATOM   178 C  CD2 . LEU A 1 26  ? 9.655   -4.278  11.971  1.00 28.09 ? 26  LEU A CD2 1 
ATOM   179 N  N   . PHE A 1 27  ? 8.687   -9.172  11.711  1.00 31.66 ? 27  PHE A N   1 
ATOM   180 C  CA  . PHE A 1 27  ? 7.381   -9.769  11.789  1.00 36.28 ? 27  PHE A CA  1 
ATOM   181 C  C   . PHE A 1 27  ? 7.296   -11.293 12.029  1.00 40.76 ? 27  PHE A C   1 
ATOM   182 O  O   . PHE A 1 27  ? 6.203   -11.808 12.288  1.00 45.87 ? 27  PHE A O   1 
ATOM   183 C  CB  . PHE A 1 27  ? 6.521   -9.310  10.621  1.00 34.52 ? 27  PHE A CB  1 
ATOM   184 C  CG  . PHE A 1 27  ? 6.185   -7.863  10.697  1.00 30.01 ? 27  PHE A CG  1 
ATOM   185 C  CD1 . PHE A 1 27  ? 5.364   -7.383  11.722  1.00 30.64 ? 27  PHE A CD1 1 
ATOM   186 C  CD2 . PHE A 1 27  ? 6.706   -6.978  9.778   1.00 27.35 ? 27  PHE A CD2 1 
ATOM   187 C  CE1 . PHE A 1 27  ? 5.049   -6.045  11.812  1.00 27.28 ? 27  PHE A CE1 1 
ATOM   188 C  CE2 . PHE A 1 27  ? 6.410   -5.622  9.858   1.00 30.04 ? 27  PHE A CE2 1 
ATOM   189 C  CZ  . PHE A 1 27  ? 5.587   -5.155  10.863  1.00 25.66 ? 27  PHE A CZ  1 
ATOM   190 N  N   . GLY A 1 28  ? 8.426   -11.994 11.973  1.00 39.25 ? 28  GLY A N   1 
ATOM   191 C  CA  . GLY A 1 28  ? 8.430   -13.441 12.110  1.00 45.19 ? 28  GLY A CA  1 
ATOM   192 C  C   . GLY A 1 28  ? 7.728   -14.205 10.989  1.00 48.74 ? 28  GLY A C   1 
ATOM   193 O  O   . GLY A 1 28  ? 7.056   -15.223 11.239  1.00 54.72 ? 28  GLY A O   1 
ATOM   194 N  N   . THR A 1 29  ? 7.894   -13.724 9.758   1.00 45.26 ? 29  THR A N   1 
ATOM   195 C  CA  . THR A 1 29  ? 7.234   -14.295 8.593   1.00 44.91 ? 29  THR A CA  1 
ATOM   196 C  C   . THR A 1 29  ? 7.860   -13.765 7.318   1.00 46.73 ? 29  THR A C   1 
ATOM   197 O  O   . THR A 1 29  ? 8.364   -12.644 7.271   1.00 49.59 ? 29  THR A O   1 
ATOM   198 C  CB  . THR A 1 29  ? 5.711   -14.048 8.563   1.00 45.86 ? 29  THR A CB  1 
ATOM   199 O  OG1 . THR A 1 29  ? 5.162   -14.765 7.450   1.00 48.82 ? 29  THR A OG1 1 
ATOM   200 C  CG2 . THR A 1 29  ? 5.396   -12.594 8.383   1.00 42.16 ? 29  THR A CG2 1 
ATOM   201 N  N   . GLY A 1 30  ? 7.837   -14.587 6.280   1.00 48.27 ? 30  GLY A N   1 
ATOM   202 C  CA  . GLY A 1 30  ? 8.463   -14.242 5.019   1.00 43.70 ? 30  GLY A CA  1 
ATOM   203 C  C   . GLY A 1 30  ? 7.460   -13.505 4.180   1.00 40.13 ? 30  GLY A C   1 
ATOM   204 O  O   . GLY A 1 30  ? 6.251   -13.480 4.501   1.00 37.83 ? 30  GLY A O   1 
ATOM   205 N  N   . PRO A 1 31  ? 7.944   -12.916 3.099   1.00 31.76 ? 31  PRO A N   1 
ATOM   206 C  CA  . PRO A 1 31  ? 7.153   -12.106 2.230   1.00 29.39 ? 31  PRO A CA  1 
ATOM   207 C  C   . PRO A 1 31  ? 6.107   -12.945 1.503   1.00 40.43 ? 31  PRO A C   1 
ATOM   208 O  O   . PRO A 1 31  ? 6.352   -14.128 1.236   1.00 42.67 ? 31  PRO A O   1 
ATOM   209 C  CB  . PRO A 1 31  ? 8.170   -11.529 1.226   1.00 32.06 ? 31  PRO A CB  1 
ATOM   210 C  CG  . PRO A 1 31  ? 9.500   -12.108 1.582   1.00 38.58 ? 31  PRO A CG  1 
ATOM   211 C  CD  . PRO A 1 31  ? 9.264   -13.235 2.553   1.00 39.36 ? 31  PRO A CD  1 
ATOM   212 N  N   . ALA A 1 32  ? 4.965   -12.342 1.167   1.00 28.59 ? 32  ALA A N   1 
ATOM   213 C  CA  . ALA A 1 32  ? 3.939   -13.026 0.418   1.00 31.75 ? 32  ALA A CA  1 
ATOM   214 C  C   . ALA A 1 32  ? 4.276   -13.047 -1.031  1.00 33.79 ? 32  ALA A C   1 
ATOM   215 O  O   . ALA A 1 32  ? 3.766   -13.870 -1.766  1.00 28.50 ? 32  ALA A O   1 
ATOM   216 C  CB  . ALA A 1 32  ? 2.567   -12.391 0.608   1.00 28.69 ? 32  ALA A CB  1 
ATOM   217 N  N   . LYS A 1 33  ? 5.150   -12.141 -1.450  1.00 36.56 ? 33  LYS A N   1 
ATOM   218 C  CA  . LYS A 1 33  ? 5.421   -11.940 -2.857  1.00 30.18 ? 33  LYS A CA  1 
ATOM   219 C  C   . LYS A 1 33  ? 6.732   -11.220 -3.049  1.00 34.24 ? 33  LYS A C   1 
ATOM   220 O  O   . LYS A 1 33  ? 7.059   -10.285 -2.320  1.00 31.24 ? 33  LYS A O   1 
ATOM   221 C  CB  . LYS A 1 33  ? 4.261   -11.182 -3.462  1.00 34.76 ? 33  LYS A CB  1 
ATOM   222 C  CG  . LYS A 1 33  ? 4.424   -10.679 -4.882  1.00 40.54 ? 33  LYS A CG  1 
ATOM   223 C  CD  . LYS A 1 33  ? 3.145   -9.978  -5.266  1.00 38.92 ? 33  LYS A CD  1 
ATOM   224 C  CE  . LYS A 1 33  ? 2.726   -10.390 -6.643  1.00 46.46 ? 33  LYS A CE  1 
ATOM   225 N  NZ  . LYS A 1 33  ? 1.257   -10.615 -6.696  1.00 60.08 ? 33  LYS A NZ  1 
ATOM   226 N  N   . VAL A 1 34  ? 7.488   -11.662 -4.056  1.00 29.52 ? 34  VAL A N   1 
ATOM   227 C  CA  . VAL A 1 34  ? 8.825   -11.099 -4.289  1.00 29.10 ? 34  VAL A CA  1 
ATOM   228 C  C   . VAL A 1 34  ? 9.039   -11.014 -5.788  1.00 34.67 ? 34  VAL A C   1 
ATOM   229 O  O   . VAL A 1 34  ? 8.838   -11.992 -6.508  1.00 38.21 ? 34  VAL A O   1 
ATOM   230 C  CB  . VAL A 1 34  ? 9.929   -11.929 -3.596  1.00 29.18 ? 34  VAL A CB  1 
ATOM   231 C  CG1 . VAL A 1 34  ? 11.320  -11.498 -4.035  1.00 29.80 ? 34  VAL A CG1 1 
ATOM   232 C  CG2 . VAL A 1 34  ? 9.802   -11.815 -2.093  1.00 35.33 ? 34  VAL A CG2 1 
ATOM   233 N  N   . ARG A 1 35  ? 9.414   -9.839  -6.278  1.00 33.73 ? 35  ARG A N   1 
ATOM   234 C  CA  . ARG A 1 35  ? 9.666   -9.640  -7.704  1.00 36.47 ? 35  ARG A CA  1 
ATOM   235 C  C   . ARG A 1 35  ? 10.658  -8.502  -7.804  1.00 36.97 ? 35  ARG A C   1 
ATOM   236 O  O   . ARG A 1 35  ? 10.648  -7.611  -6.955  1.00 32.61 ? 35  ARG A O   1 
ATOM   237 C  CB  . ARG A 1 35  ? 8.374   -9.287  -8.438  1.00 39.64 ? 35  ARG A CB  1 
ATOM   238 C  CG  . ARG A 1 35  ? 7.180   -10.137 -8.036  1.00 43.26 ? 35  ARG A CG  1 
ATOM   239 C  CD  . ARG A 1 35  ? 7.028   -11.343 -8.949  1.00 43.77 ? 35  ARG A CD  1 
ATOM   240 N  NE  . ARG A 1 35  ? 5.637   -11.771 -9.063  1.00 39.53 ? 35  ARG A NE  1 
ATOM   241 C  CZ  . ARG A 1 35  ? 5.051   -12.635 -8.240  1.00 37.29 ? 35  ARG A CZ  1 
ATOM   242 N  NH1 . ARG A 1 35  ? 5.736   -13.170 -7.239  1.00 34.70 ? 35  ARG A NH1 1 
ATOM   243 N  NH2 . ARG A 1 35  ? 3.779   -12.967 -8.420  1.00 43.42 ? 35  ARG A NH2 1 
ATOM   244 N  N   . PRO A 1 36  ? 11.537  -8.507  -8.804  1.00 39.52 ? 36  PRO A N   1 
ATOM   245 C  CA  . PRO A 1 36  ? 12.594  -7.509  -8.737  1.00 40.75 ? 36  PRO A CA  1 
ATOM   246 C  C   . PRO A 1 36  ? 12.045  -6.067  -8.474  1.00 35.83 ? 36  PRO A C   1 
ATOM   247 O  O   . PRO A 1 36  ? 11.085  -5.622  -9.121  1.00 39.17 ? 36  PRO A O   1 
ATOM   248 C  CB  . PRO A 1 36  ? 13.308  -7.651  -10.103 1.00 33.85 ? 36  PRO A CB  1 
ATOM   249 C  CG  . PRO A 1 36  ? 13.077  -9.092  -10.495 1.00 42.91 ? 36  PRO A CG  1 
ATOM   250 C  CD  . PRO A 1 36  ? 11.741  -9.483  -9.903  1.00 37.64 ? 36  PRO A CD  1 
ATOM   251 N  N   . GLY A 1 37  ? 12.679  -5.376  -7.536  1.00 33.90 ? 37  GLY A N   1 
ATOM   252 C  CA  . GLY A 1 37  ? 12.299  -4.021  -7.178  1.00 36.40 ? 37  GLY A CA  1 
ATOM   253 C  C   . GLY A 1 37  ? 11.038  -3.933  -6.316  1.00 31.09 ? 37  GLY A C   1 
ATOM   254 O  O   . GLY A 1 37  ? 10.604  -2.842  -6.000  1.00 35.06 ? 37  GLY A O   1 
ATOM   255 N  N   . TYR A 1 38  ? 10.462  -5.065  -5.907  1.00 29.69 ? 38  TYR A N   1 
ATOM   256 C  CA  . TYR A 1 38  ? 9.201   -5.065  -5.147  1.00 26.77 ? 38  TYR A CA  1 
ATOM   257 C  C   . TYR A 1 38  ? 9.070   -6.274  -4.245  1.00 25.70 ? 38  TYR A C   1 
ATOM   258 O  O   . TYR A 1 38  ? 9.378   -7.359  -4.636  1.00 32.05 ? 38  TYR A O   1 
ATOM   259 C  CB  . TYR A 1 38  ? 8.024   -5.001  -6.150  1.00 33.08 ? 38  TYR A CB  1 
ATOM   260 C  CG  . TYR A 1 38  ? 6.656   -5.085  -5.535  1.00 26.85 ? 38  TYR A CG  1 
ATOM   261 C  CD1 . TYR A 1 38  ? 5.929   -3.931  -5.259  1.00 31.89 ? 38  TYR A CD1 1 
ATOM   262 C  CD2 . TYR A 1 38  ? 6.078   -6.319  -5.233  1.00 29.92 ? 38  TYR A CD2 1 
ATOM   263 C  CE1 . TYR A 1 38  ? 4.661   -3.995  -4.675  1.00 28.07 ? 38  TYR A CE1 1 
ATOM   264 C  CE2 . TYR A 1 38  ? 4.799   -6.401  -4.636  1.00 31.00 ? 38  TYR A CE2 1 
ATOM   265 C  CZ  . TYR A 1 38  ? 4.098   -5.225  -4.371  1.00 29.56 ? 38  TYR A CZ  1 
ATOM   266 O  OH  . TYR A 1 38  ? 2.826   -5.282  -3.813  1.00 34.86 ? 38  TYR A OH  1 
ATOM   267 N  N   . ALA A 1 39  ? 8.603   -6.086  -3.025  1.00 25.75 ? 39  ALA A N   1 
ATOM   268 C  CA  . ALA A 1 39  ? 8.129   -7.174  -2.210  1.00 26.83 ? 39  ALA A CA  1 
ATOM   269 C  C   . ALA A 1 39  ? 6.871   -6.760  -1.417  1.00 25.93 ? 39  ALA A C   1 
ATOM   270 O  O   . ALA A 1 39  ? 6.656   -5.596  -1.130  1.00 25.46 ? 39  ALA A O   1 
ATOM   271 C  CB  . ALA A 1 39  ? 9.195   -7.551  -1.228  1.00 24.96 ? 39  ALA A CB  1 
ATOM   272 N  N   . ASN A 1 40  ? 6.087   -7.734  -0.976  1.00 28.26 ? 40  ASN A N   1 
ATOM   273 C  CA  . ASN A 1 40  ? 5.076   -7.444  0.038   1.00 29.03 ? 40  ASN A CA  1 
ATOM   274 C  C   . ASN A 1 40  ? 4.946   -8.500  1.113   1.00 27.82 ? 40  ASN A C   1 
ATOM   275 O  O   . ASN A 1 40  ? 5.382   -9.645  0.942   1.00 30.56 ? 40  ASN A O   1 
ATOM   276 C  CB  . ASN A 1 40  ? 3.722   -6.955  -0.562  1.00 31.20 ? 40  ASN A CB  1 
ATOM   277 C  CG  . ASN A 1 40  ? 2.920   -8.041  -1.237  1.00 34.67 ? 40  ASN A CG  1 
ATOM   278 O  OD1 . ASN A 1 40  ? 2.760   -9.121  -0.697  1.00 35.81 ? 40  ASN A OD1 1 
ATOM   279 N  ND2 . ASN A 1 40  ? 2.367   -7.734  -2.394  1.00 31.73 ? 40  ASN A ND2 1 
ATOM   280 N  N   . PHE A 1 41  ? 4.422   -8.095  2.253   1.00 28.47 ? 41  PHE A N   1 
ATOM   281 C  CA  . PHE A 1 41  ? 4.187   -9.001  3.374   1.00 26.77 ? 41  PHE A CA  1 
ATOM   282 C  C   . PHE A 1 41  ? 2.727   -8.795  3.690   1.00 32.62 ? 41  PHE A C   1 
ATOM   283 O  O   . PHE A 1 41  ? 2.263   -7.663  3.650   1.00 27.17 ? 41  PHE A O   1 
ATOM   284 C  CB  . PHE A 1 41  ? 4.986   -8.565  4.602   1.00 26.28 ? 41  PHE A CB  1 
ATOM   285 C  CG  . PHE A 1 41  ? 6.452   -8.778  4.479   1.00 24.81 ? 41  PHE A CG  1 
ATOM   286 C  CD1 . PHE A 1 41  ? 7.055   -9.773  5.182   1.00 29.85 ? 41  PHE A CD1 1 
ATOM   287 C  CD2 . PHE A 1 41  ? 7.221   -7.990  3.649   1.00 22.54 ? 41  PHE A CD2 1 
ATOM   288 C  CE1 . PHE A 1 41  ? 8.412   -9.997  5.048   1.00 29.79 ? 41  PHE A CE1 1 
ATOM   289 C  CE2 . PHE A 1 41  ? 8.574   -8.194  3.492   1.00 24.58 ? 41  PHE A CE2 1 
ATOM   290 C  CZ  . PHE A 1 41  ? 9.163   -9.215  4.211   1.00 25.24 ? 41  PHE A CZ  1 
ATOM   291 N  N   . ALA A 1 42  ? 2.015   -9.887  4.001   1.00 29.14 ? 42  ALA A N   1 
ATOM   292 C  CA  . ALA A 1 42  ? 0.649   -9.804  4.431   1.00 30.76 ? 42  ALA A CA  1 
ATOM   293 C  C   . ALA A 1 42  ? 0.622   -10.251 5.878   1.00 34.78 ? 42  ALA A C   1 
ATOM   294 O  O   . ALA A 1 42  ? 0.735   -11.421 6.156   1.00 33.33 ? 42  ALA A O   1 
ATOM   295 C  CB  . ALA A 1 42  ? -0.195  -10.678 3.558   1.00 35.11 ? 42  ALA A CB  1 
ATOM   296 N  N   . ILE A 1 43  ? 0.522   -9.310  6.822   1.00 33.34 ? 43  ILE A N   1 
ATOM   297 C  CA  . ILE A 1 43  ? 0.786   -9.633  8.216   1.00 30.08 ? 43  ILE A CA  1 
ATOM   298 C  C   . ILE A 1 43  ? -0.536  -9.802  8.937   1.00 27.62 ? 43  ILE A C   1 
ATOM   299 O  O   . ILE A 1 43  ? -1.408  -8.993  8.762   1.00 28.58 ? 43  ILE A O   1 
ATOM   300 C  CB  . ILE A 1 43  ? 1.587   -8.512  8.893   1.00 30.09 ? 43  ILE A CB  1 
ATOM   301 C  CG1 . ILE A 1 43  ? 2.863   -8.217  8.124   1.00 29.22 ? 43  ILE A CG1 1 
ATOM   302 C  CG2 . ILE A 1 43  ? 1.944   -8.890  10.315  1.00 31.34 ? 43  ILE A CG2 1 
ATOM   303 C  CD1 . ILE A 1 43  ? 3.739   -9.418  7.956   1.00 27.79 ? 43  ILE A CD1 1 
ATOM   304 N  N   . ALA A 1 44  ? -0.693  -10.874 9.705   1.00 30.25 ? 44  ALA A N   1 
ATOM   305 C  CA  . ALA A 1 44  ? -1.982  -11.160 10.403  1.00 34.11 ? 44  ALA A CA  1 
ATOM   306 C  C   . ALA A 1 44  ? -2.141  -10.291 11.660  1.00 31.90 ? 44  ALA A C   1 
ATOM   307 O  O   . ALA A 1 44  ? -3.124  -9.604  11.801  1.00 30.26 ? 44  ALA A O   1 
ATOM   308 C  CB  . ALA A 1 44  ? -2.072  -12.634 10.776  1.00 35.28 ? 44  ALA A CB  1 
ATOM   309 N  N   . GLU A 1 45  ? -1.177  -10.363 12.588  1.00 30.66 ? 45  GLU A N   1 
ATOM   310 C  CA  . GLU A 1 45  ? -1.170  -9.507  13.781  1.00 30.14 ? 45  GLU A CA  1 
ATOM   311 C  C   . GLU A 1 45  ? 0.200   -8.819  13.816  1.00 28.49 ? 45  GLU A C   1 
ATOM   312 O  O   . GLU A 1 45  ? 1.220   -9.487  13.795  1.00 36.29 ? 45  GLU A O   1 
ATOM   313 C  CB  . GLU A 1 45  ? -1.387  -10.322 15.073  1.00 37.06 ? 45  GLU A CB  1 
ATOM   314 N  N   . PRO A 1 46  ? 0.225   -7.468  13.790  1.00 32.34 ? 46  PRO A N   1 
ATOM   315 C  CA  . PRO A 1 46  ? -0.932  -6.615  13.579  1.00 28.30 ? 46  PRO A CA  1 
ATOM   316 C  C   . PRO A 1 46  ? -1.403  -6.730  12.134  1.00 24.17 ? 46  PRO A C   1 
ATOM   317 O  O   . PRO A 1 46  ? -0.617  -7.052  11.307  1.00 25.20 ? 46  PRO A O   1 
ATOM   318 C  CB  . PRO A 1 46  ? -0.367  -5.208  13.859  1.00 25.66 ? 46  PRO A CB  1 
ATOM   319 C  CG  . PRO A 1 46  ? 1.051   -5.304  13.422  1.00 28.97 ? 46  PRO A CG  1 
ATOM   320 C  CD  . PRO A 1 46  ? 1.471   -6.677  13.891  1.00 26.64 ? 46  PRO A CD  1 
ATOM   321 N  N   . PRO A 1 47  ? -2.697  -6.491  11.851  1.00 27.01 ? 47  PRO A N   1 
ATOM   322 C  CA  . PRO A 1 47  ? -3.182  -6.461  10.466  1.00 29.37 ? 47  PRO A CA  1 
ATOM   323 C  C   . PRO A 1 47  ? -2.427  -5.373  9.678   1.00 28.16 ? 47  PRO A C   1 
ATOM   324 O  O   . PRO A 1 47  ? -2.520  -4.199  10.011  1.00 24.29 ? 47  PRO A O   1 
ATOM   325 C  CB  . PRO A 1 47  ? -4.693  -6.097  10.598  1.00 27.70 ? 47  PRO A CB  1 
ATOM   326 C  CG  . PRO A 1 47  ? -5.011  -6.311  12.053  1.00 30.77 ? 47  PRO A CG  1 
ATOM   327 C  CD  . PRO A 1 47  ? -3.741  -6.139  12.827  1.00 28.04 ? 47  PRO A CD  1 
ATOM   328 N  N   . LEU A 1 48  ? -1.697  -5.795  8.650   1.00 23.48 ? 48  LEU A N   1 
ATOM   329 C  CA  . LEU A 1 48  ? -0.833  -4.898  7.912   1.00 25.16 ? 48  LEU A CA  1 
ATOM   330 C  C   . LEU A 1 48  ? -0.468  -5.489  6.562   1.00 24.71 ? 48  LEU A C   1 
ATOM   331 O  O   . LEU A 1 48  ? -0.110  -6.646  6.477   1.00 23.03 ? 48  LEU A O   1 
ATOM   332 C  CB  . LEU A 1 48  ? 0.447   -4.638  8.715   1.00 21.60 ? 48  LEU A CB  1 
ATOM   333 C  CG  . LEU A 1 48  ? 1.648   -3.959  8.011   1.00 26.43 ? 48  LEU A CG  1 
ATOM   334 C  CD1 . LEU A 1 48  ? 1.298   -2.500  7.693   1.00 23.02 ? 48  LEU A CD1 1 
ATOM   335 C  CD2 . LEU A 1 48  ? 2.772   -3.998  9.006   1.00 20.00 ? 48  LEU A CD2 1 
ATOM   336 N  N   . LYS A 1 49  ? -0.595  -4.683  5.515   1.00 22.99 ? 49  LYS A N   1 
ATOM   337 C  CA  . LYS A 1 49  ? 0.048   -4.969  4.230   1.00 27.04 ? 49  LYS A CA  1 
ATOM   338 C  C   . LYS A 1 49  ? 1.281   -4.114  4.109   1.00 23.96 ? 49  LYS A C   1 
ATOM   339 O  O   . LYS A 1 49  ? 1.177   -2.919  3.997   1.00 24.66 ? 49  LYS A O   1 
ATOM   340 C  CB  . LYS A 1 49  ? -0.900  -4.717  3.041   1.00 23.80 ? 49  LYS A CB  1 
ATOM   341 C  CG  . LYS A 1 49  ? -0.284  -4.883  1.665   1.00 27.82 ? 49  LYS A CG  1 
ATOM   342 C  CD  . LYS A 1 49  ? 0.362   -6.251  1.440   1.00 30.00 ? 49  LYS A CD  1 
ATOM   343 C  CE  . LYS A 1 49  ? -0.655  -7.365  1.264   1.00 34.36 ? 49  LYS A CE  1 
ATOM   344 N  NZ  . LYS A 1 49  ? -1.555  -7.163  0.103   1.00 37.51 ? 49  LYS A NZ  1 
ATOM   345 N  N   . LEU A 1 50  ? 2.453   -4.725  4.091   1.00 24.27 ? 50  LEU A N   1 
ATOM   346 C  CA  . LEU A 1 50  ? 3.677   -3.975  3.980   1.00 24.54 ? 50  LEU A CA  1 
ATOM   347 C  C   . LEU A 1 50  ? 4.237   -4.097  2.590   1.00 26.91 ? 50  LEU A C   1 
ATOM   348 O  O   . LEU A 1 50  ? 4.528   -5.214  2.133   1.00 25.97 ? 50  LEU A O   1 
ATOM   349 C  CB  . LEU A 1 50  ? 4.690   -4.454  5.024   1.00 21.98 ? 50  LEU A CB  1 
ATOM   350 C  CG  . LEU A 1 50  ? 6.088   -3.759  4.890   1.00 25.03 ? 50  LEU A CG  1 
ATOM   351 C  CD1 . LEU A 1 50  ? 6.031   -2.264  5.224   1.00 22.03 ? 50  LEU A CD1 1 
ATOM   352 C  CD2 . LEU A 1 50  ? 7.018   -4.443  5.861   1.00 23.33 ? 50  LEU A CD2 1 
ATOM   353 N  N   . VAL A 1 51  ? 4.371   -2.957  1.898   1.00 23.07 ? 51  VAL A N   1 
ATOM   354 C  CA  . VAL A 1 51  ? 4.875   -2.915  0.549   1.00 23.96 ? 51  VAL A CA  1 
ATOM   355 C  C   . VAL A 1 51  ? 6.313   -2.318  0.523   1.00 26.37 ? 51  VAL A C   1 
ATOM   356 O  O   . VAL A 1 51  ? 6.523   -1.185  0.944   1.00 23.84 ? 51  VAL A O   1 
ATOM   357 C  CB  . VAL A 1 51  ? 3.944   -2.113  -0.364  1.00 25.54 ? 51  VAL A CB  1 
ATOM   358 C  CG1 . VAL A 1 51  ? 4.482   -2.013  -1.768  1.00 26.86 ? 51  VAL A CG1 1 
ATOM   359 C  CG2 . VAL A 1 51  ? 2.559   -2.716  -0.399  1.00 26.99 ? 51  VAL A CG2 1 
ATOM   360 N  N   . LEU A 1 52  ? 7.303   -3.071  0.009   1.00 25.23 ? 52  LEU A N   1 
ATOM   361 C  CA  . LEU A 1 52  ? 8.676   -2.520  -0.158  1.00 23.90 ? 52  LEU A CA  1 
ATOM   362 C  C   . LEU A 1 52  ? 8.954   -2.276  -1.615  1.00 27.63 ? 52  LEU A C   1 
ATOM   363 O  O   . LEU A 1 52  ? 9.012   -3.212  -2.406  1.00 30.21 ? 52  LEU A O   1 
ATOM   364 C  CB  . LEU A 1 52  ? 9.740   -3.452  0.393   1.00 18.31 ? 52  LEU A CB  1 
ATOM   365 C  CG  . LEU A 1 52  ? 9.518   -3.942  1.815   1.00 24.97 ? 52  LEU A CG  1 
ATOM   366 C  CD1 . LEU A 1 52  ? 10.493  -5.071  2.200   1.00 24.04 ? 52  LEU A CD1 1 
ATOM   367 C  CD2 . LEU A 1 52  ? 9.532   -2.810  2.828   1.00 18.95 ? 52  LEU A CD2 1 
ATOM   368 N  N   . ILE A 1 53  ? 9.149   -1.018  -1.976  1.00 28.36 ? 53  ILE A N   1 
ATOM   369 C  CA  . ILE A 1 53  ? 9.566   -0.677  -3.291  1.00 26.66 ? 53  ILE A CA  1 
ATOM   370 C  C   . ILE A 1 53  ? 11.040  -0.207  -3.270  1.00 32.17 ? 53  ILE A C   1 
ATOM   371 O  O   . ILE A 1 53  ? 11.425  0.615   -2.459  1.00 27.44 ? 53  ILE A O   1 
ATOM   372 C  CB  . ILE A 1 53  ? 8.643   0.394   -3.833  1.00 30.02 ? 53  ILE A CB  1 
ATOM   373 C  CG1 . ILE A 1 53  ? 7.202   -0.118  -3.808  1.00 26.02 ? 53  ILE A CG1 1 
ATOM   374 C  CG2 . ILE A 1 53  ? 9.093   0.891   -5.210  1.00 26.90 ? 53  ILE A CG2 1 
ATOM   375 C  CD1 . ILE A 1 53  ? 6.217   1.016   -3.813  1.00 24.86 ? 53  ILE A CD1 1 
ATOM   376 N  N   . GLU A 1 54  ? 11.859  -0.746  -4.177  1.00 31.10 ? 54  GLU A N   1 
ATOM   377 C  CA  . GLU A 1 54  ? 13.273  -0.416  -4.262  1.00 29.93 ? 54  GLU A CA  1 
ATOM   378 C  C   . GLU A 1 54  ? 13.474  0.933   -4.925  1.00 32.20 ? 54  GLU A C   1 
ATOM   379 O  O   . GLU A 1 54  ? 13.041  1.148   -6.051  1.00 33.48 ? 54  GLU A O   1 
ATOM   380 C  CB  . GLU A 1 54  ? 14.011  -1.479  -5.051  1.00 32.54 ? 54  GLU A CB  1 
ATOM   381 C  CG  . GLU A 1 54  ? 15.515  -1.324  -4.885  1.00 41.17 ? 54  GLU A CG  1 
ATOM   382 C  CD  . GLU A 1 54  ? 16.285  -2.558  -5.253  1.00 42.69 ? 54  GLU A CD  1 
ATOM   383 O  OE1 . GLU A 1 54  ? 16.202  -3.008  -6.422  1.00 39.51 ? 54  GLU A OE1 1 
ATOM   384 O  OE2 . GLU A 1 54  ? 16.986  -3.058  -4.351  1.00 46.56 ? 54  GLU A OE2 1 
ATOM   385 N  N   . GLY A 1 55  ? 14.068  1.868   -4.202  1.00 34.67 ? 55  GLY A N   1 
ATOM   386 C  CA  . GLY A 1 55  ? 14.356  3.178   -4.757  1.00 43.33 ? 55  GLY A CA  1 
ATOM   387 C  C   . GLY A 1 55  ? 15.672  3.101   -5.509  1.00 45.85 ? 55  GLY A C   1 
ATOM   388 O  O   . GLY A 1 55  ? 16.594  2.436   -5.068  1.00 51.12 ? 55  GLY A O   1 
ATOM   389 N  N   . ALA A 1 56  ? 15.770  3.792   -6.639  1.00 49.93 ? 56  ALA A N   1 
ATOM   390 C  CA  . ALA A 1 56  ? 17.050  3.898   -7.342  1.00 58.84 ? 56  ALA A CA  1 
ATOM   391 C  C   . ALA A 1 56  ? 18.028  4.933   -6.709  1.00 57.92 ? 56  ALA A C   1 
ATOM   392 O  O   . ALA A 1 56  ? 18.008  6.105   -7.074  1.00 70.61 ? 56  ALA A O   1 
ATOM   393 C  CB  . ALA A 1 56  ? 16.797  4.198   -8.814  1.00 58.53 ? 56  ALA A CB  1 
ATOM   394 N  N   . GLY A 1 57  ? 18.859  4.506   -5.758  1.00 54.38 ? 57  GLY A N   1 
ATOM   395 C  CA  . GLY A 1 57  ? 19.851  5.395   -5.126  1.00 51.92 ? 57  GLY A CA  1 
ATOM   396 C  C   . GLY A 1 57  ? 19.400  6.595   -4.282  1.00 51.66 ? 57  GLY A C   1 
ATOM   397 O  O   . GLY A 1 57  ? 19.984  7.684   -4.395  1.00 52.16 ? 57  GLY A O   1 
ATOM   398 N  N   . GLU A 1 58  ? 18.366  6.419   -3.445  1.00 50.55 ? 58  GLU A N   1 
ATOM   399 C  CA  . GLU A 1 58  ? 18.127  7.338   -2.313  1.00 53.08 ? 58  GLU A CA  1 
ATOM   400 C  C   . GLU A 1 58  ? 19.019  6.898   -1.151  1.00 47.10 ? 58  GLU A C   1 
ATOM   401 O  O   . GLU A 1 58  ? 19.470  5.767   -1.102  1.00 42.48 ? 58  GLU A O   1 
ATOM   402 C  CB  . GLU A 1 58  ? 16.661  7.371   -1.884  1.00 57.37 ? 58  GLU A CB  1 
ATOM   403 N  N   . ASP A 1 59  ? 19.310  7.803   -0.235  1.00 45.57 ? 59  ASP A N   1 
ATOM   404 C  CA  . ASP A 1 59  ? 20.200  7.451   0.876   1.00 48.36 ? 59  ASP A CA  1 
ATOM   405 C  C   . ASP A 1 59  ? 19.504  6.637   2.002   1.00 44.57 ? 59  ASP A C   1 
ATOM   406 O  O   . ASP A 1 59  ? 20.144  5.923   2.793   1.00 46.60 ? 59  ASP A O   1 
ATOM   407 C  CB  . ASP A 1 59  ? 20.979  8.690   1.413   1.00 49.29 ? 59  ASP A CB  1 
ATOM   408 C  CG  . ASP A 1 59  ? 20.135  10.004  1.435   1.00 59.22 ? 59  ASP A CG  1 
ATOM   409 O  OD1 . ASP A 1 59  ? 18.879  9.978   1.540   1.00 60.53 ? 59  ASP A OD1 1 
ATOM   410 O  OD2 . ASP A 1 59  ? 20.760  11.091  1.355   1.00 66.09 ? 59  ASP A OD2 1 
ATOM   411 N  N   . ALA A 1 60  ? 18.182  6.723   2.029   1.00 38.48 ? 60  ALA A N   1 
ATOM   412 C  CA  . ALA A 1 60  ? 17.419  6.357   3.175   1.00 35.71 ? 60  ALA A CA  1 
ATOM   413 C  C   . ALA A 1 60  ? 16.018  5.949   2.755   1.00 30.40 ? 60  ALA A C   1 
ATOM   414 O  O   . ALA A 1 60  ? 15.537  6.344   1.692   1.00 36.52 ? 60  ALA A O   1 
ATOM   415 C  CB  . ALA A 1 60  ? 17.382  7.516   4.177   1.00 24.21 ? 60  ALA A CB  1 
ATOM   416 N  N   . THR A 1 61  ? 15.402  5.117   3.597   1.00 31.94 ? 61  THR A N   1 
ATOM   417 C  CA  . THR A 1 61  ? 14.019  4.712   3.468   1.00 29.84 ? 61  THR A CA  1 
ATOM   418 C  C   . THR A 1 61  ? 13.079  5.894   3.671   1.00 30.25 ? 61  THR A C   1 
ATOM   419 O  O   . THR A 1 61  ? 13.231  6.703   4.592   1.00 31.25 ? 61  THR A O   1 
ATOM   420 C  CB  . THR A 1 61  ? 13.657  3.600   4.455   1.00 26.90 ? 61  THR A CB  1 
ATOM   421 O  OG1 . THR A 1 61  ? 14.402  2.458   4.111   1.00 26.59 ? 61  THR A OG1 1 
ATOM   422 C  CG2 . THR A 1 61  ? 12.166  3.188   4.319   1.00 26.78 ? 61  THR A CG2 1 
ATOM   423 N  N   . ARG A 1 62  ? 12.131  6.030   2.758   1.00 28.35 ? 62  ARG A N   1 
ATOM   424 C  CA  . ARG A 1 62  ? 11.117  7.000   2.918   1.00 30.77 ? 62  ARG A CA  1 
ATOM   425 C  C   . ARG A 1 62  ? 9.780   6.447   2.467   1.00 28.51 ? 62  ARG A C   1 
ATOM   426 O  O   . ARG A 1 62  ? 9.706   5.507   1.698   1.00 28.64 ? 62  ARG A O   1 
ATOM   427 C  CB  . ARG A 1 62  ? 11.461  8.274   2.161   1.00 39.26 ? 62  ARG A CB  1 
ATOM   428 C  CG  . ARG A 1 62  ? 12.372  8.093   0.969   1.00 46.57 ? 62  ARG A CG  1 
ATOM   429 C  CD  . ARG A 1 62  ? 12.223  9.282   0.039   1.00 59.21 ? 62  ARG A CD  1 
ATOM   430 N  NE  . ARG A 1 62  ? 10.924  9.168   -0.601  1.00 57.85 ? 62  ARG A NE  1 
ATOM   431 C  CZ  . ARG A 1 62  ? 10.722  8.971   -1.898  1.00 61.52 ? 62  ARG A CZ  1 
ATOM   432 N  NH1 . ARG A 1 62  ? 11.756  8.925   -2.750  1.00 62.67 ? 62  ARG A NH1 1 
ATOM   433 N  NH2 . ARG A 1 62  ? 9.466   8.839   -2.334  1.00 58.80 ? 62  ARG A NH2 1 
ATOM   434 N  N   . LEU A 1 63  ? 8.740   7.061   2.975   1.00 26.64 ? 63  LEU A N   1 
ATOM   435 C  CA  . LEU A 1 63  ? 7.376   6.777   2.658   1.00 28.99 ? 63  LEU A CA  1 
ATOM   436 C  C   . LEU A 1 63  ? 7.107   6.894   1.174   1.00 29.28 ? 63  LEU A C   1 
ATOM   437 O  O   . LEU A 1 63  ? 7.462   7.886   0.557   1.00 30.31 ? 63  LEU A O   1 
ATOM   438 C  CB  . LEU A 1 63  ? 6.522   7.812   3.388   1.00 33.76 ? 63  LEU A CB  1 
ATOM   439 C  CG  . LEU A 1 63  ? 5.078   7.379   3.556   1.00 38.94 ? 63  LEU A CG  1 
ATOM   440 C  CD1 . LEU A 1 63  ? 5.064   6.358   4.687   1.00 33.71 ? 63  LEU A CD1 1 
ATOM   441 C  CD2 . LEU A 1 63  ? 4.150   8.566   3.859   1.00 39.42 ? 63  LEU A CD2 1 
ATOM   442 N  N   . ASP A 1 64  ? 6.488   5.871   0.585   1.00 29.47 ? 64  ASP A N   1 
ATOM   443 C  CA  . ASP A 1 64  ? 6.062   5.960   -0.813  1.00 24.36 ? 64  ASP A CA  1 
ATOM   444 C  C   . ASP A 1 64  ? 4.586   6.381   -0.821  1.00 26.15 ? 64  ASP A C   1 
ATOM   445 O  O   . ASP A 1 64  ? 4.221   7.354   -1.446  1.00 24.67 ? 64  ASP A O   1 
ATOM   446 C  CB  . ASP A 1 64  ? 6.276   4.609   -1.567  1.00 21.12 ? 64  ASP A CB  1 
ATOM   447 C  CG  . ASP A 1 64  ? 5.842   4.691   -3.012  1.00 29.72 ? 64  ASP A CG  1 
ATOM   448 O  OD1 . ASP A 1 64  ? 6.700   4.682   -3.910  1.00 32.20 ? 64  ASP A OD1 1 
ATOM   449 O  OD2 . ASP A 1 64  ? 4.630   4.853   -3.275  1.00 27.55 ? 64  ASP A OD2 1 
ATOM   450 N  N   . HIS A 1 65  ? 3.750   5.640   -0.091  1.00 25.22 ? 65  HIS A N   1 
ATOM   451 C  CA  . HIS A 1 65  ? 2.365   6.012   0.113   1.00 23.54 ? 65  HIS A CA  1 
ATOM   452 C  C   . HIS A 1 65  ? 1.811   5.189   1.243   1.00 24.84 ? 65  HIS A C   1 
ATOM   453 O  O   . HIS A 1 65  ? 2.485   4.301   1.806   1.00 26.02 ? 65  HIS A O   1 
ATOM   454 C  CB  . HIS A 1 65  ? 1.518   5.862   -1.177  1.00 22.71 ? 65  HIS A CB  1 
ATOM   455 C  CG  . HIS A 1 65  ? 1.344   4.446   -1.640  1.00 22.59 ? 65  HIS A CG  1 
ATOM   456 N  ND1 . HIS A 1 65  ? 0.279   3.673   -1.236  1.00 30.42 ? 65  HIS A ND1 1 
ATOM   457 C  CD2 . HIS A 1 65  ? 2.094   3.655   -2.449  1.00 22.66 ? 65  HIS A CD2 1 
ATOM   458 C  CE1 . HIS A 1 65  ? 0.370   2.476   -1.797  1.00 30.60 ? 65  HIS A CE1 1 
ATOM   459 N  NE2 . HIS A 1 65  ? 1.469   2.441   -2.529  1.00 26.52 ? 65  HIS A NE2 1 
ATOM   460 N  N   . LEU A 1 66  ? 0.574   5.509   1.605   1.00 24.68 ? 66  LEU A N   1 
ATOM   461 C  CA  . LEU A 1 66  ? -0.096  4.852   2.671   1.00 23.03 ? 66  LEU A CA  1 
ATOM   462 C  C   . LEU A 1 66  ? -1.413  4.351   2.094   1.00 22.30 ? 66  LEU A C   1 
ATOM   463 O  O   . LEU A 1 66  ? -1.756  4.659   0.965   1.00 22.55 ? 66  LEU A O   1 
ATOM   464 C  CB  . LEU A 1 66  ? -0.294  5.836   3.793   1.00 22.72 ? 66  LEU A CB  1 
ATOM   465 C  CG  . LEU A 1 66  ? 0.988   6.357   4.451   1.00 25.31 ? 66  LEU A CG  1 
ATOM   466 C  CD1 . LEU A 1 66  ? 0.748   7.668   5.173   1.00 23.12 ? 66  LEU A CD1 1 
ATOM   467 C  CD2 . LEU A 1 66  ? 1.540   5.319   5.414   1.00 24.28 ? 66  LEU A CD2 1 
ATOM   468 N  N   . GLY A 1 67  ? -2.146  3.550   2.831   1.00 23.90 ? 67  GLY A N   1 
ATOM   469 C  CA  . GLY A 1 67  ? -3.370  2.998   2.263   1.00 21.81 ? 67  GLY A CA  1 
ATOM   470 C  C   . GLY A 1 67  ? -4.215  2.305   3.292   1.00 26.76 ? 67  GLY A C   1 
ATOM   471 O  O   . GLY A 1 67  ? -3.802  2.090   4.423   1.00 25.84 ? 67  GLY A O   1 
ATOM   472 N  N   . VAL A 1 68  ? -5.451  2.000   2.896   1.00 30.24 ? 68  VAL A N   1 
ATOM   473 C  CA  . VAL A 1 68  ? -6.333  1.159   3.658   1.00 26.30 ? 68  VAL A CA  1 
ATOM   474 C  C   . VAL A 1 68  ? -6.808  0.084   2.716   1.00 29.68 ? 68  VAL A C   1 
ATOM   475 O  O   . VAL A 1 68  ? -7.489  0.380   1.704   1.00 27.76 ? 68  VAL A O   1 
ATOM   476 C  CB  . VAL A 1 68  ? -7.525  1.940   4.207   1.00 30.60 ? 68  VAL A CB  1 
ATOM   477 C  CG1 . VAL A 1 68  ? -8.499  0.948   4.905   1.00 29.40 ? 68  VAL A CG1 1 
ATOM   478 C  CG2 . VAL A 1 68  ? -7.007  3.020   5.182   1.00 24.43 ? 68  VAL A CG2 1 
ATOM   479 N  N   . GLU A 1 69  ? -6.468  -1.159  3.021   1.00 28.24 ? 69  GLU A N   1 
ATOM   480 C  CA  . GLU A 1 69  ? -6.942  -2.260  2.175   1.00 29.92 ? 69  GLU A CA  1 
ATOM   481 C  C   . GLU A 1 69  ? -8.279  -2.738  2.701   1.00 35.78 ? 69  GLU A C   1 
ATOM   482 O  O   . GLU A 1 69  ? -8.305  -3.236  3.807   1.00 33.49 ? 69  GLU A O   1 
ATOM   483 C  CB  . GLU A 1 69  ? -5.919  -3.412  2.153   1.00 33.85 ? 69  GLU A CB  1 
ATOM   484 C  CG  . GLU A 1 69  ? -6.292  -4.620  1.304   1.00 33.49 ? 69  GLU A CG  1 
ATOM   485 C  CD  . GLU A 1 69  ? -5.151  -5.621  1.132   1.00 38.08 ? 69  GLU A CD  1 
ATOM   486 O  OE1 . GLU A 1 69  ? -5.120  -6.366  0.147   1.00 49.75 ? 69  GLU A OE1 1 
ATOM   487 O  OE2 . GLU A 1 69  ? -4.245  -5.693  1.959   1.00 39.70 ? 69  GLU A OE2 1 
ATOM   488 N  N   . VAL A 1 70  ? -9.373  -2.562  1.925   1.00 33.74 ? 70  VAL A N   1 
ATOM   489 C  CA  . VAL A 1 70  ? -10.704 -3.113  2.261   1.00 32.91 ? 70  VAL A CA  1 
ATOM   490 C  C   . VAL A 1 70  ? -11.008 -4.467  1.582   1.00 38.99 ? 70  VAL A C   1 
ATOM   491 O  O   . VAL A 1 70  ? -10.233 -4.969  0.740   1.00 37.02 ? 70  VAL A O   1 
ATOM   492 C  CB  . VAL A 1 70  ? -11.855 -2.127  1.992   1.00 35.42 ? 70  VAL A CB  1 
ATOM   493 C  CG1 . VAL A 1 70  ? -11.684 -0.868  2.814   1.00 30.30 ? 70  VAL A CG1 1 
ATOM   494 C  CG2 . VAL A 1 70  ? -11.936 -1.789  0.498   1.00 36.09 ? 70  VAL A CG2 1 
ATOM   495 N  N   . GLU A 1 71  ? -12.140 -5.070  1.972   1.00 44.90 ? 71  GLU A N   1 
ATOM   496 C  CA  . GLU A 1 71  ? -12.442 -6.468  1.608   1.00 48.95 ? 71  GLU A CA  1 
ATOM   497 C  C   . GLU A 1 71  ? -12.907 -6.601  0.157   1.00 41.39 ? 71  GLU A C   1 
ATOM   498 O  O   . GLU A 1 71  ? -12.549 -7.559  -0.528  1.00 41.75 ? 71  GLU A O   1 
ATOM   499 C  CB  . GLU A 1 71  ? -13.454 -7.108  2.590   1.00 47.03 ? 71  GLU A CB  1 
ATOM   500 N  N   . ASP A 1 72  ? -13.692 -5.629  -0.306  1.00 39.85 ? 72  ASP A N   1 
ATOM   501 C  CA  . ASP A 1 72  ? -14.237 -5.694  -1.669  1.00 42.17 ? 72  ASP A CA  1 
ATOM   502 C  C   . ASP A 1 72  ? -14.454 -4.331  -2.292  1.00 34.94 ? 72  ASP A C   1 
ATOM   503 O  O   . ASP A 1 72  ? -14.459 -3.311  -1.583  1.00 39.39 ? 72  ASP A O   1 
ATOM   504 C  CB  . ASP A 1 72  ? -15.561 -6.430  -1.645  1.00 41.49 ? 72  ASP A CB  1 
ATOM   505 C  CG  . ASP A 1 72  ? -16.437 -5.983  -0.499  1.00 44.20 ? 72  ASP A CG  1 
ATOM   506 O  OD1 . ASP A 1 72  ? -16.680 -4.759  -0.395  1.00 44.33 ? 72  ASP A OD1 1 
ATOM   507 O  OD2 . ASP A 1 72  ? -16.861 -6.866  0.297   1.00 48.32 ? 72  ASP A OD2 1 
ATOM   508 N  N   . SER A 1 73  ? -14.699 -4.321  -3.606  1.00 38.74 ? 73  SER A N   1 
ATOM   509 C  CA  . SER A 1 73  ? -14.794 -3.068  -4.384  1.00 41.75 ? 73  SER A CA  1 
ATOM   510 C  C   . SER A 1 73  ? -15.949 -2.259  -3.889  1.00 37.24 ? 73  SER A C   1 
ATOM   511 O  O   . SER A 1 73  ? -15.985 -1.017  -4.051  1.00 38.29 ? 73  SER A O   1 
ATOM   512 C  CB  . SER A 1 73  ? -14.988 -3.352  -5.875  1.00 37.56 ? 73  SER A CB  1 
ATOM   513 O  OG  . SER A 1 73  ? -14.684 -4.700  -6.098  1.00 48.14 ? 73  SER A OG  1 
ATOM   514 N  N   . ALA A 1 74  ? -16.916 -2.973  -3.299  1.00 43.00 ? 74  ALA A N   1 
ATOM   515 C  CA  . ALA A 1 74  ? -18.124 -2.324  -2.751  1.00 41.37 ? 74  ALA A CA  1 
ATOM   516 C  C   . ALA A 1 74  ? -17.686 -1.287  -1.696  1.00 36.90 ? 74  ALA A C   1 
ATOM   517 O  O   . ALA A 1 74  ? -18.096 -0.124  -1.752  1.00 37.25 ? 74  ALA A O   1 
ATOM   518 C  CB  . ALA A 1 74  ? -19.078 -3.375  -2.172  1.00 39.93 ? 74  ALA A CB  1 
ATOM   519 N  N   . GLN A 1 75  ? -16.831 -1.737  -0.768  1.00 32.71 ? 75  GLN A N   1 
ATOM   520 C  CA  . GLN A 1 75  ? -16.232 -0.916  0.282   1.00 34.88 ? 75  GLN A CA  1 
ATOM   521 C  C   . GLN A 1 75  ? -15.381 0.237   -0.285  1.00 38.71 ? 75  GLN A C   1 
ATOM   522 O  O   . GLN A 1 75  ? -15.448 1.363   0.205   1.00 34.26 ? 75  GLN A O   1 
ATOM   523 C  CB  . GLN A 1 75  ? -15.380 -1.790  1.218   1.00 39.04 ? 75  GLN A CB  1 
ATOM   524 C  CG  . GLN A 1 75  ? -16.145 -2.451  2.365   1.00 50.14 ? 75  GLN A CG  1 
ATOM   525 C  CD  . GLN A 1 75  ? -15.282 -3.426  3.179   1.00 57.42 ? 75  GLN A CD  1 
ATOM   526 O  OE1 . GLN A 1 75  ? -15.230 -4.629  2.887   1.00 61.72 ? 75  GLN A OE1 1 
ATOM   527 N  NE2 . GLN A 1 75  ? -14.594 -2.908  4.202   1.00 60.25 ? 75  GLN A NE2 1 
ATOM   528 N  N   . VAL A 1 76  ? -14.590 -0.039  -1.323  1.00 34.81 ? 76  VAL A N   1 
ATOM   529 C  CA  . VAL A 1 76  ? -13.888 1.027   -2.026  1.00 31.82 ? 76  VAL A CA  1 
ATOM   530 C  C   . VAL A 1 76  ? -14.809 2.126   -2.518  1.00 32.50 ? 76  VAL A C   1 
ATOM   531 O  O   . VAL A 1 76  ? -14.493 3.303   -2.370  1.00 34.07 ? 76  VAL A O   1 
ATOM   532 C  CB  . VAL A 1 76  ? -13.044 0.524   -3.211  1.00 34.34 ? 76  VAL A CB  1 
ATOM   533 C  CG1 . VAL A 1 76  ? -12.320 1.721   -3.883  1.00 25.42 ? 76  VAL A CG1 1 
ATOM   534 C  CG2 . VAL A 1 76  ? -12.018 -0.464  -2.717  1.00 27.46 ? 76  VAL A CG2 1 
ATOM   535 N  N   . GLY A 1 77  ? -15.937 1.761   -3.125  1.00 36.17 ? 77  GLY A N   1 
ATOM   536 C  CA  . GLY A 1 77  ? -16.882 2.776   -3.599  1.00 30.51 ? 77  GLY A CA  1 
ATOM   537 C  C   . GLY A 1 77  ? -17.590 3.552   -2.477  1.00 32.68 ? 77  GLY A C   1 
ATOM   538 O  O   . GLY A 1 77  ? -17.821 4.748   -2.600  1.00 36.10 ? 77  GLY A O   1 
ATOM   539 N  N   . HIS A 1 78  ? -17.948 2.882   -1.379  1.00 35.68 ? 78  HIS A N   1 
ATOM   540 C  CA  . HIS A 1 78  ? -18.483 3.592   -0.192  1.00 32.36 ? 78  HIS A CA  1 
ATOM   541 C  C   . HIS A 1 78  ? -17.502 4.660   0.296   1.00 35.92 ? 78  HIS A C   1 
ATOM   542 O  O   . HIS A 1 78  ? -17.872 5.839   0.517   1.00 31.73 ? 78  HIS A O   1 
ATOM   543 C  CB  . HIS A 1 78  ? -18.834 2.601   0.916   1.00 36.00 ? 78  HIS A CB  1 
ATOM   544 N  N   . ALA A 1 79  ? -16.214 4.263   0.367   1.00 33.92 ? 79  ALA A N   1 
ATOM   545 C  CA  . ALA A 1 79  ? -15.140 5.117   0.854   1.00 29.30 ? 79  ALA A CA  1 
ATOM   546 C  C   . ALA A 1 79  ? -14.958 6.332   -0.094  1.00 29.95 ? 79  ALA A C   1 
ATOM   547 O  O   . ALA A 1 79  ? -14.877 7.514   0.332   1.00 32.57 ? 79  ALA A O   1 
ATOM   548 C  CB  . ALA A 1 79  ? -13.854 4.296   1.019   1.00 30.59 ? 79  ALA A CB  1 
ATOM   549 N  N   . ALA A 1 80  ? -14.975 6.048   -1.392  1.00 32.97 ? 80  ALA A N   1 
ATOM   550 C  CA  . ALA A 1 80  ? -14.925 7.112   -2.403  1.00 32.65 ? 80  ALA A CA  1 
ATOM   551 C  C   . ALA A 1 80  ? -16.023 8.164   -2.201  1.00 32.55 ? 80  ALA A C   1 
ATOM   552 O  O   . ALA A 1 80  ? -15.728 9.346   -2.156  1.00 32.20 ? 80  ALA A O   1 
ATOM   553 C  CB  . ALA A 1 80  ? -15.021 6.510   -3.802  1.00 31.62 ? 80  ALA A CB  1 
ATOM   554 N  N   . ARG A 1 81  ? -17.283 7.712   -2.105  1.00 38.67 ? 81  ARG A N   1 
ATOM   555 C  CA  . ARG A 1 81  ? -18.450 8.619   -1.982  1.00 34.84 ? 81  ARG A CA  1 
ATOM   556 C  C   . ARG A 1 81  ? -18.387 9.416   -0.699  1.00 37.80 ? 81  ARG A C   1 
ATOM   557 O  O   . ARG A 1 81  ? -18.499 10.648  -0.726  1.00 41.40 ? 81  ARG A O   1 
ATOM   558 C  CB  . ARG A 1 81  ? -19.768 7.841   -2.058  1.00 34.47 ? 81  ARG A CB  1 
ATOM   559 N  N   . ARG A 1 82  ? -18.173 8.716   0.419   1.00 34.69 ? 82  ARG A N   1 
ATOM   560 C  CA  . ARG A 1 82  ? -17.932 9.364   1.723   1.00 36.50 ? 82  ARG A CA  1 
ATOM   561 C  C   . ARG A 1 82  ? -16.781 10.422  1.742   1.00 38.02 ? 82  ARG A C   1 
ATOM   562 O  O   . ARG A 1 82  ? -16.957 11.515  2.330   1.00 42.25 ? 82  ARG A O   1 
ATOM   563 C  CB  . ARG A 1 82  ? -17.703 8.310   2.819   1.00 36.48 ? 82  ARG A CB  1 
ATOM   564 C  CG  . ARG A 1 82  ? -17.355 8.908   4.175   1.00 36.32 ? 82  ARG A CG  1 
ATOM   565 C  CD  . ARG A 1 82  ? -17.187 7.861   5.263   1.00 42.48 ? 82  ARG A CD  1 
ATOM   566 N  NE  . ARG A 1 82  ? -16.029 6.953   5.107   1.00 43.43 ? 82  ARG A NE  1 
ATOM   567 C  CZ  . ARG A 1 82  ? -14.743 7.291   5.323   1.00 38.20 ? 82  ARG A CZ  1 
ATOM   568 N  NH1 . ARG A 1 82  ? -14.400 8.516   5.682   1.00 35.44 ? 82  ARG A NH1 1 
ATOM   569 N  NH2 . ARG A 1 82  ? -13.795 6.391   5.162   1.00 38.69 ? 82  ARG A NH2 1 
ATOM   570 N  N   . LEU A 1 83  ? -15.618 10.100  1.137   1.00 31.64 ? 83  LEU A N   1 
ATOM   571 C  CA  . LEU A 1 83  ? -14.500 11.068  1.094   1.00 35.46 ? 83  LEU A CA  1 
ATOM   572 C  C   . LEU A 1 83  ? -14.822 12.269  0.227   1.00 33.78 ? 83  LEU A C   1 
ATOM   573 O  O   . LEU A 1 83  ? -14.465 13.399  0.564   1.00 36.78 ? 83  LEU A O   1 
ATOM   574 C  CB  . LEU A 1 83  ? -13.222 10.420  0.593   1.00 31.11 ? 83  LEU A CB  1 
ATOM   575 C  CG  . LEU A 1 83  ? -12.648 9.340   1.477   1.00 32.56 ? 83  LEU A CG  1 
ATOM   576 C  CD1 . LEU A 1 83  ? -11.410 8.672   0.847   1.00 34.67 ? 83  LEU A CD1 1 
ATOM   577 C  CD2 . LEU A 1 83  ? -12.341 9.948   2.834   1.00 33.96 ? 83  LEU A CD2 1 
ATOM   578 N  N   . LYS A 1 84  ? -15.489 12.014  -0.906  1.00 38.51 ? 84  LYS A N   1 
ATOM   579 C  CA  . LYS A 1 84  ? -15.929 13.092  -1.823  1.00 41.95 ? 84  LYS A CA  1 
ATOM   580 C  C   . LYS A 1 84  ? -16.944 13.984  -1.104  1.00 40.72 ? 84  LYS A C   1 
ATOM   581 O  O   . LYS A 1 84  ? -16.852 15.244  -1.127  1.00 41.42 ? 84  LYS A O   1 
ATOM   582 C  CB  . LYS A 1 84  ? -16.516 12.506  -3.117  1.00 39.66 ? 84  LYS A CB  1 
ATOM   583 C  CG  . LYS A 1 84  ? -15.645 12.688  -4.355  1.00 44.55 ? 84  LYS A CG  1 
ATOM   584 C  CD  . LYS A 1 84  ? -15.698 11.486  -5.305  1.00 43.53 ? 84  LYS A CD  1 
ATOM   585 C  CE  . LYS A 1 84  ? -17.045 10.793  -5.345  1.00 44.94 ? 84  LYS A CE  1 
ATOM   586 N  NZ  . LYS A 1 84  ? -17.170 9.968   -6.574  1.00 55.20 ? 84  LYS A NZ  1 
ATOM   587 N  N   . GLU A 1 85  ? -17.843 13.336  -0.371  1.00 37.19 ? 85  GLU A N   1 
ATOM   588 C  CA  . GLU A 1 85  ? -18.818 14.109  0.395   1.00 43.98 ? 85  GLU A CA  1 
ATOM   589 C  C   . GLU A 1 85  ? -18.266 14.920  1.552   1.00 48.08 ? 85  GLU A C   1 
ATOM   590 O  O   . GLU A 1 85  ? -18.807 15.962  1.887   1.00 43.18 ? 85  GLU A O   1 
ATOM   591 C  CB  . GLU A 1 85  ? -20.022 13.271  0.793   1.00 44.82 ? 85  GLU A CB  1 
ATOM   592 C  CG  . GLU A 1 85  ? -21.250 13.656  -0.038  1.00 48.78 ? 85  GLU A CG  1 
ATOM   593 C  CD  . GLU A 1 85  ? -22.108 12.480  -0.421  1.00 55.60 ? 85  GLU A CD  1 
ATOM   594 O  OE1 . GLU A 1 85  ? -22.079 11.459  0.303   1.00 59.86 ? 85  GLU A OE1 1 
ATOM   595 O  OE2 . GLU A 1 85  ? -22.822 12.596  -1.440  1.00 59.89 ? 85  GLU A OE2 1 
ATOM   596 N  N   . SER A 1 86  ? -17.155 14.480  2.134   1.00 44.74 ? 86  SER A N   1 
ATOM   597 C  CA  . SER A 1 86  ? -16.543 15.258  3.215   1.00 41.28 ? 86  SER A CA  1 
ATOM   598 C  C   . SER A 1 86  ? -15.720 16.470  2.715   1.00 41.41 ? 86  SER A C   1 
ATOM   599 O  O   . SER A 1 86  ? -15.163 17.225  3.531   1.00 42.96 ? 86  SER A O   1 
ATOM   600 C  CB  . SER A 1 86  ? -15.737 14.355  4.156   1.00 42.88 ? 86  SER A CB  1 
ATOM   601 O  OG  . SER A 1 86  ? -14.389 14.356  3.756   1.00 48.98 ? 86  SER A OG  1 
ATOM   602 N  N   . GLY A 1 87  ? -15.671 16.660  1.390   1.00 43.66 ? 87  GLY A N   1 
ATOM   603 C  CA  . GLY A 1 87  ? -14.924 17.744  0.760   1.00 37.68 ? 87  GLY A CA  1 
ATOM   604 C  C   . GLY A 1 87  ? -13.488 17.434  0.320   1.00 38.21 ? 87  GLY A C   1 
ATOM   605 O  O   . GLY A 1 87  ? -12.702 18.350  0.067   1.00 36.39 ? 87  GLY A O   1 
ATOM   606 N  N   . LEU A 1 88  ? -13.118 16.154  0.229   1.00 36.72 ? 88  LEU A N   1 
ATOM   607 C  CA  . LEU A 1 88  ? -11.740 15.836  -0.233  1.00 39.61 ? 88  LEU A CA  1 
ATOM   608 C  C   . LEU A 1 88  ? -11.638 15.644  -1.752  1.00 36.05 ? 88  LEU A C   1 
ATOM   609 O  O   . LEU A 1 88  ? -12.513 15.049  -2.338  1.00 37.49 ? 88  LEU A O   1 
ATOM   610 C  CB  . LEU A 1 88  ? -11.198 14.605  0.503   1.00 33.68 ? 88  LEU A CB  1 
ATOM   611 C  CG  . LEU A 1 88  ? -11.065 14.717  2.026   1.00 35.99 ? 88  LEU A CG  1 
ATOM   612 C  CD1 . LEU A 1 88  ? -10.822 13.334  2.578   1.00 32.70 ? 88  LEU A CD1 1 
ATOM   613 C  CD2 . LEU A 1 88  ? -9.895  15.608  2.320   1.00 28.09 ? 88  LEU A CD2 1 
ATOM   614 N  N   . ALA A 1 89  ? -10.571 16.153  -2.362  1.00 38.42 ? 89  ALA A N   1 
ATOM   615 C  CA  . ALA A 1 89  ? -10.225 15.851  -3.766  1.00 41.23 ? 89  ALA A CA  1 
ATOM   616 C  C   . ALA A 1 89  ? -9.842  14.385  -3.878  1.00 35.57 ? 89  ALA A C   1 
ATOM   617 O  O   . ALA A 1 89  ? -8.932  13.938  -3.162  1.00 40.60 ? 89  ALA A O   1 
ATOM   618 C  CB  . ALA A 1 89  ? -9.049  16.728  -4.195  1.00 35.99 ? 89  ALA A CB  1 
ATOM   619 N  N   . THR A 1 90  ? -10.557 13.636  -4.727  1.00 35.51 ? 90  THR A N   1 
ATOM   620 C  CA  . THR A 1 90  ? -10.369 12.185  -4.918  1.00 33.63 ? 90  THR A CA  1 
ATOM   621 C  C   . THR A 1 90  ? -9.949  11.762  -6.353  1.00 40.08 ? 90  THR A C   1 
ATOM   622 O  O   . THR A 1 90  ? -10.196 12.533  -7.308  1.00 43.91 ? 90  THR A O   1 
ATOM   623 C  CB  . THR A 1 90  ? -11.599 11.345  -4.474  1.00 34.05 ? 90  THR A CB  1 
ATOM   624 O  OG1 . THR A 1 90  ? -12.702 11.505  -5.384  1.00 38.13 ? 90  THR A OG1 1 
ATOM   625 C  CG2 . THR A 1 90  ? -12.046 11.652  -3.052  1.00 31.84 ? 90  THR A CG2 1 
ATOM   626 N  N   . VAL A 1 91  ? -9.297  10.581  -6.510  1.00 34.00 ? 91  VAL A N   1 
ATOM   627 C  CA  . VAL A 1 91  ? -9.046  9.987   -7.835  1.00 30.10 ? 91  VAL A CA  1 
ATOM   628 C  C   . VAL A 1 91  ? -9.349  8.517   -7.780  1.00 33.32 ? 91  VAL A C   1 
ATOM   629 O  O   . VAL A 1 91  ? -8.716  7.776   -7.003  1.00 35.03 ? 91  VAL A O   1 
ATOM   630 C  CB  . VAL A 1 91  ? -7.601  10.101  -8.276  1.00 33.72 ? 91  VAL A CB  1 
ATOM   631 C  CG1 . VAL A 1 91  ? -7.485  9.600   -9.711  1.00 32.11 ? 91  VAL A CG1 1 
ATOM   632 C  CG2 . VAL A 1 91  ? -7.142  11.525  -8.190  1.00 35.24 ? 91  VAL A CG2 1 
ATOM   633 N  N   . GLU A 1 92  ? -10.304 8.082   -8.584  1.00 34.51 ? 92  GLU A N   1 
ATOM   634 C  CA  . GLU A 1 92  ? -10.703 6.726   -8.584  1.00 37.39 ? 92  GLU A CA  1 
ATOM   635 C  C   . GLU A 1 92  ? -10.045 5.992   -9.726  1.00 39.09 ? 92  GLU A C   1 
ATOM   636 O  O   . GLU A 1 92  ? -9.782  6.582   -10.774 1.00 38.06 ? 92  GLU A O   1 
ATOM   637 C  CB  . GLU A 1 92  ? -12.202 6.645   -8.726  1.00 41.78 ? 92  GLU A CB  1 
ATOM   638 C  CG  . GLU A 1 92  ? -12.978 6.567   -7.422  1.00 42.37 ? 92  GLU A CG  1 
ATOM   639 C  CD  . GLU A 1 92  ? -14.378 7.130   -7.579  1.00 46.68 ? 92  GLU A CD  1 
ATOM   640 O  OE1 . GLU A 1 92  ? -15.348 6.330   -7.600  1.00 53.49 ? 92  GLU A OE1 1 
ATOM   641 O  OE2 . GLU A 1 92  ? -14.511 8.376   -7.698  1.00 44.53 ? 92  GLU A OE2 1 
ATOM   642 N  N   . GLU A 1 93  ? -9.786  4.699   -9.503  1.00 37.40 ? 93  GLU A N   1 
ATOM   643 C  CA  . GLU A 1 93  ? -9.161  3.798   -10.473 1.00 41.60 ? 93  GLU A CA  1 
ATOM   644 C  C   . GLU A 1 93  ? -9.950  2.480   -10.442 1.00 47.78 ? 93  GLU A C   1 
ATOM   645 O  O   . GLU A 1 93  ? -10.332 2.033   -9.361  1.00 43.98 ? 93  GLU A O   1 
ATOM   646 C  CB  . GLU A 1 93  ? -7.746  3.454   -10.028 1.00 42.44 ? 93  GLU A CB  1 
ATOM   647 C  CG  . GLU A 1 93  ? -6.721  4.561   -9.944  1.00 40.86 ? 93  GLU A CG  1 
ATOM   648 C  CD  . GLU A 1 93  ? -5.357  3.957   -9.637  1.00 40.48 ? 93  GLU A CD  1 
ATOM   649 O  OE1 . GLU A 1 93  ? -5.094  3.586   -8.480  1.00 44.45 ? 93  GLU A OE1 1 
ATOM   650 O  OE2 . GLU A 1 93  ? -4.548  3.796   -10.545 1.00 53.87 ? 93  GLU A OE2 1 
ATOM   651 N  N   . ASN A 1 94  ? -10.197 1.855   -11.593 1.00 46.52 ? 94  ASN A N   1 
ATOM   652 C  CA  . ASN A 1 94  ? -10.882 0.555   -11.634 1.00 44.75 ? 94  ASN A CA  1 
ATOM   653 C  C   . ASN A 1 94  ? -10.148 -0.423  -12.516 1.00 52.56 ? 94  ASN A C   1 
ATOM   654 O  O   . ASN A 1 94  ? -9.695  -0.049  -13.615 1.00 55.93 ? 94  ASN A O   1 
ATOM   655 C  CB  . ASN A 1 94  ? -12.341 0.715   -12.081 1.00 54.97 ? 94  ASN A CB  1 
ATOM   656 C  CG  . ASN A 1 94  ? -13.101 1.711   -11.228 1.00 55.70 ? 94  ASN A CG  1 
ATOM   657 O  OD1 . ASN A 1 94  ? -13.497 2.779   -11.715 1.00 56.70 ? 94  ASN A OD1 1 
ATOM   658 N  ND2 . ASN A 1 94  ? -13.267 1.393   -9.929  1.00 57.65 ? 94  ASN A ND2 1 
ATOM   659 N  N   . ASP A 1 95  ? -10.004 -1.664  -12.040 1.00 48.78 ? 95  ASP A N   1 
ATOM   660 C  CA  . ASP A 1 95  ? -9.310  -2.747  -12.797 1.00 50.99 ? 95  ASP A CA  1 
ATOM   661 C  C   . ASP A 1 95  ? -8.007  -2.302  -13.414 1.00 48.56 ? 95  ASP A C   1 
ATOM   662 C  CB  . ASP A 1 95  ? -10.242 -3.385  -13.810 1.00 56.75 ? 95  ASP A CB  1 
ATOM   663 C  CG  . ASP A 1 95  ? -11.370 -4.108  -13.129 1.00 62.05 ? 95  ASP A CG  1 
ATOM   664 O  OD1 . ASP A 1 95  ? -11.065 -5.151  -12.507 1.00 50.71 ? 95  ASP A OD1 1 
ATOM   665 O  OD2 . ASP A 1 95  ? -12.526 -3.608  -13.158 1.00 68.52 ? 95  ASP A OD2 1 
ATOM   666 N  N   . THR A 1 96  ? -7.264  -1.740  -12.470 1.00 46.77 ? 96  THR A N   1 
ATOM   667 C  CA  . THR A 1 96  ? -6.047  -1.040  -12.747 1.00 55.69 ? 96  THR A CA  1 
ATOM   668 C  C   . THR A 1 96  ? -4.869  -1.847  -12.239 1.00 57.61 ? 96  THR A C   1 
ATOM   669 C  CB  . THR A 1 96  ? -6.090  0.405   -12.193 1.00 52.88 ? 96  THR A CB  1 
ATOM   670 O  OG1 . THR A 1 96  ? -6.552  1.296   -13.227 1.00 55.53 ? 96  THR A OG1 1 
ATOM   671 C  CG2 . THR A 1 96  ? -4.724  0.844   -11.748 1.00 51.24 ? 96  THR A CG2 1 
ATOM   672 N  N   . ALA A 1 97  ? -4.142  -2.346  -13.234 1.00 60.65 ? 97  ALA A N   1 
ATOM   673 C  CA  . ALA A 1 97  ? -2.881  -3.022  -13.028 1.00 65.19 ? 97  ALA A CA  1 
ATOM   674 C  C   . ALA A 1 97  ? -2.063  -2.227  -11.999 1.00 60.80 ? 97  ALA A C   1 
ATOM   675 O  O   . ALA A 1 97  ? -2.648  -1.609  -11.119 1.00 65.26 ? 97  ALA A O   1 
ATOM   676 C  CB  . ALA A 1 97  ? -2.143  -3.179  -14.357 1.00 59.39 ? 97  ALA A CB  1 
ATOM   677 N  N   . CYS A 1 98  ? -0.739  -2.269  -12.113 1.00 62.22 ? 98  CYS A N   1 
ATOM   678 C  CA  . CYS A 1 98  ? 0.130   -1.539  -11.194 1.00 59.42 ? 98  CYS A CA  1 
ATOM   679 C  C   . CYS A 1 98  ? 1.342   -2.356  -10.744 1.00 67.97 ? 98  CYS A C   1 
ATOM   680 O  O   . CYS A 1 98  ? 2.308   -2.519  -11.491 1.00 71.41 ? 98  CYS A O   1 
ATOM   681 C  CB  . CYS A 1 98  ? -0.662  -1.064  -9.975  1.00 64.73 ? 98  CYS A CB  1 
ATOM   682 S  SG  . CYS A 1 98  ? 0.210   0.134   -8.938  1.00 67.61 ? 98  CYS A SG  1 
ATOM   683 N  N   . CYS A 1 99  ? 1.282   -2.860  -9.515  1.00 55.13 ? 99  CYS A N   1 
ATOM   684 C  CA  . CYS A 1 99  ? 2.396   -3.579  -8.905  1.00 56.72 ? 99  CYS A CA  1 
ATOM   685 C  C   . CYS A 1 99  ? 2.106   -5.070  -8.738  1.00 57.50 ? 99  CYS A C   1 
ATOM   686 O  O   . CYS A 1 99  ? 1.986   -5.570  -7.619  1.00 52.74 ? 99  CYS A O   1 
ATOM   687 C  CB  . CYS A 1 99  ? 2.755   -2.960  -7.553  1.00 51.01 ? 99  CYS A CB  1 
ATOM   688 S  SG  . CYS A 1 99  ? 2.653   -1.157  -7.505  1.00 61.82 ? 99  CYS A SG  1 
ATOM   689 N  N   . TYR A 1 100 ? 2.000   -5.772  -9.861  1.00 57.51 ? 100 TYR A N   1 
ATOM   690 C  CA  . TYR A 1 100 ? 1.787   -7.227  -9.870  1.00 57.35 ? 100 TYR A CA  1 
ATOM   691 C  C   . TYR A 1 100 ? 0.391   -7.665  -9.405  1.00 54.78 ? 100 TYR A C   1 
ATOM   692 O  O   . TYR A 1 100 ? 0.175   -8.853  -9.187  1.00 63.37 ? 100 TYR A O   1 
ATOM   693 C  CB  . TYR A 1 100 ? 2.942   -7.938  -9.130  1.00 54.10 ? 100 TYR A CB  1 
ATOM   694 C  CG  . TYR A 1 100 ? 4.300   -7.393  -9.560  1.00 59.67 ? 100 TYR A CG  1 
ATOM   695 C  CD1 . TYR A 1 100 ? 4.902   -6.313  -8.878  1.00 53.87 ? 100 TYR A CD1 1 
ATOM   696 C  CD2 . TYR A 1 100 ? 4.973   -7.934  -10.674 1.00 58.60 ? 100 TYR A CD2 1 
ATOM   697 C  CE1 . TYR A 1 100 ? 6.127   -5.801  -9.281  1.00 54.04 ? 100 TYR A CE1 1 
ATOM   698 C  CE2 . TYR A 1 100 ? 6.205   -7.433  -11.088 1.00 58.07 ? 100 TYR A CE2 1 
ATOM   699 C  CZ  . TYR A 1 100 ? 6.776   -6.365  -10.398 1.00 63.97 ? 100 TYR A CZ  1 
ATOM   700 O  OH  . TYR A 1 100 ? 7.997   -5.863  -10.813 1.00 65.83 ? 100 TYR A OH  1 
ATOM   701 N  N   . ALA A 1 101 ? -0.534  -6.701  -9.271  1.00 55.72 ? 101 ALA A N   1 
ATOM   702 C  CA  . ALA A 1 101 ? -1.958  -6.947  -8.927  1.00 63.96 ? 101 ALA A CA  1 
ATOM   703 C  C   . ALA A 1 101 ? -2.941  -6.078  -9.754  1.00 61.72 ? 101 ALA A C   1 
ATOM   704 O  O   . ALA A 1 101 ? -2.534  -5.195  -10.503 1.00 58.51 ? 101 ALA A O   1 
ATOM   705 C  CB  . ALA A 1 101 ? -2.201  -6.751  -7.426  1.00 58.36 ? 101 ALA A CB  1 
ATOM   706 N  N   . VAL A 1 102 ? -4.236  -6.356  -9.630  1.00 58.60 ? 102 VAL A N   1 
ATOM   707 C  CA  . VAL A 1 102 ? -5.286  -5.499  -10.212 1.00 57.10 ? 102 VAL A CA  1 
ATOM   708 C  C   . VAL A 1 102 ? -6.067  -4.916  -9.023  1.00 51.55 ? 102 VAL A C   1 
ATOM   709 O  O   . VAL A 1 102 ? -6.334  -5.616  -8.049  1.00 52.48 ? 102 VAL A O   1 
ATOM   710 C  CB  . VAL A 1 102 ? -6.230  -6.261  -11.198 1.00 52.12 ? 102 VAL A CB  1 
ATOM   711 N  N   . GLN A 1 103 ? -6.403  -3.635  -9.088  1.00 48.79 ? 103 GLN A N   1 
ATOM   712 C  CA  . GLN A 1 103 ? -7.038  -2.975  -7.973  1.00 46.65 ? 103 GLN A CA  1 
ATOM   713 C  C   . GLN A 1 103 ? -8.082  -1.972  -8.413  1.00 37.03 ? 103 GLN A C   1 
ATOM   714 C  CB  . GLN A 1 103 ? -5.994  -2.244  -7.133  1.00 45.35 ? 103 GLN A CB  1 
ATOM   715 C  CG  . GLN A 1 103 ? -4.856  -3.103  -6.621  1.00 48.35 ? 103 GLN A CG  1 
ATOM   716 C  CD  . GLN A 1 103 ? -3.558  -2.345  -6.609  1.00 60.49 ? 103 GLN A CD  1 
ATOM   717 O  OE1 . GLN A 1 103 ? -2.580  -2.747  -7.269  1.00 65.45 ? 103 GLN A OE1 1 
ATOM   718 N  NE2 . GLN A 1 103 ? -3.537  -1.216  -5.884  1.00 45.99 ? 103 GLN A NE2 1 
ATOM   719 N  N   . ASP A 1 104 ? -9.114  -1.942  -7.574  1.00 36.43 ? 104 ASP A N   1 
ATOM   720 C  CA  . ASP A 1 104 ? -10.008 -0.786  -7.521  1.00 37.42 ? 104 ASP A CA  1 
ATOM   721 C  C   . ASP A 1 104 ? -9.459  0.083   -6.398  1.00 33.58 ? 104 ASP A C   1 
ATOM   722 O  O   . ASP A 1 104 ? -9.058  -0.449  -5.371  1.00 34.29 ? 104 ASP A O   1 
ATOM   723 C  CB  . ASP A 1 104 ? -11.467 -1.204  -7.256  1.00 38.05 ? 104 ASP A CB  1 
ATOM   724 C  CG  . ASP A 1 104 ? -12.038 -2.078  -8.384  1.00 46.80 ? 104 ASP A CG  1 
ATOM   725 O  OD1 . ASP A 1 104 ? -11.392 -2.224  -9.452  1.00 42.47 ? 104 ASP A OD1 1 
ATOM   726 O  OD2 . ASP A 1 104 ? -13.126 -2.654  -8.184  1.00 49.17 ? 104 ASP A OD2 1 
ATOM   727 N  N   . ALA A 1 105 ? -9.393  1.397   -6.594  1.00 30.58 ? 105 ALA A N   1 
ATOM   728 C  CA  . ALA A 1 105 ? -8.835  2.252   -5.555  1.00 32.11 ? 105 ALA A CA  1 
ATOM   729 C  C   . ALA A 1 105 ? -9.409  3.637   -5.606  1.00 29.94 ? 105 ALA A C   1 
ATOM   730 O  O   . ALA A 1 105 ? -9.838  4.087   -6.641  1.00 30.72 ? 105 ALA A O   1 
ATOM   731 C  CB  . ALA A 1 105 ? -7.292  2.304   -5.659  1.00 26.89 ? 105 ALA A CB  1 
ATOM   732 N  N   . VAL A 1 106 ? -9.430  4.301   -4.465  1.00 30.04 ? 106 VAL A N   1 
ATOM   733 C  CA  . VAL A 1 106 ? -9.577  5.723   -4.478  1.00 28.87 ? 106 VAL A CA  1 
ATOM   734 C  C   . VAL A 1 106 ? -8.385  6.383   -3.774  1.00 28.48 ? 106 VAL A C   1 
ATOM   735 O  O   . VAL A 1 106 ? -7.995  5.931   -2.736  1.00 26.18 ? 106 VAL A O   1 
ATOM   736 C  CB  . VAL A 1 106 ? -10.934 6.144   -3.876  1.00 30.42 ? 106 VAL A CB  1 
ATOM   737 C  CG1 . VAL A 1 106 ? -11.222 5.441   -2.561  1.00 25.86 ? 106 VAL A CG1 1 
ATOM   738 C  CG2 . VAL A 1 106 ? -11.025 7.666   -3.805  1.00 27.55 ? 106 VAL A CG2 1 
ATOM   739 N  N   . TRP A 1 107 ? -7.828  7.441   -4.373  1.00 29.22 ? 107 TRP A N   1 
ATOM   740 C  CA  . TRP A 1 107 ? -6.693  8.160   -3.834  1.00 27.35 ? 107 TRP A CA  1 
ATOM   741 C  C   . TRP A 1 107 ? -7.014  9.542   -3.274  1.00 28.41 ? 107 TRP A C   1 
ATOM   742 O  O   . TRP A 1 107 ? -7.746  10.306  -3.909  1.00 30.28 ? 107 TRP A O   1 
ATOM   743 C  CB  . TRP A 1 107 ? -5.639  8.331   -4.930  1.00 25.89 ? 107 TRP A CB  1 
ATOM   744 C  CG  . TRP A 1 107 ? -4.954  7.070   -5.320  1.00 24.22 ? 107 TRP A CG  1 
ATOM   745 C  CD1 . TRP A 1 107 ? -5.382  6.183   -6.229  1.00 27.02 ? 107 TRP A CD1 1 
ATOM   746 C  CD2 . TRP A 1 107 ? -3.689  6.591   -4.837  1.00 23.88 ? 107 TRP A CD2 1 
ATOM   747 N  NE1 . TRP A 1 107 ? -4.462  5.142   -6.344  1.00 26.51 ? 107 TRP A NE1 1 
ATOM   748 C  CE2 . TRP A 1 107 ? -3.419  5.383   -5.487  1.00 26.46 ? 107 TRP A CE2 1 
ATOM   749 C  CE3 . TRP A 1 107 ? -2.753  7.074   -3.903  1.00 24.45 ? 107 TRP A CE3 1 
ATOM   750 C  CZ2 . TRP A 1 107 ? -2.253  4.635   -5.247  1.00 26.62 ? 107 TRP A CZ2 1 
ATOM   751 C  CZ3 . TRP A 1 107 ? -1.584  6.339   -3.670  1.00 21.64 ? 107 TRP A CZ3 1 
ATOM   752 C  CH2 . TRP A 1 107 ? -1.358  5.130   -4.344  1.00 25.05 ? 107 TRP A CH2 1 
ATOM   753 N  N   . VAL A 1 108 ? -6.490  9.858   -2.086  1.00 24.12 ? 108 VAL A N   1 
ATOM   754 C  CA  . VAL A 1 108 ? -6.427  11.266  -1.599  1.00 24.05 ? 108 VAL A CA  1 
ATOM   755 C  C   . VAL A 1 108 ? -4.970  11.609  -1.152  1.00 26.18 ? 108 VAL A C   1 
ATOM   756 O  O   . VAL A 1 108 ? -4.096  10.744  -1.110  1.00 28.08 ? 108 VAL A O   1 
ATOM   757 C  CB  . VAL A 1 108 ? -7.432  11.572  -0.465  1.00 25.80 ? 108 VAL A CB  1 
ATOM   758 C  CG1 . VAL A 1 108 ? -8.850  11.438  -0.967  1.00 27.71 ? 108 VAL A CG1 1 
ATOM   759 C  CG2 . VAL A 1 108 ? -7.264  10.639  0.720   1.00 23.78 ? 108 VAL A CG2 1 
ATOM   760 N  N   . THR A 1 109 ? -4.738  12.855  -0.804  1.00 26.98 ? 109 THR A N   1 
ATOM   761 C  CA  . THR A 1 109 ? -3.438  13.342  -0.395  1.00 29.87 ? 109 THR A CA  1 
ATOM   762 C  C   . THR A 1 109 ? -3.735  14.217  0.818   1.00 30.89 ? 109 THR A C   1 
ATOM   763 O  O   . THR A 1 109 ? -4.669  15.040  0.805   1.00 29.12 ? 109 THR A O   1 
ATOM   764 C  CB  . THR A 1 109 ? -2.752  14.157  -1.556  1.00 30.50 ? 109 THR A CB  1 
ATOM   765 O  OG1 . THR A 1 109 ? -2.310  13.283  -2.615  1.00 33.26 ? 109 THR A OG1 1 
ATOM   766 C  CG2 . THR A 1 109 ? -1.625  14.852  -1.115  1.00 26.60 ? 109 THR A CG2 1 
ATOM   767 N  N   . GLY A 1 110 ? -2.948  14.017  1.875   1.00 29.77 ? 110 GLY A N   1 
ATOM   768 C  CA  . GLY A 1 110 ? -3.049  14.826  3.067   1.00 29.28 ? 110 GLY A CA  1 
ATOM   769 C  C   . GLY A 1 110 ? -2.447  16.187  2.832   1.00 29.12 ? 110 GLY A C   1 
ATOM   770 O  O   . GLY A 1 110 ? -1.703  16.392  1.893   1.00 32.48 ? 110 GLY A O   1 
ATOM   771 N  N   . PRO A 1 111 ? -2.744  17.130  3.700   1.00 31.48 ? 111 PRO A N   1 
ATOM   772 C  CA  . PRO A 1 111 ? -2.325  18.504  3.512   1.00 30.02 ? 111 PRO A CA  1 
ATOM   773 C  C   . PRO A 1 111 ? -0.831  18.617  3.285   1.00 30.85 ? 111 PRO A C   1 
ATOM   774 O  O   . PRO A 1 111 ? -0.384  19.456  2.506   1.00 32.93 ? 111 PRO A O   1 
ATOM   775 C  CB  . PRO A 1 111 ? -2.693  19.147  4.852   1.00 34.95 ? 111 PRO A CB  1 
ATOM   776 C  CG  . PRO A 1 111 ? -3.826  18.325  5.355   1.00 33.46 ? 111 PRO A CG  1 
ATOM   777 C  CD  . PRO A 1 111 ? -3.435  16.934  4.982   1.00 31.62 ? 111 PRO A CD  1 
ATOM   778 N  N   . GLY A 1 112 ? -0.040  17.834  3.997   1.00 27.40 ? 112 GLY A N   1 
ATOM   779 C  CA  . GLY A 1 112 ? 1.391   17.879  3.771   1.00 21.97 ? 112 GLY A CA  1 
ATOM   780 C  C   . GLY A 1 112 ? 1.896   17.037  2.609   1.00 24.13 ? 112 GLY A C   1 
ATOM   781 O  O   . GLY A 1 112 ? 3.125   16.817  2.446   1.00 29.03 ? 112 GLY A O   1 
ATOM   782 N  N   . GLY A 1 113 ? 0.982   16.556  1.782   1.00 23.94 ? 113 GLY A N   1 
ATOM   783 C  CA  . GLY A 1 113 ? 1.371   15.887  0.548   1.00 25.30 ? 113 GLY A CA  1 
ATOM   784 C  C   . GLY A 1 113 ? 1.472   14.366  0.582   1.00 25.24 ? 113 GLY A C   1 
ATOM   785 O  O   . GLY A 1 113 ? 1.697   13.750  -0.418  1.00 28.15 ? 113 GLY A O   1 
ATOM   786 N  N   . GLU A 1 114 ? 1.328   13.751  1.736   1.00 22.26 ? 114 GLU A N   1 
ATOM   787 C  CA  . GLU A 1 114 ? 1.379   12.252  1.801   1.00 25.55 ? 114 GLU A CA  1 
ATOM   788 C  C   . GLU A 1 114 ? 0.133   11.601  1.140   1.00 23.33 ? 114 GLU A C   1 
ATOM   789 O  O   . GLU A 1 114 ? -1.006  11.902  1.485   1.00 25.04 ? 114 GLU A O   1 
ATOM   790 C  CB  . GLU A 1 114 ? 1.552   11.789  3.274   1.00 17.43 ? 114 GLU A CB  1 
ATOM   791 C  CG  . GLU A 1 114 ? 0.344   11.951  4.208   1.00 21.46 ? 114 GLU A CG  1 
ATOM   792 C  CD  . GLU A 1 114 ? 0.093   13.370  4.761   1.00 27.65 ? 114 GLU A CD  1 
ATOM   793 O  OE1 . GLU A 1 114 ? 0.565   14.376  4.158   1.00 32.25 ? 114 GLU A OE1 1 
ATOM   794 O  OE2 . GLU A 1 114 ? -0.628  13.518  5.784   1.00 30.25 ? 114 GLU A OE2 1 
ATOM   795 N  N   . PRO A 1 115 ? 0.344   10.681  0.207   1.00 21.08 ? 115 PRO A N   1 
ATOM   796 C  CA  . PRO A 1 115 ? -0.758  10.029  -0.490  1.00 23.58 ? 115 PRO A CA  1 
ATOM   797 C  C   . PRO A 1 115 ? -1.338  8.819   0.198   1.00 23.39 ? 115 PRO A C   1 
ATOM   798 O  O   . PRO A 1 115 ? -0.566  8.001   0.687   1.00 22.98 ? 115 PRO A O   1 
ATOM   799 C  CB  . PRO A 1 115 ? -0.125  9.603   -1.814  1.00 24.37 ? 115 PRO A CB  1 
ATOM   800 C  CG  . PRO A 1 115 ? 1.351   9.542   -1.576  1.00 19.16 ? 115 PRO A CG  1 
ATOM   801 C  CD  . PRO A 1 115 ? 1.669   10.369  -0.361  1.00 23.22 ? 115 PRO A CD  1 
ATOM   802 N  N   . TRP A 1 116 ? -2.676  8.722   0.218   1.00 19.88 ? 116 TRP A N   1 
ATOM   803 C  CA  . TRP A 1 116 ? -3.421  7.555   0.707   1.00 26.12 ? 116 TRP A CA  1 
ATOM   804 C  C   . TRP A 1 116 ? -4.292  6.904   -0.344  1.00 24.79 ? 116 TRP A C   1 
ATOM   805 O  O   . TRP A 1 116 ? -4.938  7.612   -1.119  1.00 23.69 ? 116 TRP A O   1 
ATOM   806 C  CB  . TRP A 1 116 ? -4.350  7.935   1.873   1.00 23.42 ? 116 TRP A CB  1 
ATOM   807 C  CG  . TRP A 1 116 ? -3.630  8.255   3.170   1.00 24.66 ? 116 TRP A CG  1 
ATOM   808 C  CD1 . TRP A 1 116 ? -2.983  9.418   3.524   1.00 21.62 ? 116 TRP A CD1 1 
ATOM   809 C  CD2 . TRP A 1 116 ? -3.526  7.370   4.285   1.00 19.68 ? 116 TRP A CD2 1 
ATOM   810 N  NE1 . TRP A 1 116 ? -2.439  9.263   4.788   1.00 18.87 ? 116 TRP A NE1 1 
ATOM   811 C  CE2 . TRP A 1 116 ? -2.791  8.031   5.278   1.00 19.81 ? 116 TRP A CE2 1 
ATOM   812 C  CE3 . TRP A 1 116 ? -4.005  6.064   4.532   1.00 20.29 ? 116 TRP A CE3 1 
ATOM   813 C  CZ2 . TRP A 1 116 ? -2.511  7.442   6.530   1.00 20.37 ? 116 TRP A CZ2 1 
ATOM   814 C  CZ3 . TRP A 1 116 ? -3.732  5.483   5.756   1.00 24.86 ? 116 TRP A CZ3 1 
ATOM   815 C  CH2 . TRP A 1 116 ? -2.976  6.167   6.743   1.00 19.33 ? 116 TRP A CH2 1 
ATOM   816 N  N   . GLU A 1 117 ? -4.318  5.562   -0.383  1.00 22.59 ? 117 GLU A N   1 
ATOM   817 C  CA  . GLU A 1 117 ? -5.359  4.900   -1.193  1.00 25.34 ? 117 GLU A CA  1 
ATOM   818 C  C   . GLU A 1 117 ? -6.222  3.957   -0.414  1.00 25.84 ? 117 GLU A C   1 
ATOM   819 O  O   . GLU A 1 117 ? -5.720  3.101   0.304   1.00 29.35 ? 117 GLU A O   1 
ATOM   820 C  CB  . GLU A 1 117 ? -4.826  4.127   -2.408  1.00 23.68 ? 117 GLU A CB  1 
ATOM   821 C  CG  . GLU A 1 117 ? -3.630  3.287   -2.111  1.00 28.00 ? 117 GLU A CG  1 
ATOM   822 C  CD  . GLU A 1 117 ? -3.436  2.175   -3.112  1.00 31.45 ? 117 GLU A CD  1 
ATOM   823 O  OE1 . GLU A 1 117 ? -4.341  1.936   -3.949  1.00 30.76 ? 117 GLU A OE1 1 
ATOM   824 O  OE2 . GLU A 1 117 ? -2.382  1.524   -3.022  1.00 29.44 ? 117 GLU A OE2 1 
ATOM   825 N  N   . VAL A 1 118 ? -7.534  4.042   -0.635  1.00 23.54 ? 118 VAL A N   1 
ATOM   826 C  CA  . VAL A 1 118 ? -8.414  3.009   -0.134  1.00 22.86 ? 118 VAL A CA  1 
ATOM   827 C  C   . VAL A 1 118 ? -8.624  2.035   -1.279  1.00 23.38 ? 118 VAL A C   1 
ATOM   828 O  O   . VAL A 1 118 ? -8.988  2.420   -2.360  1.00 24.54 ? 118 VAL A O   1 
ATOM   829 C  CB  . VAL A 1 118 ? -9.740  3.624   0.394   1.00 25.84 ? 118 VAL A CB  1 
ATOM   830 C  CG1 . VAL A 1 118 ? -10.649 2.506   0.893   1.00 26.00 ? 118 VAL A CG1 1 
ATOM   831 C  CG2 . VAL A 1 118 ? -9.456  4.675   1.502   1.00 26.68 ? 118 VAL A CG2 1 
ATOM   832 N  N   . TYR A 1 119 ? -8.376  0.749   -1.070  1.00 23.59 ? 119 TYR A N   1 
ATOM   833 C  CA  . TYR A 1 119 ? -8.252  -0.137  -2.234  1.00 23.38 ? 119 TYR A CA  1 
ATOM   834 C  C   . TYR A 1 119 ? -8.580  -1.589  -1.879  1.00 29.96 ? 119 TYR A C   1 
ATOM   835 O  O   . TYR A 1 119 ? -8.437  -2.017  -0.726  1.00 30.76 ? 119 TYR A O   1 
ATOM   836 C  CB  . TYR A 1 119 ? -6.836  -0.033  -2.882  1.00 24.83 ? 119 TYR A CB  1 
ATOM   837 C  CG  . TYR A 1 119 ? -5.762  -0.711  -2.008  1.00 32.03 ? 119 TYR A CG  1 
ATOM   838 C  CD1 . TYR A 1 119 ? -5.329  -2.016  -2.272  1.00 34.93 ? 119 TYR A CD1 1 
ATOM   839 C  CD2 . TYR A 1 119 ? -5.272  -0.086  -0.853  1.00 28.35 ? 119 TYR A CD2 1 
ATOM   840 C  CE1 . TYR A 1 119 ? -4.396  -2.651  -1.442  1.00 32.17 ? 119 TYR A CE1 1 
ATOM   841 C  CE2 . TYR A 1 119 ? -4.365  -0.721  0.003   1.00 28.37 ? 119 TYR A CE2 1 
ATOM   842 C  CZ  . TYR A 1 119 ? -3.929  -1.988  -0.314  1.00 34.20 ? 119 TYR A CZ  1 
ATOM   843 O  OH  . TYR A 1 119 ? -3.025  -2.617  0.500   1.00 34.90 ? 119 TYR A OH  1 
ATOM   844 N  N   . VAL A 1 120 ? -9.045  -2.345  -2.870  1.00 31.95 ? 120 VAL A N   1 
ATOM   845 C  CA  . VAL A 1 120 ? -9.104  -3.795  -2.761  1.00 34.66 ? 120 VAL A CA  1 
ATOM   846 C  C   . VAL A 1 120 ? -8.175  -4.377  -3.821  1.00 35.33 ? 120 VAL A C   1 
ATOM   847 O  O   . VAL A 1 120 ? -8.053  -3.801  -4.899  1.00 37.47 ? 120 VAL A O   1 
ATOM   848 C  CB  . VAL A 1 120 ? -10.508 -4.266  -3.054  1.00 34.43 ? 120 VAL A CB  1 
ATOM   849 C  CG1 . VAL A 1 120 ? -10.965 -3.757  -4.427  1.00 37.88 ? 120 VAL A CG1 1 
ATOM   850 C  CG2 . VAL A 1 120 ? -10.532 -5.765  -3.001  1.00 40.11 ? 120 VAL A CG2 1 
ATOM   851 N  N   . VAL A 1 121 ? -7.523  -5.497  -3.528  1.00 35.22 ? 121 VAL A N   1 
ATOM   852 C  CA  . VAL A 1 121 ? -6.760  -6.231  -4.550  1.00 43.29 ? 121 VAL A CA  1 
ATOM   853 C  C   . VAL A 1 121 ? -7.669  -7.350  -5.166  1.00 52.85 ? 121 VAL A C   1 
ATOM   854 O  O   . VAL A 1 121 ? -8.191  -8.216  -4.441  1.00 50.08 ? 121 VAL A O   1 
ATOM   855 C  CB  . VAL A 1 121 ? -5.406  -6.779  -3.996  1.00 37.13 ? 121 VAL A CB  1 
ATOM   856 N  N   . LYS A 1 122 ? -7.854  -7.304  -6.496  1.00 54.90 ? 122 LYS A N   1 
ATOM   857 C  CA  . LYS A 1 122 ? -8.771  -8.181  -7.273  1.00 55.76 ? 122 LYS A CA  1 
ATOM   858 C  C   . LYS A 1 122 ? -8.096  -9.413  -7.938  1.00 58.02 ? 122 LYS A C   1 
ATOM   859 O  O   . LYS A 1 122 ? -6.982  -9.828  -7.577  1.00 54.17 ? 122 LYS A O   1 
ATOM   860 C  CB  . LYS A 1 122 ? -9.474  -7.355  -8.351  1.00 20.00 ? 122 LYS A CB  1 
HETATM 861 AS AS  . RXO B 2 .   ? 1.135   -0.035  -7.193  0.66 47.69 ? 201 RXO A AS  1 
HETATM 862 C  C1  . RXO B 2 .   ? 1.865   1.696   -6.663  0.66 39.05 ? 201 RXO A C1  1 
HETATM 863 C  C2  . RXO B 2 .   ? 1.078   2.844   -6.778  0.66 33.31 ? 201 RXO A C2  1 
HETATM 864 C  C6  . RXO B 2 .   ? 3.165   1.792   -6.148  0.66 35.86 ? 201 RXO A C6  1 
HETATM 865 C  C5  . RXO B 2 .   ? 3.693   3.027   -5.766  0.66 35.17 ? 201 RXO A C5  1 
HETATM 866 C  C4  . RXO B 2 .   ? 2.924   4.194   -5.869  0.66 34.44 ? 201 RXO A C4  1 
HETATM 867 O  O3  . RXO B 2 .   ? 3.415   5.395   -5.489  0.66 28.03 ? 201 RXO A O3  1 
HETATM 868 C  C3  . RXO B 2 .   ? 1.544   4.108   -6.396  0.66 38.15 ? 201 RXO A C3  1 
HETATM 869 N  N1  . RXO B 2 .   ? 0.704   5.241   -6.553  0.66 40.39 ? 201 RXO A N1  1 
HETATM 870 O  O2  . RXO B 2 .   ? -0.163  5.151   -7.418  0.66 39.64 ? 201 RXO A O2  1 
HETATM 871 O  O1  . RXO B 2 .   ? 0.781   6.262   -5.876  0.66 35.33 ? 201 RXO A O1  1 
HETATM 872 FE FE  . FE  C 3 .   ? 1.438   -0.421  -3.714  0.34 37.48 ? 202 FE  A FE  1 
HETATM 873 CL CL  . CL  D 4 .   ? 9.446   9.981   4.587   0.45 30.63 ? 203 CL  A CL  1 
HETATM 874 O  O   . HOH E 5 .   ? 20.723  -10.253 -0.800  1.00 39.45 ? 301 HOH A O   1 
HETATM 875 O  O   . HOH E 5 .   ? 6.678   3.503   -7.777  1.00 44.11 ? 302 HOH A O   1 
HETATM 876 O  O   . HOH E 5 .   ? -1.320  -0.159  -4.541  1.00 39.00 ? 303 HOH A O   1 
HETATM 877 O  O   . HOH E 5 .   ? 14.439  6.426   6.823   1.00 31.32 ? 304 HOH A O   1 
HETATM 878 O  O   . HOH E 5 .   ? -7.906  -6.836  5.102   1.00 46.89 ? 305 HOH A O   1 
HETATM 879 O  O   . HOH E 5 .   ? 1.247   -3.226  -13.841 1.00 54.05 ? 306 HOH A O   1 
HETATM 880 O  O   . HOH E 5 .   ? 1.135   -3.229  -4.095  1.00 39.98 ? 307 HOH A O   1 
HETATM 881 O  O   . HOH E 5 .   ? -6.933  14.730  -1.560  1.00 35.63 ? 308 HOH A O   1 
HETATM 882 O  O   . HOH E 5 .   ? 8.213   10.506  0.326   1.00 43.07 ? 309 HOH A O   1 
HETATM 883 O  O   . HOH E 5 .   ? -8.625  -6.742  -0.610  1.00 43.73 ? 310 HOH A O   1 
HETATM 884 O  O   . HOH E 5 .   ? 16.965  -0.686  2.486   1.00 29.72 ? 311 HOH A O   1 
HETATM 885 O  O   . HOH E 5 .   ? 0.341   -10.282 -1.451  1.00 35.18 ? 312 HOH A O   1 
HETATM 886 O  O   . HOH E 5 .   ? -2.696  -2.940  12.491  1.00 34.21 ? 313 HOH A O   1 
HETATM 887 O  O   . HOH E 5 .   ? -16.270 4.272   4.373   1.00 40.81 ? 314 HOH A O   1 
HETATM 888 O  O   . HOH E 5 .   ? 3.450   -12.317 4.211   1.00 37.52 ? 315 HOH A O   1 
HETATM 889 O  O   . HOH E 5 .   ? -18.704 18.758  2.313   1.00 47.00 ? 316 HOH A O   1 
HETATM 890 O  O   . HOH E 5 .   ? 14.990  -0.500  4.887   1.00 30.04 ? 317 HOH A O   1 
HETATM 891 O  O   . HOH E 5 .   ? -19.120 12.143  4.065   1.00 42.38 ? 318 HOH A O   1 
HETATM 892 O  O   . HOH E 5 .   ? 1.246   -12.947 9.890   1.00 35.63 ? 319 HOH A O   1 
HETATM 893 O  O   . HOH E 5 .   ? -9.305  3.438   -13.936 1.00 40.33 ? 320 HOH A O   1 
HETATM 894 O  O   . HOH E 5 .   ? 18.160  -7.886  9.346   1.00 41.82 ? 321 HOH A O   1 
HETATM 895 O  O   . HOH E 5 .   ? 15.640  -6.001  -6.531  1.00 43.43 ? 322 HOH A O   1 
HETATM 896 O  O   . HOH E 5 .   ? 13.978  6.838   -2.559  1.00 52.33 ? 323 HOH A O   1 
HETATM 897 O  O   . HOH E 5 .   ? -14.415 -7.356  -4.474  1.00 43.38 ? 324 HOH A O   1 
HETATM 898 O  O   . HOH E 5 .   ? -0.907  -4.103  -1.943  1.00 34.88 ? 325 HOH A O   1 
HETATM 899 O  O   . HOH E 5 .   ? -8.355  17.429  -0.496  1.00 34.28 ? 326 HOH A O   1 
HETATM 900 O  O   . HOH E 5 .   ? -12.128 -5.636  -8.740  1.00 46.58 ? 327 HOH A O   1 
HETATM 901 O  O   . HOH E 5 .   ? 11.809  -13.548 14.656  1.00 41.68 ? 328 HOH A O   1 
HETATM 902 O  O   . HOH E 5 .   ? 0.710   21.022  5.143   1.00 34.48 ? 329 HOH A O   1 
HETATM 903 O  O   . HOH E 5 .   ? -5.930  17.690  2.285   1.00 38.90 ? 330 HOH A O   1 
HETATM 904 O  O   . HOH E 5 .   ? 5.850   -7.520  15.584  1.00 41.49 ? 331 HOH A O   1 
HETATM 905 O  O   . HOH E 5 .   ? -20.512 -0.008  0.769   1.00 49.62 ? 332 HOH A O   1 
HETATM 906 O  O   . HOH E 5 .   ? -16.460 -4.855  6.598   1.00 60.65 ? 333 HOH A O   1 
HETATM 907 O  O   . HOH E 5 .   ? 9.141   8.356   -6.387  1.00 56.58 ? 334 HOH A O   1 
HETATM 908 O  O   . HOH E 5 .   ? 21.119  3.078   -3.292  1.00 49.65 ? 335 HOH A O   1 
HETATM 909 O  O   . HOH E 5 .   ? 14.698  10.081  4.328   1.00 48.73 ? 336 HOH A O   1 
HETATM 910 O  O   . HOH E 5 .   ? 11.670  12.157  1.803   1.00 65.19 ? 337 HOH A O   1 
HETATM 911 O  O   . HOH E 5 .   ? 21.335  -8.463  2.976   1.00 46.47 ? 338 HOH A O   1 
HETATM 912 O  O   . HOH E 5 .   ? 2.008   -14.738 3.961   1.00 44.78 ? 339 HOH A O   1 
HETATM 913 O  O   . HOH E 5 .   ? 17.887  12.414  -1.718  1.00 57.95 ? 340 HOH A O   1 
HETATM 914 O  O   . HOH E 5 .   ? 4.643   11.069  1.058   1.00 36.19 ? 341 HOH A O   1 
HETATM 915 O  O   . HOH E 5 .   ? 7.685   12.797  -1.286  1.00 46.08 ? 342 HOH A O   1 
HETATM 916 O  O   . HOH E 5 .   ? -6.908  -4.967  -15.588 1.00 54.82 ? 343 HOH A O   1 
# 
loop_
_pdbx_poly_seq_scheme.asym_id 
_pdbx_poly_seq_scheme.entity_id 
_pdbx_poly_seq_scheme.seq_id 
_pdbx_poly_seq_scheme.mon_id 
_pdbx_poly_seq_scheme.ndb_seq_num 
_pdbx_poly_seq_scheme.pdb_seq_num 
_pdbx_poly_seq_scheme.auth_seq_num 
_pdbx_poly_seq_scheme.pdb_mon_id 
_pdbx_poly_seq_scheme.auth_mon_id 
_pdbx_poly_seq_scheme.pdb_strand_id 
_pdbx_poly_seq_scheme.pdb_ins_code 
_pdbx_poly_seq_scheme.hetero 
A 1 1   GLY 1   1   ?   ?   ?   A . n 
A 1 2   SER 2   2   ?   ?   ?   A . n 
A 1 3   HIS 3   3   ?   ?   ?   A . n 
A 1 4   MET 4   4   4   MET MET A . n 
A 1 5   SER 5   5   5   SER SER A . n 
A 1 6   ARG 6   6   6   ARG ARG A . n 
A 1 7   VAL 7   7   7   VAL VAL A . n 
A 1 8   GLN 8   8   8   GLN GLN A . n 
A 1 9   LEU 9   9   9   LEU LEU A . n 
A 1 10  ALA 10  10  10  ALA ALA A . n 
A 1 11  LEU 11  11  11  LEU LEU A . n 
A 1 12  ARG 12  12  12  ARG ARG A . n 
A 1 13  VAL 13  13  13  VAL VAL A . n 
A 1 14  PRO 14  14  14  PRO PRO A . n 
A 1 15  ASP 15  15  15  ASP ASP A . n 
A 1 16  LEU 16  16  16  LEU LEU A . n 
A 1 17  GLU 17  17  17  GLU GLU A . n 
A 1 18  ALA 18  18  18  ALA ALA A . n 
A 1 19  SER 19  19  19  SER SER A . n 
A 1 20  ILE 20  20  20  ILE ILE A . n 
A 1 21  GLY 21  21  21  GLY GLY A . n 
A 1 22  PHE 22  22  22  PHE PHE A . n 
A 1 23  TYR 23  23  23  TYR TYR A . n 
A 1 24  SER 24  24  24  SER SER A . n 
A 1 25  LYS 25  25  25  LYS LYS A . n 
A 1 26  LEU 26  26  26  LEU LEU A . n 
A 1 27  PHE 27  27  27  PHE PHE A . n 
A 1 28  GLY 28  28  28  GLY GLY A . n 
A 1 29  THR 29  29  29  THR THR A . n 
A 1 30  GLY 30  30  30  GLY GLY A . n 
A 1 31  PRO 31  31  31  PRO PRO A . n 
A 1 32  ALA 32  32  32  ALA ALA A . n 
A 1 33  LYS 33  33  33  LYS LYS A . n 
A 1 34  VAL 34  34  34  VAL VAL A . n 
A 1 35  ARG 35  35  35  ARG ARG A . n 
A 1 36  PRO 36  36  36  PRO PRO A . n 
A 1 37  GLY 37  37  37  GLY GLY A . n 
A 1 38  TYR 38  38  38  TYR TYR A . n 
A 1 39  ALA 39  39  39  ALA ALA A . n 
A 1 40  ASN 40  40  40  ASN ASN A . n 
A 1 41  PHE 41  41  41  PHE PHE A . n 
A 1 42  ALA 42  42  42  ALA ALA A . n 
A 1 43  ILE 43  43  43  ILE ILE A . n 
A 1 44  ALA 44  44  44  ALA ALA A . n 
A 1 45  GLU 45  45  45  GLU GLU A . n 
A 1 46  PRO 46  46  46  PRO PRO A . n 
A 1 47  PRO 47  47  47  PRO PRO A . n 
A 1 48  LEU 48  48  48  LEU LEU A . n 
A 1 49  LYS 49  49  49  LYS LYS A . n 
A 1 50  LEU 50  50  50  LEU LEU A . n 
A 1 51  VAL 51  51  51  VAL VAL A . n 
A 1 52  LEU 52  52  52  LEU LEU A . n 
A 1 53  ILE 53  53  53  ILE ILE A . n 
A 1 54  GLU 54  54  54  GLU GLU A . n 
A 1 55  GLY 55  55  55  GLY GLY A . n 
A 1 56  ALA 56  56  56  ALA ALA A . n 
A 1 57  GLY 57  57  57  GLY GLY A . n 
A 1 58  GLU 58  58  58  GLU GLU A . n 
A 1 59  ASP 59  59  59  ASP ASP A . n 
A 1 60  ALA 60  60  60  ALA ALA A . n 
A 1 61  THR 61  61  61  THR THR A . n 
A 1 62  ARG 62  62  62  ARG ARG A . n 
A 1 63  LEU 63  63  63  LEU LEU A . n 
A 1 64  ASP 64  64  64  ASP ASP A . n 
A 1 65  HIS 65  65  65  HIS HIS A . n 
A 1 66  LEU 66  66  66  LEU LEU A . n 
A 1 67  GLY 67  67  67  GLY GLY A . n 
A 1 68  VAL 68  68  68  VAL VAL A . n 
A 1 69  GLU 69  69  69  GLU GLU A . n 
A 1 70  VAL 70  70  70  VAL VAL A . n 
A 1 71  GLU 71  71  71  GLU GLU A . n 
A 1 72  ASP 72  72  72  ASP ASP A . n 
A 1 73  SER 73  73  73  SER SER A . n 
A 1 74  ALA 74  74  74  ALA ALA A . n 
A 1 75  GLN 75  75  75  GLN GLN A . n 
A 1 76  VAL 76  76  76  VAL VAL A . n 
A 1 77  GLY 77  77  77  GLY GLY A . n 
A 1 78  HIS 78  78  78  HIS HIS A . n 
A 1 79  ALA 79  79  79  ALA ALA A . n 
A 1 80  ALA 80  80  80  ALA ALA A . n 
A 1 81  ARG 81  81  81  ARG ARG A . n 
A 1 82  ARG 82  82  82  ARG ARG A . n 
A 1 83  LEU 83  83  83  LEU LEU A . n 
A 1 84  LYS 84  84  84  LYS LYS A . n 
A 1 85  GLU 85  85  85  GLU GLU A . n 
A 1 86  SER 86  86  86  SER SER A . n 
A 1 87  GLY 87  87  87  GLY GLY A . n 
A 1 88  LEU 88  88  88  LEU LEU A . n 
A 1 89  ALA 89  89  89  ALA ALA A . n 
A 1 90  THR 90  90  90  THR THR A . n 
A 1 91  VAL 91  91  91  VAL VAL A . n 
A 1 92  GLU 92  92  92  GLU GLU A . n 
A 1 93  GLU 93  93  93  GLU GLU A . n 
A 1 94  ASN 94  94  94  ASN ASN A . n 
A 1 95  ASP 95  95  95  ASP ASP A . n 
A 1 96  THR 96  96  96  THR THR A . n 
A 1 97  ALA 97  97  97  ALA ALA A . n 
A 1 98  CYS 98  98  98  CYS CYS A . n 
A 1 99  CYS 99  99  99  CYS CYS A . n 
A 1 100 TYR 100 100 100 TYR TYR A . n 
A 1 101 ALA 101 101 101 ALA ALA A . n 
A 1 102 VAL 102 102 102 VAL VAL A . n 
A 1 103 GLN 103 103 103 GLN GLN A . n 
A 1 104 ASP 104 104 104 ASP ASP A . n 
A 1 105 ALA 105 105 105 ALA ALA A . n 
A 1 106 VAL 106 106 106 VAL VAL A . n 
A 1 107 TRP 107 107 107 TRP TRP A . n 
A 1 108 VAL 108 108 108 VAL VAL A . n 
A 1 109 THR 109 109 109 THR THR A . n 
A 1 110 GLY 110 110 110 GLY GLY A . n 
A 1 111 PRO 111 111 111 PRO PRO A . n 
A 1 112 GLY 112 112 112 GLY GLY A . n 
A 1 113 GLY 113 113 113 GLY GLY A . n 
A 1 114 GLU 114 114 114 GLU GLU A . n 
A 1 115 PRO 115 115 115 PRO PRO A . n 
A 1 116 TRP 116 116 116 TRP TRP A . n 
A 1 117 GLU 117 117 117 GLU GLU A . n 
A 1 118 VAL 118 118 118 VAL VAL A . n 
A 1 119 TYR 119 119 119 TYR TYR A . n 
A 1 120 VAL 120 120 120 VAL VAL A . n 
A 1 121 VAL 121 121 121 VAL VAL A . n 
A 1 122 LYS 122 122 122 LYS LYS A . n 
A 1 123 GLY 123 123 ?   ?   ?   A . n 
A 1 124 ASP 124 124 ?   ?   ?   A . n 
A 1 125 ALA 125 125 ?   ?   ?   A . n 
A 1 126 ASP 126 126 ?   ?   ?   A . n 
# 
loop_
_pdbx_nonpoly_scheme.asym_id 
_pdbx_nonpoly_scheme.entity_id 
_pdbx_nonpoly_scheme.mon_id 
_pdbx_nonpoly_scheme.ndb_seq_num 
_pdbx_nonpoly_scheme.pdb_seq_num 
_pdbx_nonpoly_scheme.auth_seq_num 
_pdbx_nonpoly_scheme.pdb_mon_id 
_pdbx_nonpoly_scheme.auth_mon_id 
_pdbx_nonpoly_scheme.pdb_strand_id 
_pdbx_nonpoly_scheme.pdb_ins_code 
B 2 RXO 1  201 1  RXO RXO A . 
C 3 FE  1  202 1  FE  FE  A . 
D 4 CL  1  203 1  CL  CL  A . 
E 5 HOH 1  301 1  HOH HOH A . 
E 5 HOH 2  302 19 HOH HOH A . 
E 5 HOH 3  303 15 HOH HOH A . 
E 5 HOH 4  304 2  HOH HOH A . 
E 5 HOH 5  305 16 HOH HOH A . 
E 5 HOH 6  306 12 HOH HOH A . 
E 5 HOH 7  307 5  HOH HOH A . 
E 5 HOH 8  308 3  HOH HOH A . 
E 5 HOH 9  309 6  HOH HOH A . 
E 5 HOH 10 310 28 HOH HOH A . 
E 5 HOH 11 311 15 HOH HOH A . 
E 5 HOH 12 312 9  HOH HOH A . 
E 5 HOH 13 313 4  HOH HOH A . 
E 5 HOH 14 314 3  HOH HOH A . 
E 5 HOH 15 315 10 HOH HOH A . 
E 5 HOH 16 316 17 HOH HOH A . 
E 5 HOH 17 317 1  HOH HOH A . 
E 5 HOH 18 318 18 HOH HOH A . 
E 5 HOH 19 319 2  HOH HOH A . 
E 5 HOH 20 320 7  HOH HOH A . 
E 5 HOH 21 321 9  HOH HOH A . 
E 5 HOH 22 322 10 HOH HOH A . 
E 5 HOH 23 323 27 HOH HOH A . 
E 5 HOH 24 324 6  HOH HOH A . 
E 5 HOH 25 325 12 HOH HOH A . 
E 5 HOH 26 326 4  HOH HOH A . 
E 5 HOH 27 327 22 HOH HOH A . 
E 5 HOH 28 328 11 HOH HOH A . 
E 5 HOH 29 329 11 HOH HOH A . 
E 5 HOH 30 330 29 HOH HOH A . 
E 5 HOH 31 331 19 HOH HOH A . 
E 5 HOH 32 332 17 HOH HOH A . 
E 5 HOH 33 333 16 HOH HOH A . 
E 5 HOH 34 334 18 HOH HOH A . 
E 5 HOH 35 335 26 HOH HOH A . 
E 5 HOH 36 336 21 HOH HOH A . 
E 5 HOH 37 337 25 HOH HOH A . 
E 5 HOH 38 338 20 HOH HOH A . 
E 5 HOH 39 339 23 HOH HOH A . 
E 5 HOH 40 340 14 HOH HOH A . 
E 5 HOH 41 341 7  HOH HOH A . 
E 5 HOH 42 342 8  HOH HOH A . 
E 5 HOH 43 343 24 HOH HOH A . 
# 
_pdbx_struct_assembly.id                   1 
_pdbx_struct_assembly.details              author_defined_assembly 
_pdbx_struct_assembly.method_details       ? 
_pdbx_struct_assembly.oligomeric_details   monomeric 
_pdbx_struct_assembly.oligomeric_count     1 
# 
_pdbx_struct_assembly_gen.assembly_id       1 
_pdbx_struct_assembly_gen.oper_expression   1 
_pdbx_struct_assembly_gen.asym_id_list      A,B,C,D,E 
# 
_pdbx_struct_oper_list.id                   1 
_pdbx_struct_oper_list.type                 'identity operation' 
_pdbx_struct_oper_list.name                 1_555 
_pdbx_struct_oper_list.symmetry_operation   x,y,z 
_pdbx_struct_oper_list.matrix[1][1]         1.0000000000 
_pdbx_struct_oper_list.matrix[1][2]         0.0000000000 
_pdbx_struct_oper_list.matrix[1][3]         0.0000000000 
_pdbx_struct_oper_list.vector[1]            0.0000000000 
_pdbx_struct_oper_list.matrix[2][1]         0.0000000000 
_pdbx_struct_oper_list.matrix[2][2]         1.0000000000 
_pdbx_struct_oper_list.matrix[2][3]         0.0000000000 
_pdbx_struct_oper_list.vector[2]            0.0000000000 
_pdbx_struct_oper_list.matrix[3][1]         0.0000000000 
_pdbx_struct_oper_list.matrix[3][2]         0.0000000000 
_pdbx_struct_oper_list.matrix[3][3]         1.0000000000 
_pdbx_struct_oper_list.vector[3]            0.0000000000 
# 
_pdbx_struct_special_symmetry.id              1 
_pdbx_struct_special_symmetry.PDB_model_num   1 
_pdbx_struct_special_symmetry.auth_asym_id    A 
_pdbx_struct_special_symmetry.auth_comp_id    CL 
_pdbx_struct_special_symmetry.auth_seq_id     203 
_pdbx_struct_special_symmetry.PDB_ins_code    ? 
_pdbx_struct_special_symmetry.label_asym_id   D 
_pdbx_struct_special_symmetry.label_comp_id   CL 
_pdbx_struct_special_symmetry.label_seq_id    . 
# 
loop_
_pdbx_audit_revision_history.ordinal 
_pdbx_audit_revision_history.data_content_type 
_pdbx_audit_revision_history.major_revision 
_pdbx_audit_revision_history.minor_revision 
_pdbx_audit_revision_history.revision_date 
1 'Structure model' 1 0 2018-03-21 
2 'Structure model' 1 1 2020-01-01 
3 'Structure model' 1 2 2023-10-04 
# 
_pdbx_audit_revision_details.ordinal             1 
_pdbx_audit_revision_details.revision_ordinal    1 
_pdbx_audit_revision_details.data_content_type   'Structure model' 
_pdbx_audit_revision_details.provider            repository 
_pdbx_audit_revision_details.type                'Initial release' 
_pdbx_audit_revision_details.description         ? 
_pdbx_audit_revision_details.details             ? 
# 
loop_
_pdbx_audit_revision_group.ordinal 
_pdbx_audit_revision_group.revision_ordinal 
_pdbx_audit_revision_group.data_content_type 
_pdbx_audit_revision_group.group 
1 2 'Structure model' 'Author supporting evidence' 
2 3 'Structure model' 'Data collection'            
3 3 'Structure model' 'Database references'        
4 3 'Structure model' 'Refinement description'     
# 
loop_
_pdbx_audit_revision_category.ordinal 
_pdbx_audit_revision_category.revision_ordinal 
_pdbx_audit_revision_category.data_content_type 
_pdbx_audit_revision_category.category 
1 2 'Structure model' pdbx_audit_support            
2 3 'Structure model' chem_comp_atom                
3 3 'Structure model' chem_comp_bond                
4 3 'Structure model' database_2                    
5 3 'Structure model' pdbx_initial_refinement_model 
# 
loop_
_pdbx_audit_revision_item.ordinal 
_pdbx_audit_revision_item.revision_ordinal 
_pdbx_audit_revision_item.data_content_type 
_pdbx_audit_revision_item.item 
1 2 'Structure model' '_pdbx_audit_support.funding_organization' 
2 3 'Structure model' '_database_2.pdbx_DOI'                     
3 3 'Structure model' '_database_2.pdbx_database_accession'      
# 
loop_
_software.citation_id 
_software.classification 
_software.compiler_name 
_software.compiler_version 
_software.contact_author 
_software.contact_author_email 
_software.date 
_software.description 
_software.dependencies 
_software.hardware 
_software.language 
_software.location 
_software.mods 
_software.name 
_software.os 
_software.os_version 
_software.type 
_software.version 
_software.pdbx_ordinal 
? refinement       ? ? ? ? ? ? ? ? ? ? ? PHENIX  ? ? ? 1.8.2_1309 1 
? 'data reduction' ? ? ? ? ? ? ? ? ? ? ? iMOSFLM ? ? ? .          2 
? 'data scaling'   ? ? ? ? ? ? ? ? ? ? ? SCALA   ? ? ? .          3 
? phasing          ? ? ? ? ? ? ? ? ? ? ? PHASER  ? ? ? .          4 
# 
loop_
_pdbx_validate_close_contact.id 
_pdbx_validate_close_contact.PDB_model_num 
_pdbx_validate_close_contact.auth_atom_id_1 
_pdbx_validate_close_contact.auth_asym_id_1 
_pdbx_validate_close_contact.auth_comp_id_1 
_pdbx_validate_close_contact.auth_seq_id_1 
_pdbx_validate_close_contact.PDB_ins_code_1 
_pdbx_validate_close_contact.label_alt_id_1 
_pdbx_validate_close_contact.auth_atom_id_2 
_pdbx_validate_close_contact.auth_asym_id_2 
_pdbx_validate_close_contact.auth_comp_id_2 
_pdbx_validate_close_contact.auth_seq_id_2 
_pdbx_validate_close_contact.PDB_ins_code_2 
_pdbx_validate_close_contact.label_alt_id_2 
_pdbx_validate_close_contact.dist 
1 1 SG A CYS 99 ? ? AS A RXO 201 ? ? 1.91 
2 1 SG A CYS 98 ? ? AS A RXO 201 ? ? 1.98 
# 
loop_
_pdbx_validate_torsion.id 
_pdbx_validate_torsion.PDB_model_num 
_pdbx_validate_torsion.auth_comp_id 
_pdbx_validate_torsion.auth_asym_id 
_pdbx_validate_torsion.auth_seq_id 
_pdbx_validate_torsion.PDB_ins_code 
_pdbx_validate_torsion.label_alt_id 
_pdbx_validate_torsion.phi 
_pdbx_validate_torsion.psi 
1 1 ALA A 97 ? ? -43.30  -149.42 
2 1 CYS A 98 ? ? 137.33  -103.54 
3 1 CYS A 99 ? ? -110.62 67.29   
# 
loop_
_pdbx_unobs_or_zero_occ_atoms.id 
_pdbx_unobs_or_zero_occ_atoms.PDB_model_num 
_pdbx_unobs_or_zero_occ_atoms.polymer_flag 
_pdbx_unobs_or_zero_occ_atoms.occupancy_flag 
_pdbx_unobs_or_zero_occ_atoms.auth_asym_id 
_pdbx_unobs_or_zero_occ_atoms.auth_comp_id 
_pdbx_unobs_or_zero_occ_atoms.auth_seq_id 
_pdbx_unobs_or_zero_occ_atoms.PDB_ins_code 
_pdbx_unobs_or_zero_occ_atoms.auth_atom_id 
_pdbx_unobs_or_zero_occ_atoms.label_alt_id 
_pdbx_unobs_or_zero_occ_atoms.label_asym_id 
_pdbx_unobs_or_zero_occ_atoms.label_comp_id 
_pdbx_unobs_or_zero_occ_atoms.label_seq_id 
_pdbx_unobs_or_zero_occ_atoms.label_atom_id 
1  1 Y 1 A MET 4   ? CG  ? A MET 4   CG  
2  1 Y 1 A MET 4   ? SD  ? A MET 4   SD  
3  1 Y 1 A MET 4   ? CE  ? A MET 4   CE  
4  1 Y 1 A GLU 45  ? CG  ? A GLU 45  CG  
5  1 Y 1 A GLU 45  ? CD  ? A GLU 45  CD  
6  1 Y 1 A GLU 45  ? OE1 ? A GLU 45  OE1 
7  1 Y 1 A GLU 45  ? OE2 ? A GLU 45  OE2 
8  1 Y 1 A GLU 58  ? CG  ? A GLU 58  CG  
9  1 Y 1 A GLU 58  ? CD  ? A GLU 58  CD  
10 1 Y 1 A GLU 58  ? OE1 ? A GLU 58  OE1 
11 1 Y 1 A GLU 58  ? OE2 ? A GLU 58  OE2 
12 1 Y 1 A GLU 71  ? CG  ? A GLU 71  CG  
13 1 Y 1 A GLU 71  ? CD  ? A GLU 71  CD  
14 1 Y 1 A GLU 71  ? OE1 ? A GLU 71  OE1 
15 1 Y 1 A GLU 71  ? OE2 ? A GLU 71  OE2 
16 1 Y 1 A HIS 78  ? CG  ? A HIS 78  CG  
17 1 Y 1 A HIS 78  ? ND1 ? A HIS 78  ND1 
18 1 Y 1 A HIS 78  ? CD2 ? A HIS 78  CD2 
19 1 Y 1 A HIS 78  ? CE1 ? A HIS 78  CE1 
20 1 Y 1 A HIS 78  ? NE2 ? A HIS 78  NE2 
21 1 Y 1 A ARG 81  ? CG  ? A ARG 81  CG  
22 1 Y 1 A ARG 81  ? CD  ? A ARG 81  CD  
23 1 Y 1 A ARG 81  ? NE  ? A ARG 81  NE  
24 1 Y 1 A ARG 81  ? CZ  ? A ARG 81  CZ  
25 1 Y 1 A ARG 81  ? NH1 ? A ARG 81  NH1 
26 1 Y 1 A ARG 81  ? NH2 ? A ARG 81  NH2 
27 1 Y 1 A ASP 95  ? O   ? A ASP 95  O   
28 1 Y 1 A THR 96  ? O   ? A THR 96  O   
29 1 Y 1 A VAL 102 ? CG1 ? A VAL 102 CG1 
30 1 Y 1 A VAL 102 ? CG2 ? A VAL 102 CG2 
31 1 Y 1 A GLN 103 ? O   ? A GLN 103 O   
32 1 Y 1 A VAL 121 ? CG1 ? A VAL 121 CG1 
33 1 Y 1 A VAL 121 ? CG2 ? A VAL 121 CG2 
34 1 Y 1 A LYS 122 ? CG  ? A LYS 122 CG  
35 1 Y 1 A LYS 122 ? CD  ? A LYS 122 CD  
36 1 Y 1 A LYS 122 ? CE  ? A LYS 122 CE  
37 1 Y 1 A LYS 122 ? NZ  ? A LYS 122 NZ  
# 
loop_
_pdbx_unobs_or_zero_occ_residues.id 
_pdbx_unobs_or_zero_occ_residues.PDB_model_num 
_pdbx_unobs_or_zero_occ_residues.polymer_flag 
_pdbx_unobs_or_zero_occ_residues.occupancy_flag 
_pdbx_unobs_or_zero_occ_residues.auth_asym_id 
_pdbx_unobs_or_zero_occ_residues.auth_comp_id 
_pdbx_unobs_or_zero_occ_residues.auth_seq_id 
_pdbx_unobs_or_zero_occ_residues.PDB_ins_code 
_pdbx_unobs_or_zero_occ_residues.label_asym_id 
_pdbx_unobs_or_zero_occ_residues.label_comp_id 
_pdbx_unobs_or_zero_occ_residues.label_seq_id 
1 1 Y 1 A GLY 1   ? A GLY 1   
2 1 Y 1 A SER 2   ? A SER 2   
3 1 Y 1 A HIS 3   ? A HIS 3   
4 1 Y 1 A GLY 123 ? A GLY 123 
5 1 Y 1 A ASP 124 ? A ASP 124 
6 1 Y 1 A ALA 125 ? A ALA 125 
7 1 Y 1 A ASP 126 ? A ASP 126 
# 
loop_
_chem_comp_atom.comp_id 
_chem_comp_atom.atom_id 
_chem_comp_atom.type_symbol 
_chem_comp_atom.pdbx_aromatic_flag 
_chem_comp_atom.pdbx_stereo_config 
_chem_comp_atom.pdbx_ordinal 
ALA N    N  N N 1   
ALA CA   C  N S 2   
ALA C    C  N N 3   
ALA O    O  N N 4   
ALA CB   C  N N 5   
ALA OXT  O  N N 6   
ALA H    H  N N 7   
ALA H2   H  N N 8   
ALA HA   H  N N 9   
ALA HB1  H  N N 10  
ALA HB2  H  N N 11  
ALA HB3  H  N N 12  
ALA HXT  H  N N 13  
ARG N    N  N N 14  
ARG CA   C  N S 15  
ARG C    C  N N 16  
ARG O    O  N N 17  
ARG CB   C  N N 18  
ARG CG   C  N N 19  
ARG CD   C  N N 20  
ARG NE   N  N N 21  
ARG CZ   C  N N 22  
ARG NH1  N  N N 23  
ARG NH2  N  N N 24  
ARG OXT  O  N N 25  
ARG H    H  N N 26  
ARG H2   H  N N 27  
ARG HA   H  N N 28  
ARG HB2  H  N N 29  
ARG HB3  H  N N 30  
ARG HG2  H  N N 31  
ARG HG3  H  N N 32  
ARG HD2  H  N N 33  
ARG HD3  H  N N 34  
ARG HE   H  N N 35  
ARG HH11 H  N N 36  
ARG HH12 H  N N 37  
ARG HH21 H  N N 38  
ARG HH22 H  N N 39  
ARG HXT  H  N N 40  
ASN N    N  N N 41  
ASN CA   C  N S 42  
ASN C    C  N N 43  
ASN O    O  N N 44  
ASN CB   C  N N 45  
ASN CG   C  N N 46  
ASN OD1  O  N N 47  
ASN ND2  N  N N 48  
ASN OXT  O  N N 49  
ASN H    H  N N 50  
ASN H2   H  N N 51  
ASN HA   H  N N 52  
ASN HB2  H  N N 53  
ASN HB3  H  N N 54  
ASN HD21 H  N N 55  
ASN HD22 H  N N 56  
ASN HXT  H  N N 57  
ASP N    N  N N 58  
ASP CA   C  N S 59  
ASP C    C  N N 60  
ASP O    O  N N 61  
ASP CB   C  N N 62  
ASP CG   C  N N 63  
ASP OD1  O  N N 64  
ASP OD2  O  N N 65  
ASP OXT  O  N N 66  
ASP H    H  N N 67  
ASP H2   H  N N 68  
ASP HA   H  N N 69  
ASP HB2  H  N N 70  
ASP HB3  H  N N 71  
ASP HD2  H  N N 72  
ASP HXT  H  N N 73  
CL  CL   CL N N 74  
CYS N    N  N N 75  
CYS CA   C  N R 76  
CYS C    C  N N 77  
CYS O    O  N N 78  
CYS CB   C  N N 79  
CYS SG   S  N N 80  
CYS OXT  O  N N 81  
CYS H    H  N N 82  
CYS H2   H  N N 83  
CYS HA   H  N N 84  
CYS HB2  H  N N 85  
CYS HB3  H  N N 86  
CYS HG   H  N N 87  
CYS HXT  H  N N 88  
FE  FE   FE N N 89  
GLN N    N  N N 90  
GLN CA   C  N S 91  
GLN C    C  N N 92  
GLN O    O  N N 93  
GLN CB   C  N N 94  
GLN CG   C  N N 95  
GLN CD   C  N N 96  
GLN OE1  O  N N 97  
GLN NE2  N  N N 98  
GLN OXT  O  N N 99  
GLN H    H  N N 100 
GLN H2   H  N N 101 
GLN HA   H  N N 102 
GLN HB2  H  N N 103 
GLN HB3  H  N N 104 
GLN HG2  H  N N 105 
GLN HG3  H  N N 106 
GLN HE21 H  N N 107 
GLN HE22 H  N N 108 
GLN HXT  H  N N 109 
GLU N    N  N N 110 
GLU CA   C  N S 111 
GLU C    C  N N 112 
GLU O    O  N N 113 
GLU CB   C  N N 114 
GLU CG   C  N N 115 
GLU CD   C  N N 116 
GLU OE1  O  N N 117 
GLU OE2  O  N N 118 
GLU OXT  O  N N 119 
GLU H    H  N N 120 
GLU H2   H  N N 121 
GLU HA   H  N N 122 
GLU HB2  H  N N 123 
GLU HB3  H  N N 124 
GLU HG2  H  N N 125 
GLU HG3  H  N N 126 
GLU HE2  H  N N 127 
GLU HXT  H  N N 128 
GLY N    N  N N 129 
GLY CA   C  N N 130 
GLY C    C  N N 131 
GLY O    O  N N 132 
GLY OXT  O  N N 133 
GLY H    H  N N 134 
GLY H2   H  N N 135 
GLY HA2  H  N N 136 
GLY HA3  H  N N 137 
GLY HXT  H  N N 138 
HIS N    N  N N 139 
HIS CA   C  N S 140 
HIS C    C  N N 141 
HIS O    O  N N 142 
HIS CB   C  N N 143 
HIS CG   C  Y N 144 
HIS ND1  N  Y N 145 
HIS CD2  C  Y N 146 
HIS CE1  C  Y N 147 
HIS NE2  N  Y N 148 
HIS OXT  O  N N 149 
HIS H    H  N N 150 
HIS H2   H  N N 151 
HIS HA   H  N N 152 
HIS HB2  H  N N 153 
HIS HB3  H  N N 154 
HIS HD1  H  N N 155 
HIS HD2  H  N N 156 
HIS HE1  H  N N 157 
HIS HE2  H  N N 158 
HIS HXT  H  N N 159 
HOH O    O  N N 160 
HOH H1   H  N N 161 
HOH H2   H  N N 162 
ILE N    N  N N 163 
ILE CA   C  N S 164 
ILE C    C  N N 165 
ILE O    O  N N 166 
ILE CB   C  N S 167 
ILE CG1  C  N N 168 
ILE CG2  C  N N 169 
ILE CD1  C  N N 170 
ILE OXT  O  N N 171 
ILE H    H  N N 172 
ILE H2   H  N N 173 
ILE HA   H  N N 174 
ILE HB   H  N N 175 
ILE HG12 H  N N 176 
ILE HG13 H  N N 177 
ILE HG21 H  N N 178 
ILE HG22 H  N N 179 
ILE HG23 H  N N 180 
ILE HD11 H  N N 181 
ILE HD12 H  N N 182 
ILE HD13 H  N N 183 
ILE HXT  H  N N 184 
LEU N    N  N N 185 
LEU CA   C  N S 186 
LEU C    C  N N 187 
LEU O    O  N N 188 
LEU CB   C  N N 189 
LEU CG   C  N N 190 
LEU CD1  C  N N 191 
LEU CD2  C  N N 192 
LEU OXT  O  N N 193 
LEU H    H  N N 194 
LEU H2   H  N N 195 
LEU HA   H  N N 196 
LEU HB2  H  N N 197 
LEU HB3  H  N N 198 
LEU HG   H  N N 199 
LEU HD11 H  N N 200 
LEU HD12 H  N N 201 
LEU HD13 H  N N 202 
LEU HD21 H  N N 203 
LEU HD22 H  N N 204 
LEU HD23 H  N N 205 
LEU HXT  H  N N 206 
LYS N    N  N N 207 
LYS CA   C  N S 208 
LYS C    C  N N 209 
LYS O    O  N N 210 
LYS CB   C  N N 211 
LYS CG   C  N N 212 
LYS CD   C  N N 213 
LYS CE   C  N N 214 
LYS NZ   N  N N 215 
LYS OXT  O  N N 216 
LYS H    H  N N 217 
LYS H2   H  N N 218 
LYS HA   H  N N 219 
LYS HB2  H  N N 220 
LYS HB3  H  N N 221 
LYS HG2  H  N N 222 
LYS HG3  H  N N 223 
LYS HD2  H  N N 224 
LYS HD3  H  N N 225 
LYS HE2  H  N N 226 
LYS HE3  H  N N 227 
LYS HZ1  H  N N 228 
LYS HZ2  H  N N 229 
LYS HZ3  H  N N 230 
LYS HXT  H  N N 231 
MET N    N  N N 232 
MET CA   C  N S 233 
MET C    C  N N 234 
MET O    O  N N 235 
MET CB   C  N N 236 
MET CG   C  N N 237 
MET SD   S  N N 238 
MET CE   C  N N 239 
MET OXT  O  N N 240 
MET H    H  N N 241 
MET H2   H  N N 242 
MET HA   H  N N 243 
MET HB2  H  N N 244 
MET HB3  H  N N 245 
MET HG2  H  N N 246 
MET HG3  H  N N 247 
MET HE1  H  N N 248 
MET HE2  H  N N 249 
MET HE3  H  N N 250 
MET HXT  H  N N 251 
PHE N    N  N N 252 
PHE CA   C  N S 253 
PHE C    C  N N 254 
PHE O    O  N N 255 
PHE CB   C  N N 256 
PHE CG   C  Y N 257 
PHE CD1  C  Y N 258 
PHE CD2  C  Y N 259 
PHE CE1  C  Y N 260 
PHE CE2  C  Y N 261 
PHE CZ   C  Y N 262 
PHE OXT  O  N N 263 
PHE H    H  N N 264 
PHE H2   H  N N 265 
PHE HA   H  N N 266 
PHE HB2  H  N N 267 
PHE HB3  H  N N 268 
PHE HD1  H  N N 269 
PHE HD2  H  N N 270 
PHE HE1  H  N N 271 
PHE HE2  H  N N 272 
PHE HZ   H  N N 273 
PHE HXT  H  N N 274 
PRO N    N  N N 275 
PRO CA   C  N S 276 
PRO C    C  N N 277 
PRO O    O  N N 278 
PRO CB   C  N N 279 
PRO CG   C  N N 280 
PRO CD   C  N N 281 
PRO OXT  O  N N 282 
PRO H    H  N N 283 
PRO HA   H  N N 284 
PRO HB2  H  N N 285 
PRO HB3  H  N N 286 
PRO HG2  H  N N 287 
PRO HG3  H  N N 288 
PRO HD2  H  N N 289 
PRO HD3  H  N N 290 
PRO HXT  H  N N 291 
RXO AS   AS N N 292 
RXO C1   C  Y N 293 
RXO C2   C  Y N 294 
RXO C6   C  Y N 295 
RXO C5   C  Y N 296 
RXO C4   C  Y N 297 
RXO O3   O  N N 298 
RXO C3   C  Y N 299 
RXO N1   N  N N 300 
RXO O2   O  N N 301 
RXO O1   O  N N 302 
RXO H1   H  N N 303 
RXO H2   H  N N 304 
RXO H3   H  N N 305 
RXO H4   H  N N 306 
RXO H5   H  N N 307 
RXO H6   H  N N 308 
SER N    N  N N 309 
SER CA   C  N S 310 
SER C    C  N N 311 
SER O    O  N N 312 
SER CB   C  N N 313 
SER OG   O  N N 314 
SER OXT  O  N N 315 
SER H    H  N N 316 
SER H2   H  N N 317 
SER HA   H  N N 318 
SER HB2  H  N N 319 
SER HB3  H  N N 320 
SER HG   H  N N 321 
SER HXT  H  N N 322 
THR N    N  N N 323 
THR CA   C  N S 324 
THR C    C  N N 325 
THR O    O  N N 326 
THR CB   C  N R 327 
THR OG1  O  N N 328 
THR CG2  C  N N 329 
THR OXT  O  N N 330 
THR H    H  N N 331 
THR H2   H  N N 332 
THR HA   H  N N 333 
THR HB   H  N N 334 
THR HG1  H  N N 335 
THR HG21 H  N N 336 
THR HG22 H  N N 337 
THR HG23 H  N N 338 
THR HXT  H  N N 339 
TRP N    N  N N 340 
TRP CA   C  N S 341 
TRP C    C  N N 342 
TRP O    O  N N 343 
TRP CB   C  N N 344 
TRP CG   C  Y N 345 
TRP CD1  C  Y N 346 
TRP CD2  C  Y N 347 
TRP NE1  N  Y N 348 
TRP CE2  C  Y N 349 
TRP CE3  C  Y N 350 
TRP CZ2  C  Y N 351 
TRP CZ3  C  Y N 352 
TRP CH2  C  Y N 353 
TRP OXT  O  N N 354 
TRP H    H  N N 355 
TRP H2   H  N N 356 
TRP HA   H  N N 357 
TRP HB2  H  N N 358 
TRP HB3  H  N N 359 
TRP HD1  H  N N 360 
TRP HE1  H  N N 361 
TRP HE3  H  N N 362 
TRP HZ2  H  N N 363 
TRP HZ3  H  N N 364 
TRP HH2  H  N N 365 
TRP HXT  H  N N 366 
TYR N    N  N N 367 
TYR CA   C  N S 368 
TYR C    C  N N 369 
TYR O    O  N N 370 
TYR CB   C  N N 371 
TYR CG   C  Y N 372 
TYR CD1  C  Y N 373 
TYR CD2  C  Y N 374 
TYR CE1  C  Y N 375 
TYR CE2  C  Y N 376 
TYR CZ   C  Y N 377 
TYR OH   O  N N 378 
TYR OXT  O  N N 379 
TYR H    H  N N 380 
TYR H2   H  N N 381 
TYR HA   H  N N 382 
TYR HB2  H  N N 383 
TYR HB3  H  N N 384 
TYR HD1  H  N N 385 
TYR HD2  H  N N 386 
TYR HE1  H  N N 387 
TYR HE2  H  N N 388 
TYR HH   H  N N 389 
TYR HXT  H  N N 390 
VAL N    N  N N 391 
VAL CA   C  N S 392 
VAL C    C  N N 393 
VAL O    O  N N 394 
VAL CB   C  N N 395 
VAL CG1  C  N N 396 
VAL CG2  C  N N 397 
VAL OXT  O  N N 398 
VAL H    H  N N 399 
VAL H2   H  N N 400 
VAL HA   H  N N 401 
VAL HB   H  N N 402 
VAL HG11 H  N N 403 
VAL HG12 H  N N 404 
VAL HG13 H  N N 405 
VAL HG21 H  N N 406 
VAL HG22 H  N N 407 
VAL HG23 H  N N 408 
VAL HXT  H  N N 409 
# 
loop_
_chem_comp_bond.comp_id 
_chem_comp_bond.atom_id_1 
_chem_comp_bond.atom_id_2 
_chem_comp_bond.value_order 
_chem_comp_bond.pdbx_aromatic_flag 
_chem_comp_bond.pdbx_stereo_config 
_chem_comp_bond.pdbx_ordinal 
ALA N   CA   sing N N 1   
ALA N   H    sing N N 2   
ALA N   H2   sing N N 3   
ALA CA  C    sing N N 4   
ALA CA  CB   sing N N 5   
ALA CA  HA   sing N N 6   
ALA C   O    doub N N 7   
ALA C   OXT  sing N N 8   
ALA CB  HB1  sing N N 9   
ALA CB  HB2  sing N N 10  
ALA CB  HB3  sing N N 11  
ALA OXT HXT  sing N N 12  
ARG N   CA   sing N N 13  
ARG N   H    sing N N 14  
ARG N   H2   sing N N 15  
ARG CA  C    sing N N 16  
ARG CA  CB   sing N N 17  
ARG CA  HA   sing N N 18  
ARG C   O    doub N N 19  
ARG C   OXT  sing N N 20  
ARG CB  CG   sing N N 21  
ARG CB  HB2  sing N N 22  
ARG CB  HB3  sing N N 23  
ARG CG  CD   sing N N 24  
ARG CG  HG2  sing N N 25  
ARG CG  HG3  sing N N 26  
ARG CD  NE   sing N N 27  
ARG CD  HD2  sing N N 28  
ARG CD  HD3  sing N N 29  
ARG NE  CZ   sing N N 30  
ARG NE  HE   sing N N 31  
ARG CZ  NH1  sing N N 32  
ARG CZ  NH2  doub N N 33  
ARG NH1 HH11 sing N N 34  
ARG NH1 HH12 sing N N 35  
ARG NH2 HH21 sing N N 36  
ARG NH2 HH22 sing N N 37  
ARG OXT HXT  sing N N 38  
ASN N   CA   sing N N 39  
ASN N   H    sing N N 40  
ASN N   H2   sing N N 41  
ASN CA  C    sing N N 42  
ASN CA  CB   sing N N 43  
ASN CA  HA   sing N N 44  
ASN C   O    doub N N 45  
ASN C   OXT  sing N N 46  
ASN CB  CG   sing N N 47  
ASN CB  HB2  sing N N 48  
ASN CB  HB3  sing N N 49  
ASN CG  OD1  doub N N 50  
ASN CG  ND2  sing N N 51  
ASN ND2 HD21 sing N N 52  
ASN ND2 HD22 sing N N 53  
ASN OXT HXT  sing N N 54  
ASP N   CA   sing N N 55  
ASP N   H    sing N N 56  
ASP N   H2   sing N N 57  
ASP CA  C    sing N N 58  
ASP CA  CB   sing N N 59  
ASP CA  HA   sing N N 60  
ASP C   O    doub N N 61  
ASP C   OXT  sing N N 62  
ASP CB  CG   sing N N 63  
ASP CB  HB2  sing N N 64  
ASP CB  HB3  sing N N 65  
ASP CG  OD1  doub N N 66  
ASP CG  OD2  sing N N 67  
ASP OD2 HD2  sing N N 68  
ASP OXT HXT  sing N N 69  
CYS N   CA   sing N N 70  
CYS N   H    sing N N 71  
CYS N   H2   sing N N 72  
CYS CA  C    sing N N 73  
CYS CA  CB   sing N N 74  
CYS CA  HA   sing N N 75  
CYS C   O    doub N N 76  
CYS C   OXT  sing N N 77  
CYS CB  SG   sing N N 78  
CYS CB  HB2  sing N N 79  
CYS CB  HB3  sing N N 80  
CYS SG  HG   sing N N 81  
CYS OXT HXT  sing N N 82  
GLN N   CA   sing N N 83  
GLN N   H    sing N N 84  
GLN N   H2   sing N N 85  
GLN CA  C    sing N N 86  
GLN CA  CB   sing N N 87  
GLN CA  HA   sing N N 88  
GLN C   O    doub N N 89  
GLN C   OXT  sing N N 90  
GLN CB  CG   sing N N 91  
GLN CB  HB2  sing N N 92  
GLN CB  HB3  sing N N 93  
GLN CG  CD   sing N N 94  
GLN CG  HG2  sing N N 95  
GLN CG  HG3  sing N N 96  
GLN CD  OE1  doub N N 97  
GLN CD  NE2  sing N N 98  
GLN NE2 HE21 sing N N 99  
GLN NE2 HE22 sing N N 100 
GLN OXT HXT  sing N N 101 
GLU N   CA   sing N N 102 
GLU N   H    sing N N 103 
GLU N   H2   sing N N 104 
GLU CA  C    sing N N 105 
GLU CA  CB   sing N N 106 
GLU CA  HA   sing N N 107 
GLU C   O    doub N N 108 
GLU C   OXT  sing N N 109 
GLU CB  CG   sing N N 110 
GLU CB  HB2  sing N N 111 
GLU CB  HB3  sing N N 112 
GLU CG  CD   sing N N 113 
GLU CG  HG2  sing N N 114 
GLU CG  HG3  sing N N 115 
GLU CD  OE1  doub N N 116 
GLU CD  OE2  sing N N 117 
GLU OE2 HE2  sing N N 118 
GLU OXT HXT  sing N N 119 
GLY N   CA   sing N N 120 
GLY N   H    sing N N 121 
GLY N   H2   sing N N 122 
GLY CA  C    sing N N 123 
GLY CA  HA2  sing N N 124 
GLY CA  HA3  sing N N 125 
GLY C   O    doub N N 126 
GLY C   OXT  sing N N 127 
GLY OXT HXT  sing N N 128 
HIS N   CA   sing N N 129 
HIS N   H    sing N N 130 
HIS N   H2   sing N N 131 
HIS CA  C    sing N N 132 
HIS CA  CB   sing N N 133 
HIS CA  HA   sing N N 134 
HIS C   O    doub N N 135 
HIS C   OXT  sing N N 136 
HIS CB  CG   sing N N 137 
HIS CB  HB2  sing N N 138 
HIS CB  HB3  sing N N 139 
HIS CG  ND1  sing Y N 140 
HIS CG  CD2  doub Y N 141 
HIS ND1 CE1  doub Y N 142 
HIS ND1 HD1  sing N N 143 
HIS CD2 NE2  sing Y N 144 
HIS CD2 HD2  sing N N 145 
HIS CE1 NE2  sing Y N 146 
HIS CE1 HE1  sing N N 147 
HIS NE2 HE2  sing N N 148 
HIS OXT HXT  sing N N 149 
HOH O   H1   sing N N 150 
HOH O   H2   sing N N 151 
ILE N   CA   sing N N 152 
ILE N   H    sing N N 153 
ILE N   H2   sing N N 154 
ILE CA  C    sing N N 155 
ILE CA  CB   sing N N 156 
ILE CA  HA   sing N N 157 
ILE C   O    doub N N 158 
ILE C   OXT  sing N N 159 
ILE CB  CG1  sing N N 160 
ILE CB  CG2  sing N N 161 
ILE CB  HB   sing N N 162 
ILE CG1 CD1  sing N N 163 
ILE CG1 HG12 sing N N 164 
ILE CG1 HG13 sing N N 165 
ILE CG2 HG21 sing N N 166 
ILE CG2 HG22 sing N N 167 
ILE CG2 HG23 sing N N 168 
ILE CD1 HD11 sing N N 169 
ILE CD1 HD12 sing N N 170 
ILE CD1 HD13 sing N N 171 
ILE OXT HXT  sing N N 172 
LEU N   CA   sing N N 173 
LEU N   H    sing N N 174 
LEU N   H2   sing N N 175 
LEU CA  C    sing N N 176 
LEU CA  CB   sing N N 177 
LEU CA  HA   sing N N 178 
LEU C   O    doub N N 179 
LEU C   OXT  sing N N 180 
LEU CB  CG   sing N N 181 
LEU CB  HB2  sing N N 182 
LEU CB  HB3  sing N N 183 
LEU CG  CD1  sing N N 184 
LEU CG  CD2  sing N N 185 
LEU CG  HG   sing N N 186 
LEU CD1 HD11 sing N N 187 
LEU CD1 HD12 sing N N 188 
LEU CD1 HD13 sing N N 189 
LEU CD2 HD21 sing N N 190 
LEU CD2 HD22 sing N N 191 
LEU CD2 HD23 sing N N 192 
LEU OXT HXT  sing N N 193 
LYS N   CA   sing N N 194 
LYS N   H    sing N N 195 
LYS N   H2   sing N N 196 
LYS CA  C    sing N N 197 
LYS CA  CB   sing N N 198 
LYS CA  HA   sing N N 199 
LYS C   O    doub N N 200 
LYS C   OXT  sing N N 201 
LYS CB  CG   sing N N 202 
LYS CB  HB2  sing N N 203 
LYS CB  HB3  sing N N 204 
LYS CG  CD   sing N N 205 
LYS CG  HG2  sing N N 206 
LYS CG  HG3  sing N N 207 
LYS CD  CE   sing N N 208 
LYS CD  HD2  sing N N 209 
LYS CD  HD3  sing N N 210 
LYS CE  NZ   sing N N 211 
LYS CE  HE2  sing N N 212 
LYS CE  HE3  sing N N 213 
LYS NZ  HZ1  sing N N 214 
LYS NZ  HZ2  sing N N 215 
LYS NZ  HZ3  sing N N 216 
LYS OXT HXT  sing N N 217 
MET N   CA   sing N N 218 
MET N   H    sing N N 219 
MET N   H2   sing N N 220 
MET CA  C    sing N N 221 
MET CA  CB   sing N N 222 
MET CA  HA   sing N N 223 
MET C   O    doub N N 224 
MET C   OXT  sing N N 225 
MET CB  CG   sing N N 226 
MET CB  HB2  sing N N 227 
MET CB  HB3  sing N N 228 
MET CG  SD   sing N N 229 
MET CG  HG2  sing N N 230 
MET CG  HG3  sing N N 231 
MET SD  CE   sing N N 232 
MET CE  HE1  sing N N 233 
MET CE  HE2  sing N N 234 
MET CE  HE3  sing N N 235 
MET OXT HXT  sing N N 236 
PHE N   CA   sing N N 237 
PHE N   H    sing N N 238 
PHE N   H2   sing N N 239 
PHE CA  C    sing N N 240 
PHE CA  CB   sing N N 241 
PHE CA  HA   sing N N 242 
PHE C   O    doub N N 243 
PHE C   OXT  sing N N 244 
PHE CB  CG   sing N N 245 
PHE CB  HB2  sing N N 246 
PHE CB  HB3  sing N N 247 
PHE CG  CD1  doub Y N 248 
PHE CG  CD2  sing Y N 249 
PHE CD1 CE1  sing Y N 250 
PHE CD1 HD1  sing N N 251 
PHE CD2 CE2  doub Y N 252 
PHE CD2 HD2  sing N N 253 
PHE CE1 CZ   doub Y N 254 
PHE CE1 HE1  sing N N 255 
PHE CE2 CZ   sing Y N 256 
PHE CE2 HE2  sing N N 257 
PHE CZ  HZ   sing N N 258 
PHE OXT HXT  sing N N 259 
PRO N   CA   sing N N 260 
PRO N   CD   sing N N 261 
PRO N   H    sing N N 262 
PRO CA  C    sing N N 263 
PRO CA  CB   sing N N 264 
PRO CA  HA   sing N N 265 
PRO C   O    doub N N 266 
PRO C   OXT  sing N N 267 
PRO CB  CG   sing N N 268 
PRO CB  HB2  sing N N 269 
PRO CB  HB3  sing N N 270 
PRO CG  CD   sing N N 271 
PRO CG  HG2  sing N N 272 
PRO CG  HG3  sing N N 273 
PRO CD  HD2  sing N N 274 
PRO CD  HD3  sing N N 275 
PRO OXT HXT  sing N N 276 
RXO C5  C6   doub Y N 277 
RXO C5  C4   sing Y N 278 
RXO C6  C1   sing Y N 279 
RXO O3  C4   sing N N 280 
RXO C4  C3   doub Y N 281 
RXO C1  AS   sing N N 282 
RXO C1  C2   doub Y N 283 
RXO O1  N1   doub N N 284 
RXO C3  C2   sing Y N 285 
RXO C3  N1   sing N N 286 
RXO N1  O2   sing N N 287 
RXO AS  H1   sing N N 288 
RXO AS  H2   sing N N 289 
RXO C2  H3   sing N N 290 
RXO C6  H4   sing N N 291 
RXO C5  H5   sing N N 292 
RXO O3  H6   sing N N 293 
SER N   CA   sing N N 294 
SER N   H    sing N N 295 
SER N   H2   sing N N 296 
SER CA  C    sing N N 297 
SER CA  CB   sing N N 298 
SER CA  HA   sing N N 299 
SER C   O    doub N N 300 
SER C   OXT  sing N N 301 
SER CB  OG   sing N N 302 
SER CB  HB2  sing N N 303 
SER CB  HB3  sing N N 304 
SER OG  HG   sing N N 305 
SER OXT HXT  sing N N 306 
THR N   CA   sing N N 307 
THR N   H    sing N N 308 
THR N   H2   sing N N 309 
THR CA  C    sing N N 310 
THR CA  CB   sing N N 311 
THR CA  HA   sing N N 312 
THR C   O    doub N N 313 
THR C   OXT  sing N N 314 
THR CB  OG1  sing N N 315 
THR CB  CG2  sing N N 316 
THR CB  HB   sing N N 317 
THR OG1 HG1  sing N N 318 
THR CG2 HG21 sing N N 319 
THR CG2 HG22 sing N N 320 
THR CG2 HG23 sing N N 321 
THR OXT HXT  sing N N 322 
TRP N   CA   sing N N 323 
TRP N   H    sing N N 324 
TRP N   H2   sing N N 325 
TRP CA  C    sing N N 326 
TRP CA  CB   sing N N 327 
TRP CA  HA   sing N N 328 
TRP C   O    doub N N 329 
TRP C   OXT  sing N N 330 
TRP CB  CG   sing N N 331 
TRP CB  HB2  sing N N 332 
TRP CB  HB3  sing N N 333 
TRP CG  CD1  doub Y N 334 
TRP CG  CD2  sing Y N 335 
TRP CD1 NE1  sing Y N 336 
TRP CD1 HD1  sing N N 337 
TRP CD2 CE2  doub Y N 338 
TRP CD2 CE3  sing Y N 339 
TRP NE1 CE2  sing Y N 340 
TRP NE1 HE1  sing N N 341 
TRP CE2 CZ2  sing Y N 342 
TRP CE3 CZ3  doub Y N 343 
TRP CE3 HE3  sing N N 344 
TRP CZ2 CH2  doub Y N 345 
TRP CZ2 HZ2  sing N N 346 
TRP CZ3 CH2  sing Y N 347 
TRP CZ3 HZ3  sing N N 348 
TRP CH2 HH2  sing N N 349 
TRP OXT HXT  sing N N 350 
TYR N   CA   sing N N 351 
TYR N   H    sing N N 352 
TYR N   H2   sing N N 353 
TYR CA  C    sing N N 354 
TYR CA  CB   sing N N 355 
TYR CA  HA   sing N N 356 
TYR C   O    doub N N 357 
TYR C   OXT  sing N N 358 
TYR CB  CG   sing N N 359 
TYR CB  HB2  sing N N 360 
TYR CB  HB3  sing N N 361 
TYR CG  CD1  doub Y N 362 
TYR CG  CD2  sing Y N 363 
TYR CD1 CE1  sing Y N 364 
TYR CD1 HD1  sing N N 365 
TYR CD2 CE2  doub Y N 366 
TYR CD2 HD2  sing N N 367 
TYR CE1 CZ   doub Y N 368 
TYR CE1 HE1  sing N N 369 
TYR CE2 CZ   sing Y N 370 
TYR CE2 HE2  sing N N 371 
TYR CZ  OH   sing N N 372 
TYR OH  HH   sing N N 373 
TYR OXT HXT  sing N N 374 
VAL N   CA   sing N N 375 
VAL N   H    sing N N 376 
VAL N   H2   sing N N 377 
VAL CA  C    sing N N 378 
VAL CA  CB   sing N N 379 
VAL CA  HA   sing N N 380 
VAL C   O    doub N N 381 
VAL C   OXT  sing N N 382 
VAL CB  CG1  sing N N 383 
VAL CB  CG2  sing N N 384 
VAL CB  HB   sing N N 385 
VAL CG1 HG11 sing N N 386 
VAL CG1 HG12 sing N N 387 
VAL CG1 HG13 sing N N 388 
VAL CG2 HG21 sing N N 389 
VAL CG2 HG22 sing N N 390 
VAL CG2 HG23 sing N N 391 
VAL OXT HXT  sing N N 392 
# 
_pdbx_audit_support.funding_organization   
'National Institutes of Health/National Institute of General Medical Sciences (NIH/NIGMS)' 
_pdbx_audit_support.country                'United States' 
_pdbx_audit_support.grant_number           'R37 GM055425' 
_pdbx_audit_support.ordinal                1 
# 
loop_
_pdbx_entity_nonpoly.entity_id 
_pdbx_entity_nonpoly.name 
_pdbx_entity_nonpoly.comp_id 
2 4-arsanyl-2-nitrophenol RXO 
3 'FE (III) ION'          FE  
4 'CHLORIDE ION'          CL  
5 water                   HOH 
# 
_pdbx_initial_refinement_model.id               1 
_pdbx_initial_refinement_model.entity_id_list   ? 
_pdbx_initial_refinement_model.type             'experimental model' 
_pdbx_initial_refinement_model.source_name      PDB 
_pdbx_initial_refinement_model.accession_code   5CB9 
_pdbx_initial_refinement_model.details          ? 
# 
_pdbx_struct_assembly_auth_evidence.id                     1 
_pdbx_struct_assembly_auth_evidence.assembly_id            1 
_pdbx_struct_assembly_auth_evidence.experimental_support   'gel filtration' 
_pdbx_struct_assembly_auth_evidence.details                monomer 
# 
